data_1X43
#
_entry.id   1X43
#
_entity_poly.entity_id   1
_entity_poly.type   'polypeptide(L)'
_entity_poly.pdbx_seq_one_letter_code
;GSSGSSGLNDLKESSNNRKARVLYDYDAANSTELSLLADEVITVFSVVGMDSDWLMGERGNQKGKVPITYLELLNSGPSS
G
;
_entity_poly.pdbx_strand_id   A
#
# COMPACT_ATOMS: atom_id res chain seq x y z
N GLY A 1 1.70 9.33 -19.49
CA GLY A 1 1.48 10.65 -18.94
C GLY A 1 0.55 10.63 -17.74
N SER A 2 0.29 11.81 -17.17
CA SER A 2 -0.59 11.91 -16.02
C SER A 2 -0.04 11.14 -14.83
N SER A 3 1.28 11.26 -14.62
CA SER A 3 1.93 10.56 -13.52
C SER A 3 2.21 11.50 -12.35
N GLY A 4 1.24 12.36 -12.05
CA GLY A 4 1.40 13.31 -10.96
C GLY A 4 1.00 14.71 -11.36
N SER A 5 0.71 15.54 -10.36
CA SER A 5 0.30 16.92 -10.61
C SER A 5 0.63 17.81 -9.41
N SER A 6 1.46 18.82 -9.63
CA SER A 6 1.85 19.74 -8.57
C SER A 6 0.72 20.70 -8.24
N GLY A 7 0.51 20.94 -6.95
CA GLY A 7 -0.54 21.83 -6.51
C GLY A 7 0.00 23.12 -5.92
N LEU A 8 0.34 23.10 -4.63
CA LEU A 8 0.86 24.27 -3.95
C LEU A 8 2.24 23.99 -3.38
N ASN A 9 2.89 25.02 -2.87
CA ASN A 9 4.23 24.89 -2.29
C ASN A 9 4.15 24.84 -0.76
N ASP A 10 3.94 23.65 -0.22
CA ASP A 10 3.85 23.46 1.22
C ASP A 10 4.49 22.13 1.63
N LEU A 11 5.20 22.16 2.75
CA LEU A 11 5.86 20.96 3.27
C LEU A 11 5.24 20.51 4.59
N LYS A 12 4.39 19.50 4.50
CA LYS A 12 3.73 18.97 5.69
C LYS A 12 3.45 17.47 5.54
N GLU A 13 4.22 16.65 6.24
CA GLU A 13 4.05 15.21 6.19
C GLU A 13 3.12 14.72 7.29
N SER A 14 1.83 14.95 7.11
CA SER A 14 0.83 14.55 8.10
C SER A 14 -0.12 13.51 7.51
N SER A 15 0.16 12.24 7.79
CA SER A 15 -0.67 11.15 7.29
C SER A 15 -0.56 9.92 8.20
N ASN A 16 -1.67 9.20 8.35
CA ASN A 16 -1.71 8.02 9.19
C ASN A 16 -2.23 6.81 8.42
N ASN A 17 -1.35 6.15 7.68
CA ASN A 17 -1.73 4.99 6.89
C ASN A 17 -1.19 3.71 7.51
N ARG A 18 -1.54 2.57 6.92
CA ARG A 18 -1.08 1.27 7.41
C ARG A 18 0.03 0.72 6.53
N LYS A 19 0.75 -0.27 7.04
CA LYS A 19 1.85 -0.88 6.31
C LYS A 19 1.73 -2.40 6.33
N ALA A 20 1.95 -3.02 5.17
CA ALA A 20 1.87 -4.48 5.07
C ALA A 20 2.91 -5.01 4.07
N ARG A 21 3.38 -6.22 4.31
CA ARG A 21 4.37 -6.84 3.44
C ARG A 21 3.69 -7.74 2.40
N VAL A 22 4.10 -7.57 1.14
CA VAL A 22 3.53 -8.37 0.06
C VAL A 22 4.03 -9.81 0.11
N LEU A 23 3.12 -10.75 -0.11
CA LEU A 23 3.47 -12.17 -0.09
C LEU A 23 3.79 -12.67 -1.49
N TYR A 24 3.25 -12.00 -2.50
CA TYR A 24 3.49 -12.38 -3.88
C TYR A 24 3.36 -11.17 -4.81
N ASP A 25 4.17 -11.15 -5.86
CA ASP A 25 4.15 -10.06 -6.82
C ASP A 25 2.84 -10.03 -7.59
N TYR A 26 2.05 -8.98 -7.39
CA TYR A 26 0.77 -8.84 -8.07
C TYR A 26 0.91 -7.98 -9.32
N ASP A 27 0.03 -8.21 -10.29
CA ASP A 27 0.04 -7.46 -11.54
C ASP A 27 -1.29 -6.74 -11.76
N ALA A 28 -1.30 -5.43 -11.52
CA ALA A 28 -2.51 -4.64 -11.70
C ALA A 28 -3.08 -4.81 -13.10
N ALA A 29 -4.39 -5.00 -13.17
CA ALA A 29 -5.07 -5.18 -14.46
C ALA A 29 -5.43 -3.84 -15.08
N ASN A 30 -5.82 -2.89 -14.24
CA ASN A 30 -6.20 -1.56 -14.70
C ASN A 30 -5.51 -0.47 -13.88
N SER A 31 -5.61 0.76 -14.34
CA SER A 31 -5.00 1.89 -13.64
C SER A 31 -5.35 1.86 -12.16
N THR A 32 -6.64 1.91 -11.86
CA THR A 32 -7.10 1.90 -10.48
C THR A 32 -6.27 0.94 -9.63
N GLU A 33 -5.90 -0.19 -10.22
CA GLU A 33 -5.10 -1.18 -9.51
C GLU A 33 -3.60 -0.88 -9.64
N LEU A 34 -2.83 -1.36 -8.68
CA LEU A 34 -1.38 -1.14 -8.68
C LEU A 34 -0.63 -2.46 -8.65
N SER A 35 0.57 -2.46 -9.24
CA SER A 35 1.39 -3.67 -9.28
C SER A 35 2.17 -3.83 -7.98
N LEU A 36 2.20 -5.07 -7.48
CA LEU A 36 2.92 -5.37 -6.24
C LEU A 36 4.02 -6.39 -6.47
N LEU A 37 5.05 -6.35 -5.65
CA LEU A 37 6.17 -7.27 -5.76
C LEU A 37 6.25 -8.17 -4.54
N ALA A 38 7.02 -9.26 -4.66
CA ALA A 38 7.19 -10.20 -3.56
C ALA A 38 8.26 -9.71 -2.58
N ASP A 39 7.94 -9.75 -1.30
CA ASP A 39 8.87 -9.32 -0.26
C ASP A 39 9.03 -7.80 -0.27
N GLU A 40 7.91 -7.10 -0.43
CA GLU A 40 7.93 -5.64 -0.46
C GLU A 40 6.78 -5.07 0.37
N VAL A 41 7.11 -4.10 1.22
CA VAL A 41 6.10 -3.46 2.07
C VAL A 41 5.74 -2.08 1.55
N ILE A 42 4.44 -1.82 1.39
CA ILE A 42 3.97 -0.53 0.91
C ILE A 42 2.95 0.07 1.86
N THR A 43 2.53 1.30 1.57
CA THR A 43 1.56 1.99 2.40
C THR A 43 0.13 1.63 1.99
N VAL A 44 -0.58 0.94 2.88
CA VAL A 44 -1.95 0.54 2.60
C VAL A 44 -2.93 1.31 3.48
N PHE A 45 -4.07 1.69 2.90
CA PHE A 45 -5.09 2.44 3.63
C PHE A 45 -6.46 2.24 3.00
N SER A 46 -7.49 2.16 3.85
CA SER A 46 -8.85 1.96 3.38
C SER A 46 -9.48 3.29 2.97
N VAL A 47 -10.23 3.27 1.88
CA VAL A 47 -10.89 4.47 1.38
C VAL A 47 -12.40 4.25 1.25
N VAL A 48 -13.16 5.29 1.61
CA VAL A 48 -14.62 5.21 1.54
C VAL A 48 -15.07 4.56 0.24
N GLY A 49 -16.04 3.67 0.34
CA GLY A 49 -16.55 2.98 -0.84
C GLY A 49 -15.71 1.79 -1.23
N MET A 50 -14.40 1.90 -1.06
CA MET A 50 -13.48 0.82 -1.40
C MET A 50 -14.03 -0.52 -0.90
N ASP A 51 -13.43 -1.60 -1.37
CA ASP A 51 -13.84 -2.94 -0.98
C ASP A 51 -13.00 -3.45 0.19
N SER A 52 -13.49 -4.49 0.87
CA SER A 52 -12.79 -5.06 2.01
C SER A 52 -11.60 -5.89 1.54
N ASP A 53 -11.74 -6.52 0.38
CA ASP A 53 -10.67 -7.35 -0.16
C ASP A 53 -9.71 -6.52 -1.01
N TRP A 54 -9.73 -5.20 -0.79
CA TRP A 54 -8.86 -4.29 -1.54
C TRP A 54 -8.55 -3.05 -0.72
N LEU A 55 -7.26 -2.70 -0.67
CA LEU A 55 -6.83 -1.53 0.08
C LEU A 55 -6.16 -0.51 -0.83
N MET A 56 -5.87 0.67 -0.29
CA MET A 56 -5.22 1.72 -1.05
C MET A 56 -3.70 1.66 -0.91
N GLY A 57 -3.03 1.10 -1.92
CA GLY A 57 -1.59 0.99 -1.88
C GLY A 57 -0.90 2.13 -2.60
N GLU A 58 0.22 2.59 -2.05
CA GLU A 58 0.98 3.68 -2.64
C GLU A 58 2.40 3.25 -2.96
N ARG A 59 2.71 3.13 -4.26
CA ARG A 59 4.04 2.73 -4.69
C ARG A 59 4.47 3.49 -5.94
N GLY A 60 5.78 3.66 -6.09
CA GLY A 60 6.29 4.39 -7.25
C GLY A 60 5.47 5.62 -7.58
N ASN A 61 5.39 6.54 -6.63
CA ASN A 61 4.62 7.77 -6.83
C ASN A 61 3.28 7.48 -7.51
N GLN A 62 2.70 6.34 -7.16
CA GLN A 62 1.42 5.95 -7.73
C GLN A 62 0.50 5.37 -6.66
N LYS A 63 -0.80 5.37 -6.95
CA LYS A 63 -1.79 4.85 -6.01
C LYS A 63 -2.82 3.99 -6.73
N GLY A 64 -3.31 2.96 -6.04
CA GLY A 64 -4.31 2.08 -6.63
C GLY A 64 -4.87 1.10 -5.63
N LYS A 65 -5.63 0.12 -6.12
CA LYS A 65 -6.24 -0.89 -5.26
C LYS A 65 -5.35 -2.12 -5.17
N VAL A 66 -5.07 -2.56 -3.95
CA VAL A 66 -4.23 -3.73 -3.72
C VAL A 66 -5.01 -4.82 -3.00
N PRO A 67 -4.87 -6.07 -3.47
CA PRO A 67 -5.54 -7.22 -2.88
C PRO A 67 -4.98 -7.59 -1.51
N ILE A 68 -5.84 -7.52 -0.50
CA ILE A 68 -5.43 -7.85 0.87
C ILE A 68 -4.92 -9.28 0.96
N THR A 69 -5.44 -10.15 0.11
CA THR A 69 -5.03 -11.55 0.09
C THR A 69 -3.55 -11.69 -0.22
N TYR A 70 -2.97 -10.64 -0.79
CA TYR A 70 -1.56 -10.64 -1.15
C TYR A 70 -0.74 -9.85 -0.13
N LEU A 71 -1.44 -9.10 0.71
CA LEU A 71 -0.77 -8.28 1.73
C LEU A 71 -0.98 -8.89 3.12
N GLU A 72 0.07 -8.82 3.94
CA GLU A 72 0.00 -9.35 5.29
C GLU A 72 0.23 -8.25 6.33
N LEU A 73 -0.84 -7.53 6.65
CA LEU A 73 -0.77 -6.45 7.63
C LEU A 73 0.12 -6.83 8.80
N LEU A 74 1.32 -6.25 8.85
CA LEU A 74 2.26 -6.53 9.92
C LEU A 74 1.81 -5.90 11.23
N ASN A 75 1.05 -6.67 12.02
CA ASN A 75 0.55 -6.19 13.30
C ASN A 75 1.61 -6.31 14.38
N SER A 76 2.39 -5.25 14.57
CA SER A 76 3.45 -5.25 15.57
C SER A 76 3.72 -3.83 16.06
N GLY A 77 3.74 -3.66 17.38
CA GLY A 77 3.99 -2.35 17.95
C GLY A 77 5.47 -2.06 18.12
N PRO A 78 5.81 -0.79 18.40
CA PRO A 78 7.20 -0.37 18.58
C PRO A 78 7.80 -0.92 19.87
N SER A 79 9.08 -0.60 20.09
CA SER A 79 9.78 -1.07 21.29
C SER A 79 10.23 0.10 22.14
N SER A 80 9.37 0.53 23.05
CA SER A 80 9.67 1.65 23.93
C SER A 80 11.07 1.51 24.53
N GLY A 81 11.97 2.39 24.13
CA GLY A 81 13.33 2.34 24.64
C GLY A 81 13.88 3.72 24.97
N GLY A 1 8.25 -1.02 -23.87
CA GLY A 1 7.60 -1.79 -22.83
C GLY A 1 7.87 -1.24 -21.44
N SER A 2 9.12 -0.85 -21.19
CA SER A 2 9.50 -0.31 -19.89
C SER A 2 9.81 1.18 -20.00
N SER A 3 9.14 1.97 -19.19
CA SER A 3 9.34 3.42 -19.19
C SER A 3 9.88 3.90 -17.85
N GLY A 4 10.72 4.93 -17.89
CA GLY A 4 11.30 5.46 -16.68
C GLY A 4 10.90 6.89 -16.41
N SER A 5 11.13 7.37 -15.20
CA SER A 5 10.78 8.73 -14.82
C SER A 5 11.94 9.43 -14.14
N SER A 6 11.88 10.77 -14.08
CA SER A 6 12.94 11.55 -13.47
C SER A 6 12.36 12.50 -12.42
N GLY A 7 12.75 12.28 -11.16
CA GLY A 7 12.26 13.12 -10.08
C GLY A 7 11.85 12.32 -8.86
N LEU A 8 12.67 12.40 -7.81
CA LEU A 8 12.39 11.68 -6.57
C LEU A 8 11.25 12.33 -5.80
N ASN A 9 10.60 11.56 -4.95
CA ASN A 9 9.49 12.07 -4.14
C ASN A 9 9.84 12.03 -2.66
N ASP A 10 9.35 13.02 -1.91
CA ASP A 10 9.61 13.09 -0.48
C ASP A 10 8.55 12.33 0.30
N LEU A 11 8.98 11.36 1.09
CA LEU A 11 8.07 10.55 1.89
C LEU A 11 7.49 11.37 3.03
N LYS A 12 6.26 11.85 2.86
CA LYS A 12 5.59 12.64 3.89
C LYS A 12 4.39 11.89 4.45
N GLU A 13 4.42 11.62 5.75
CA GLU A 13 3.34 10.92 6.42
C GLU A 13 2.25 11.89 6.87
N SER A 14 1.95 12.86 6.02
CA SER A 14 0.92 13.85 6.32
C SER A 14 -0.31 13.21 6.96
N SER A 15 -0.95 12.33 6.20
CA SER A 15 -2.14 11.64 6.68
C SER A 15 -1.79 10.25 7.21
N ASN A 16 -2.70 9.66 7.97
CA ASN A 16 -2.49 8.35 8.55
C ASN A 16 -2.37 7.29 7.46
N ASN A 17 -1.70 6.18 7.78
CA ASN A 17 -1.51 5.10 6.82
C ASN A 17 -1.05 3.82 7.52
N ARG A 18 -1.06 2.72 6.79
CA ARG A 18 -0.64 1.43 7.34
C ARG A 18 0.46 0.81 6.50
N LYS A 19 1.05 -0.27 7.00
CA LYS A 19 2.12 -0.96 6.29
C LYS A 19 1.86 -2.46 6.25
N ALA A 20 2.11 -3.07 5.10
CA ALA A 20 1.92 -4.51 4.93
C ALA A 20 2.95 -5.10 3.98
N ARG A 21 3.36 -6.34 4.25
CA ARG A 21 4.35 -7.01 3.42
C ARG A 21 3.67 -7.89 2.36
N VAL A 22 4.10 -7.75 1.11
CA VAL A 22 3.52 -8.52 0.02
C VAL A 22 4.00 -9.97 0.07
N LEU A 23 3.08 -10.89 -0.15
CA LEU A 23 3.40 -12.32 -0.14
C LEU A 23 3.69 -12.83 -1.54
N TYR A 24 3.11 -12.17 -2.53
CA TYR A 24 3.31 -12.55 -3.93
C TYR A 24 3.23 -11.34 -4.85
N ASP A 25 3.97 -11.38 -5.94
CA ASP A 25 3.99 -10.29 -6.91
C ASP A 25 2.67 -10.23 -7.68
N TYR A 26 1.92 -9.15 -7.47
CA TYR A 26 0.65 -8.97 -8.15
C TYR A 26 0.80 -8.09 -9.38
N ASP A 27 -0.11 -8.26 -10.34
CA ASP A 27 -0.07 -7.48 -11.57
C ASP A 27 -1.39 -6.75 -11.77
N ALA A 28 -1.37 -5.43 -11.59
CA ALA A 28 -2.56 -4.60 -11.77
C ALA A 28 -3.15 -4.77 -13.16
N ALA A 29 -4.46 -4.98 -13.22
CA ALA A 29 -5.15 -5.16 -14.50
C ALA A 29 -5.57 -3.82 -15.09
N ASN A 30 -5.86 -2.85 -14.21
CA ASN A 30 -6.28 -1.52 -14.64
C ASN A 30 -5.58 -0.44 -13.82
N SER A 31 -5.61 0.79 -14.34
CA SER A 31 -4.98 1.91 -13.66
C SER A 31 -5.32 1.90 -12.17
N THR A 32 -6.62 1.95 -11.86
CA THR A 32 -7.06 1.95 -10.48
C THR A 32 -6.26 0.97 -9.63
N GLU A 33 -5.88 -0.15 -10.23
CA GLU A 33 -5.11 -1.17 -9.53
C GLU A 33 -3.61 -0.91 -9.67
N LEU A 34 -2.85 -1.34 -8.68
CA LEU A 34 -1.40 -1.16 -8.69
C LEU A 34 -0.68 -2.49 -8.62
N SER A 35 0.50 -2.56 -9.24
CA SER A 35 1.30 -3.78 -9.24
C SER A 35 2.05 -3.95 -7.93
N LEU A 36 2.21 -5.20 -7.49
CA LEU A 36 2.91 -5.50 -6.25
C LEU A 36 3.99 -6.54 -6.48
N LEU A 37 5.06 -6.46 -5.69
CA LEU A 37 6.17 -7.41 -5.80
C LEU A 37 6.25 -8.30 -4.57
N ALA A 38 6.93 -9.43 -4.71
CA ALA A 38 7.08 -10.37 -3.61
C ALA A 38 8.19 -9.93 -2.65
N ASP A 39 7.89 -9.92 -1.36
CA ASP A 39 8.86 -9.52 -0.35
C ASP A 39 9.04 -8.01 -0.35
N GLU A 40 7.94 -7.28 -0.50
CA GLU A 40 7.97 -5.83 -0.52
C GLU A 40 6.85 -5.24 0.34
N VAL A 41 7.20 -4.25 1.16
CA VAL A 41 6.23 -3.61 2.03
C VAL A 41 5.92 -2.19 1.57
N ILE A 42 4.66 -1.91 1.30
CA ILE A 42 4.23 -0.60 0.85
C ILE A 42 3.20 0.00 1.78
N THR A 43 2.80 1.25 1.51
CA THR A 43 1.82 1.93 2.34
C THR A 43 0.40 1.61 1.87
N VAL A 44 -0.40 1.01 2.75
CA VAL A 44 -1.78 0.66 2.43
C VAL A 44 -2.76 1.40 3.33
N PHE A 45 -3.91 1.75 2.78
CA PHE A 45 -4.94 2.46 3.54
C PHE A 45 -6.32 2.22 2.94
N SER A 46 -7.32 2.13 3.81
CA SER A 46 -8.70 1.89 3.37
C SER A 46 -9.38 3.20 2.98
N VAL A 47 -10.12 3.18 1.88
CA VAL A 47 -10.83 4.36 1.41
C VAL A 47 -12.33 4.11 1.34
N VAL A 48 -13.11 5.13 1.69
CA VAL A 48 -14.55 5.03 1.66
C VAL A 48 -15.04 4.30 0.41
N GLY A 49 -16.01 3.41 0.59
CA GLY A 49 -16.54 2.66 -0.53
C GLY A 49 -15.68 1.47 -0.90
N MET A 50 -14.37 1.63 -0.78
CA MET A 50 -13.42 0.55 -1.10
C MET A 50 -13.91 -0.78 -0.52
N ASP A 51 -13.45 -1.87 -1.12
CA ASP A 51 -13.84 -3.20 -0.67
C ASP A 51 -12.90 -3.70 0.42
N SER A 52 -13.42 -4.53 1.31
CA SER A 52 -12.62 -5.07 2.41
C SER A 52 -11.50 -5.96 1.87
N ASP A 53 -11.66 -6.42 0.64
CA ASP A 53 -10.65 -7.28 0.01
C ASP A 53 -9.72 -6.47 -0.88
N TRP A 54 -9.71 -5.16 -0.68
CA TRP A 54 -8.86 -4.27 -1.46
C TRP A 54 -8.50 -3.02 -0.67
N LEU A 55 -7.21 -2.71 -0.64
CA LEU A 55 -6.74 -1.53 0.08
C LEU A 55 -6.13 -0.51 -0.88
N MET A 56 -5.77 0.65 -0.34
CA MET A 56 -5.18 1.72 -1.14
C MET A 56 -3.65 1.67 -1.07
N GLY A 57 -3.03 1.12 -2.10
CA GLY A 57 -1.58 1.02 -2.14
C GLY A 57 -0.93 2.23 -2.76
N GLU A 58 0.27 2.58 -2.29
CA GLU A 58 0.99 3.72 -2.81
C GLU A 58 2.46 3.39 -3.03
N ARG A 59 2.86 3.31 -4.29
CA ARG A 59 4.24 2.99 -4.64
C ARG A 59 4.90 4.16 -5.37
N GLY A 60 5.97 4.68 -4.79
CA GLY A 60 6.68 5.80 -5.40
C GLY A 60 5.76 6.98 -5.67
N ASN A 61 5.39 7.15 -6.95
CA ASN A 61 4.52 8.24 -7.34
C ASN A 61 3.26 7.72 -8.00
N GLN A 62 2.72 6.64 -7.47
CA GLN A 62 1.50 6.03 -8.02
C GLN A 62 0.55 5.61 -6.91
N LYS A 63 -0.69 5.30 -7.27
CA LYS A 63 -1.69 4.89 -6.31
C LYS A 63 -2.75 4.00 -6.96
N GLY A 64 -3.25 3.02 -6.20
CA GLY A 64 -4.25 2.13 -6.72
C GLY A 64 -4.77 1.17 -5.68
N LYS A 65 -5.55 0.17 -6.11
CA LYS A 65 -6.11 -0.82 -5.21
C LYS A 65 -5.21 -2.05 -5.12
N VAL A 66 -5.09 -2.60 -3.91
CA VAL A 66 -4.26 -3.78 -3.69
C VAL A 66 -5.04 -4.87 -2.95
N PRO A 67 -4.92 -6.10 -3.44
CA PRO A 67 -5.61 -7.26 -2.84
C PRO A 67 -5.03 -7.63 -1.48
N ILE A 68 -5.85 -7.53 -0.44
CA ILE A 68 -5.42 -7.86 0.91
C ILE A 68 -4.92 -9.30 0.99
N THR A 69 -5.53 -10.18 0.18
CA THR A 69 -5.15 -11.58 0.17
C THR A 69 -3.68 -11.75 -0.16
N TYR A 70 -3.10 -10.76 -0.84
CA TYR A 70 -1.70 -10.80 -1.22
C TYR A 70 -0.85 -10.02 -0.22
N LEU A 71 -1.50 -9.24 0.62
CA LEU A 71 -0.80 -8.43 1.63
C LEU A 71 -1.02 -9.02 3.01
N GLU A 72 0.02 -8.91 3.86
CA GLU A 72 -0.06 -9.42 5.22
C GLU A 72 0.22 -8.32 6.23
N LEU A 73 -0.79 -7.51 6.53
CA LEU A 73 -0.66 -6.43 7.49
C LEU A 73 0.16 -6.85 8.70
N LEU A 74 1.34 -6.27 8.85
CA LEU A 74 2.22 -6.60 9.97
C LEU A 74 1.73 -5.93 11.25
N ASN A 75 0.81 -6.60 11.95
CA ASN A 75 0.27 -6.08 13.20
C ASN A 75 1.38 -5.79 14.20
N SER A 76 1.56 -4.50 14.51
CA SER A 76 2.60 -4.09 15.46
C SER A 76 2.31 -4.64 16.85
N GLY A 77 3.30 -5.33 17.41
CA GLY A 77 3.14 -5.89 18.74
C GLY A 77 4.46 -6.26 19.38
N PRO A 78 4.43 -6.56 20.69
CA PRO A 78 5.64 -6.93 21.45
C PRO A 78 6.18 -8.30 21.04
N SER A 79 7.31 -8.29 20.34
CA SER A 79 7.93 -9.53 19.89
C SER A 79 9.35 -9.66 20.44
N SER A 80 9.52 -9.31 21.71
CA SER A 80 10.82 -9.38 22.36
C SER A 80 11.38 -10.80 22.30
N GLY A 81 12.71 -10.90 22.17
CA GLY A 81 13.35 -12.19 22.11
C GLY A 81 14.73 -12.13 21.50
N GLY A 1 17.80 3.69 -15.88
CA GLY A 1 18.04 5.07 -16.24
C GLY A 1 18.87 5.80 -15.21
N SER A 2 18.68 7.11 -15.10
CA SER A 2 19.42 7.93 -14.15
C SER A 2 18.58 9.11 -13.68
N SER A 3 18.45 9.25 -12.37
CA SER A 3 17.66 10.34 -11.78
C SER A 3 18.11 10.61 -10.35
N GLY A 4 18.15 11.89 -9.99
CA GLY A 4 18.55 12.27 -8.64
C GLY A 4 17.51 13.13 -7.95
N SER A 5 16.41 12.50 -7.54
CA SER A 5 15.33 13.21 -6.86
C SER A 5 15.82 13.78 -5.53
N SER A 6 15.55 15.07 -5.32
CA SER A 6 15.97 15.75 -4.10
C SER A 6 15.14 17.01 -3.87
N GLY A 7 15.15 17.50 -2.63
CA GLY A 7 14.39 18.70 -2.30
C GLY A 7 13.24 18.41 -1.36
N LEU A 8 13.56 17.93 -0.17
CA LEU A 8 12.54 17.62 0.83
C LEU A 8 13.08 17.78 2.24
N ASN A 9 12.18 17.79 3.22
CA ASN A 9 12.57 17.95 4.61
C ASN A 9 12.24 16.70 5.42
N ASP A 10 11.02 16.20 5.26
CA ASP A 10 10.58 15.01 5.97
C ASP A 10 10.91 15.10 7.45
N LEU A 11 10.63 16.26 8.04
CA LEU A 11 10.89 16.48 9.46
C LEU A 11 9.60 16.55 10.26
N LYS A 12 8.64 15.69 9.89
CA LYS A 12 7.36 15.65 10.58
C LYS A 12 7.01 14.23 11.00
N GLU A 13 6.62 14.06 12.26
CA GLU A 13 6.25 12.75 12.78
C GLU A 13 4.77 12.48 12.58
N SER A 14 4.26 12.85 11.41
CA SER A 14 2.85 12.64 11.09
C SER A 14 2.68 11.65 9.96
N SER A 15 2.66 10.36 10.31
CA SER A 15 2.51 9.30 9.32
C SER A 15 1.14 8.64 9.44
N ASN A 16 0.18 9.12 8.66
CA ASN A 16 -1.18 8.58 8.68
C ASN A 16 -1.36 7.56 7.56
N ASN A 17 -0.93 6.33 7.80
CA ASN A 17 -1.07 5.26 6.81
C ASN A 17 -0.62 3.92 7.39
N ARG A 18 -1.21 2.84 6.89
CA ARG A 18 -0.87 1.51 7.36
C ARG A 18 0.22 0.88 6.50
N LYS A 19 0.90 -0.11 7.05
CA LYS A 19 1.97 -0.80 6.32
C LYS A 19 1.74 -2.31 6.32
N ALA A 20 1.99 -2.94 5.18
CA ALA A 20 1.82 -4.38 5.04
C ALA A 20 2.86 -4.97 4.10
N ARG A 21 3.17 -6.25 4.30
CA ARG A 21 4.15 -6.93 3.46
C ARG A 21 3.46 -7.84 2.44
N VAL A 22 3.89 -7.76 1.19
CA VAL A 22 3.31 -8.57 0.13
C VAL A 22 3.80 -10.02 0.21
N LEU A 23 2.94 -10.95 -0.17
CA LEU A 23 3.27 -12.37 -0.14
C LEU A 23 3.58 -12.89 -1.54
N TYR A 24 3.01 -12.24 -2.55
CA TYR A 24 3.22 -12.64 -3.93
C TYR A 24 3.18 -11.43 -4.86
N ASP A 25 3.97 -11.47 -5.92
CA ASP A 25 4.03 -10.38 -6.88
C ASP A 25 2.70 -10.26 -7.63
N TYR A 26 2.04 -9.11 -7.45
CA TYR A 26 0.75 -8.87 -8.09
C TYR A 26 0.93 -7.97 -9.32
N ASP A 27 0.07 -8.16 -10.31
CA ASP A 27 0.12 -7.37 -11.53
C ASP A 27 -1.19 -6.64 -11.77
N ALA A 28 -1.18 -5.32 -11.52
CA ALA A 28 -2.36 -4.50 -11.71
C ALA A 28 -2.96 -4.69 -13.10
N ALA A 29 -4.23 -5.08 -13.15
CA ALA A 29 -4.91 -5.30 -14.41
C ALA A 29 -5.18 -3.98 -15.12
N ASN A 30 -5.60 -2.98 -14.35
CA ASN A 30 -5.91 -1.66 -14.90
C ASN A 30 -5.20 -0.57 -14.10
N SER A 31 -5.35 0.67 -14.56
CA SER A 31 -4.72 1.81 -13.89
C SER A 31 -5.13 1.87 -12.42
N THR A 32 -6.43 1.79 -12.16
CA THR A 32 -6.95 1.84 -10.80
C THR A 32 -6.17 0.90 -9.89
N GLU A 33 -5.72 -0.21 -10.45
CA GLU A 33 -4.95 -1.19 -9.69
C GLU A 33 -3.45 -0.92 -9.77
N LEU A 34 -2.72 -1.36 -8.76
CA LEU A 34 -1.27 -1.15 -8.71
C LEU A 34 -0.54 -2.48 -8.64
N SER A 35 0.66 -2.52 -9.22
CA SER A 35 1.46 -3.74 -9.23
C SER A 35 2.20 -3.90 -7.91
N LEU A 36 2.27 -5.14 -7.42
CA LEU A 36 2.95 -5.43 -6.16
C LEU A 36 4.01 -6.51 -6.36
N LEU A 37 5.09 -6.43 -5.57
CA LEU A 37 6.17 -7.39 -5.66
C LEU A 37 6.11 -8.38 -4.49
N ALA A 38 6.87 -9.46 -4.60
CA ALA A 38 6.91 -10.48 -3.56
C ALA A 38 7.97 -10.15 -2.52
N ASP A 39 7.59 -10.25 -1.23
CA ASP A 39 8.50 -9.95 -0.15
C ASP A 39 8.79 -8.46 -0.05
N GLU A 40 7.79 -7.65 -0.39
CA GLU A 40 7.94 -6.20 -0.35
C GLU A 40 6.96 -5.59 0.64
N VAL A 41 7.03 -4.27 0.79
CA VAL A 41 6.15 -3.56 1.72
C VAL A 41 5.80 -2.17 1.18
N ILE A 42 4.50 -1.88 1.13
CA ILE A 42 4.03 -0.58 0.64
C ILE A 42 2.99 0.01 1.58
N THR A 43 2.57 1.24 1.28
CA THR A 43 1.59 1.93 2.10
C THR A 43 0.17 1.57 1.67
N VAL A 44 -0.63 1.09 2.62
CA VAL A 44 -2.01 0.72 2.33
C VAL A 44 -2.97 1.44 3.27
N PHE A 45 -4.13 1.83 2.73
CA PHE A 45 -5.14 2.54 3.52
C PHE A 45 -6.53 2.30 2.94
N SER A 46 -7.52 2.20 3.83
CA SER A 46 -8.90 1.98 3.41
C SER A 46 -9.54 3.27 2.93
N VAL A 47 -10.54 3.14 2.06
CA VAL A 47 -11.24 4.31 1.53
C VAL A 47 -12.73 4.03 1.38
N VAL A 48 -13.55 5.03 1.72
CA VAL A 48 -15.00 4.90 1.63
C VAL A 48 -15.41 4.28 0.30
N GLY A 49 -16.28 3.28 0.36
CA GLY A 49 -16.74 2.62 -0.84
C GLY A 49 -15.75 1.60 -1.36
N MET A 50 -14.70 1.34 -0.58
CA MET A 50 -13.68 0.37 -0.96
C MET A 50 -14.00 -1.01 -0.41
N ASP A 51 -13.71 -2.05 -1.20
CA ASP A 51 -13.96 -3.42 -0.78
C ASP A 51 -12.98 -3.85 0.30
N SER A 52 -13.45 -4.68 1.22
CA SER A 52 -12.61 -5.16 2.32
C SER A 52 -11.49 -6.05 1.78
N ASP A 53 -11.61 -6.45 0.52
CA ASP A 53 -10.60 -7.29 -0.11
C ASP A 53 -9.68 -6.46 -1.00
N TRP A 54 -9.72 -5.15 -0.82
CA TRP A 54 -8.89 -4.25 -1.61
C TRP A 54 -8.59 -2.97 -0.84
N LEU A 55 -7.31 -2.68 -0.67
CA LEU A 55 -6.88 -1.48 0.06
C LEU A 55 -6.25 -0.47 -0.90
N MET A 56 -6.05 0.75 -0.39
CA MET A 56 -5.45 1.81 -1.20
C MET A 56 -3.93 1.77 -1.12
N GLY A 57 -3.30 1.21 -2.16
CA GLY A 57 -1.86 1.12 -2.18
C GLY A 57 -1.21 2.33 -2.85
N GLU A 58 -0.03 2.70 -2.36
CA GLU A 58 0.70 3.84 -2.91
C GLU A 58 2.17 3.53 -3.07
N ARG A 59 2.61 3.39 -4.32
CA ARG A 59 4.00 3.08 -4.61
C ARG A 59 4.67 4.23 -5.36
N GLY A 60 5.69 4.82 -4.74
CA GLY A 60 6.40 5.92 -5.36
C GLY A 60 5.49 7.10 -5.64
N ASN A 61 5.22 7.35 -6.92
CA ASN A 61 4.36 8.45 -7.33
C ASN A 61 3.11 7.93 -8.03
N GLN A 62 2.53 6.86 -7.49
CA GLN A 62 1.32 6.27 -8.06
C GLN A 62 0.39 5.77 -6.98
N LYS A 63 -0.85 5.48 -7.35
CA LYS A 63 -1.84 4.98 -6.40
C LYS A 63 -2.82 4.03 -7.08
N GLY A 64 -3.33 3.07 -6.33
CA GLY A 64 -4.28 2.11 -6.88
C GLY A 64 -4.80 1.13 -5.84
N LYS A 65 -5.63 0.20 -6.26
CA LYS A 65 -6.19 -0.80 -5.37
C LYS A 65 -5.24 -1.99 -5.21
N VAL A 66 -5.12 -2.48 -3.99
CA VAL A 66 -4.25 -3.62 -3.70
C VAL A 66 -5.00 -4.73 -2.99
N PRO A 67 -4.85 -5.96 -3.47
CA PRO A 67 -5.51 -7.14 -2.89
C PRO A 67 -4.95 -7.50 -1.51
N ILE A 68 -5.80 -7.43 -0.49
CA ILE A 68 -5.39 -7.75 0.86
C ILE A 68 -4.88 -9.18 0.97
N THR A 69 -5.48 -10.07 0.18
CA THR A 69 -5.08 -11.47 0.18
C THR A 69 -3.59 -11.63 -0.14
N TYR A 70 -3.03 -10.60 -0.78
CA TYR A 70 -1.61 -10.62 -1.14
C TYR A 70 -0.78 -9.83 -0.14
N LEU A 71 -1.45 -9.06 0.70
CA LEU A 71 -0.78 -8.25 1.71
C LEU A 71 -0.96 -8.85 3.10
N GLU A 72 0.07 -8.74 3.92
CA GLU A 72 0.01 -9.27 5.28
C GLU A 72 0.29 -8.17 6.31
N LEU A 73 -0.75 -7.44 6.68
CA LEU A 73 -0.64 -6.36 7.64
C LEU A 73 0.18 -6.80 8.85
N LEU A 74 1.38 -6.24 8.98
CA LEU A 74 2.26 -6.58 10.10
C LEU A 74 1.82 -5.88 11.38
N ASN A 75 1.33 -6.67 12.34
CA ASN A 75 0.87 -6.13 13.61
C ASN A 75 1.91 -6.35 14.71
N SER A 76 2.61 -5.28 15.07
CA SER A 76 3.64 -5.36 16.11
C SER A 76 3.01 -5.37 17.50
N GLY A 77 3.62 -6.12 18.42
CA GLY A 77 3.10 -6.19 19.77
C GLY A 77 3.08 -7.61 20.30
N PRO A 78 2.86 -7.76 21.62
CA PRO A 78 2.81 -9.06 22.27
C PRO A 78 1.58 -9.86 21.87
N SER A 79 0.77 -9.30 20.99
CA SER A 79 -0.45 -9.97 20.52
C SER A 79 -0.11 -11.13 19.59
N SER A 80 -0.14 -12.34 20.14
CA SER A 80 0.17 -13.54 19.35
C SER A 80 -0.45 -14.78 20.00
N GLY A 81 -0.84 -15.73 19.16
CA GLY A 81 -1.44 -16.95 19.67
C GLY A 81 -2.77 -17.27 19.02
N GLY A 1 12.16 12.96 -20.43
CA GLY A 1 11.84 11.86 -19.54
C GLY A 1 12.39 12.07 -18.14
N SER A 2 11.76 11.42 -17.16
CA SER A 2 12.18 11.54 -15.77
C SER A 2 12.04 10.20 -15.05
N SER A 3 13.14 9.71 -14.50
CA SER A 3 13.15 8.44 -13.78
C SER A 3 13.93 8.55 -12.48
N GLY A 4 13.46 7.84 -11.45
CA GLY A 4 14.13 7.87 -10.16
C GLY A 4 13.15 8.09 -9.02
N SER A 5 13.56 8.89 -8.04
CA SER A 5 12.73 9.16 -6.88
C SER A 5 12.12 10.57 -6.97
N SER A 6 12.98 11.56 -7.19
CA SER A 6 12.53 12.94 -7.29
C SER A 6 12.14 13.49 -5.92
N GLY A 7 12.94 13.16 -4.92
CA GLY A 7 12.67 13.62 -3.56
C GLY A 7 12.30 12.50 -2.62
N LEU A 8 11.98 12.84 -1.39
CA LEU A 8 11.61 11.85 -0.38
C LEU A 8 10.52 12.38 0.54
N ASN A 9 9.34 11.76 0.47
CA ASN A 9 8.21 12.17 1.29
C ASN A 9 8.40 11.73 2.74
N ASP A 10 8.87 12.66 3.57
CA ASP A 10 9.10 12.37 4.98
C ASP A 10 7.85 12.67 5.80
N LEU A 11 7.73 12.00 6.95
CA LEU A 11 6.59 12.19 7.83
C LEU A 11 6.59 13.58 8.45
N LYS A 12 5.49 13.94 9.09
CA LYS A 12 5.37 15.25 9.74
C LYS A 12 5.18 15.10 11.24
N GLU A 13 4.16 14.32 11.62
CA GLU A 13 3.87 14.11 13.04
C GLU A 13 3.77 12.61 13.34
N SER A 14 2.97 11.90 12.55
CA SER A 14 2.78 10.47 12.73
C SER A 14 2.36 9.81 11.43
N SER A 15 2.74 8.54 11.27
CA SER A 15 2.40 7.80 10.06
C SER A 15 0.91 7.50 9.99
N ASN A 16 0.17 8.35 9.27
CA ASN A 16 -1.27 8.18 9.13
C ASN A 16 -1.59 7.18 8.02
N ASN A 17 -0.90 6.05 8.02
CA ASN A 17 -1.12 5.02 7.01
C ASN A 17 -0.68 3.64 7.53
N ARG A 18 -1.34 2.60 7.06
CA ARG A 18 -1.02 1.24 7.47
C ARG A 18 0.08 0.65 6.61
N LYS A 19 0.75 -0.38 7.13
CA LYS A 19 1.83 -1.03 6.40
C LYS A 19 1.62 -2.54 6.34
N ALA A 20 1.99 -3.14 5.21
CA ALA A 20 1.84 -4.58 5.03
C ALA A 20 2.91 -5.13 4.10
N ARG A 21 3.20 -6.42 4.23
CA ARG A 21 4.21 -7.06 3.40
C ARG A 21 3.55 -7.94 2.33
N VAL A 22 3.96 -7.75 1.08
CA VAL A 22 3.42 -8.52 -0.03
C VAL A 22 3.90 -9.97 0.01
N LEU A 23 2.97 -10.90 -0.14
CA LEU A 23 3.30 -12.32 -0.12
C LEU A 23 3.61 -12.83 -1.52
N TYR A 24 3.02 -12.19 -2.52
CA TYR A 24 3.25 -12.58 -3.92
C TYR A 24 3.17 -11.37 -4.83
N ASP A 25 3.96 -11.39 -5.90
CA ASP A 25 3.98 -10.30 -6.87
C ASP A 25 2.68 -10.25 -7.65
N TYR A 26 1.92 -9.17 -7.45
CA TYR A 26 0.64 -8.99 -8.15
C TYR A 26 0.81 -8.11 -9.38
N ASP A 27 -0.03 -8.34 -10.37
CA ASP A 27 0.02 -7.57 -11.62
C ASP A 27 -1.29 -6.82 -11.84
N ALA A 28 -1.26 -5.51 -11.62
CA ALA A 28 -2.45 -4.68 -11.80
C ALA A 28 -3.04 -4.86 -13.19
N ALA A 29 -4.36 -5.04 -13.24
CA ALA A 29 -5.04 -5.22 -14.51
C ALA A 29 -5.40 -3.88 -15.14
N ASN A 30 -5.72 -2.90 -14.31
CA ASN A 30 -6.08 -1.57 -14.79
C ASN A 30 -5.41 -0.49 -13.94
N SER A 31 -5.38 0.73 -14.47
CA SER A 31 -4.76 1.85 -13.76
C SER A 31 -5.16 1.85 -12.29
N THR A 32 -6.47 1.93 -12.03
CA THR A 32 -6.98 1.94 -10.68
C THR A 32 -6.20 0.98 -9.78
N GLU A 33 -5.82 -0.16 -10.36
CA GLU A 33 -5.06 -1.17 -9.61
C GLU A 33 -3.56 -0.90 -9.70
N LEU A 34 -2.83 -1.33 -8.68
CA LEU A 34 -1.38 -1.14 -8.65
C LEU A 34 -0.66 -2.49 -8.58
N SER A 35 0.52 -2.54 -9.19
CA SER A 35 1.32 -3.76 -9.20
C SER A 35 2.06 -3.95 -7.88
N LEU A 36 2.18 -5.21 -7.46
CA LEU A 36 2.87 -5.52 -6.21
C LEU A 36 3.96 -6.56 -6.44
N LEU A 37 5.03 -6.49 -5.65
CA LEU A 37 6.13 -7.42 -5.76
C LEU A 37 6.20 -8.33 -4.53
N ALA A 38 6.90 -9.45 -4.68
CA ALA A 38 7.05 -10.40 -3.58
C ALA A 38 8.14 -9.96 -2.61
N ASP A 39 7.80 -9.95 -1.32
CA ASP A 39 8.76 -9.55 -0.29
C ASP A 39 8.93 -8.03 -0.28
N GLU A 40 7.85 -7.32 -0.53
CA GLU A 40 7.88 -5.86 -0.55
C GLU A 40 6.77 -5.27 0.32
N VAL A 41 7.12 -4.29 1.14
CA VAL A 41 6.14 -3.64 2.02
C VAL A 41 5.83 -2.23 1.56
N ILE A 42 4.55 -1.96 1.29
CA ILE A 42 4.13 -0.64 0.84
C ILE A 42 3.09 -0.05 1.79
N THR A 43 2.68 1.18 1.51
CA THR A 43 1.70 1.87 2.33
C THR A 43 0.28 1.54 1.87
N VAL A 44 -0.54 1.03 2.78
CA VAL A 44 -1.91 0.68 2.47
C VAL A 44 -2.89 1.40 3.38
N PHE A 45 -4.06 1.75 2.85
CA PHE A 45 -5.09 2.44 3.62
C PHE A 45 -6.47 2.23 3.01
N SER A 46 -7.48 2.19 3.87
CA SER A 46 -8.85 1.99 3.41
C SER A 46 -9.44 3.29 2.86
N VAL A 47 -10.48 3.16 2.04
CA VAL A 47 -11.13 4.33 1.45
C VAL A 47 -12.63 4.08 1.27
N VAL A 48 -13.42 5.12 1.48
CA VAL A 48 -14.87 5.02 1.34
C VAL A 48 -15.25 4.41 0.00
N GLY A 49 -16.24 3.51 0.02
CA GLY A 49 -16.67 2.87 -1.20
C GLY A 49 -15.68 1.85 -1.71
N MET A 50 -14.86 1.32 -0.80
CA MET A 50 -13.86 0.33 -1.17
C MET A 50 -14.21 -1.04 -0.60
N ASP A 51 -13.72 -2.09 -1.26
CA ASP A 51 -13.99 -3.45 -0.81
C ASP A 51 -12.95 -3.91 0.21
N SER A 52 -13.40 -4.71 1.17
CA SER A 52 -12.50 -5.22 2.21
C SER A 52 -11.37 -6.04 1.62
N ASP A 53 -11.62 -6.60 0.43
CA ASP A 53 -10.62 -7.41 -0.25
C ASP A 53 -9.70 -6.54 -1.11
N TRP A 54 -9.76 -5.23 -0.89
CA TRP A 54 -8.94 -4.30 -1.65
C TRP A 54 -8.64 -3.05 -0.82
N LEU A 55 -7.36 -2.67 -0.76
CA LEU A 55 -6.95 -1.50 -0.01
C LEU A 55 -6.33 -0.45 -0.93
N MET A 56 -6.01 0.71 -0.37
CA MET A 56 -5.40 1.79 -1.14
C MET A 56 -3.88 1.72 -1.06
N GLY A 57 -3.26 1.20 -2.11
CA GLY A 57 -1.81 1.08 -2.14
C GLY A 57 -1.15 2.31 -2.72
N GLU A 58 0.09 2.57 -2.32
CA GLU A 58 0.83 3.73 -2.81
C GLU A 58 2.32 3.40 -2.94
N ARG A 59 2.81 3.38 -4.18
CA ARG A 59 4.21 3.08 -4.44
C ARG A 59 4.89 4.24 -5.16
N GLY A 60 5.74 4.98 -4.45
CA GLY A 60 6.43 6.10 -5.04
C GLY A 60 5.48 7.18 -5.51
N ASN A 61 5.40 7.36 -6.83
CA ASN A 61 4.52 8.37 -7.40
C ASN A 61 3.32 7.73 -8.09
N GLN A 62 2.74 6.73 -7.44
CA GLN A 62 1.58 6.03 -8.00
C GLN A 62 0.57 5.72 -6.90
N LYS A 63 -0.66 5.41 -7.32
CA LYS A 63 -1.73 5.10 -6.38
C LYS A 63 -2.77 4.19 -7.03
N GLY A 64 -3.29 3.24 -6.25
CA GLY A 64 -4.29 2.32 -6.76
C GLY A 64 -4.78 1.34 -5.71
N LYS A 65 -5.56 0.36 -6.14
CA LYS A 65 -6.09 -0.65 -5.23
C LYS A 65 -5.12 -1.81 -5.08
N VAL A 66 -5.20 -2.51 -3.94
CA VAL A 66 -4.32 -3.64 -3.68
C VAL A 66 -5.10 -4.77 -3.00
N PRO A 67 -4.93 -5.99 -3.51
CA PRO A 67 -5.60 -7.18 -2.97
C PRO A 67 -5.05 -7.58 -1.61
N ILE A 68 -5.90 -7.52 -0.59
CA ILE A 68 -5.49 -7.88 0.77
C ILE A 68 -5.02 -9.33 0.83
N THR A 69 -5.65 -10.19 0.03
CA THR A 69 -5.28 -11.60 0.00
C THR A 69 -3.81 -11.78 -0.34
N TYR A 70 -3.21 -10.75 -0.92
CA TYR A 70 -1.80 -10.80 -1.30
C TYR A 70 -0.94 -10.07 -0.27
N LEU A 71 -1.58 -9.32 0.61
CA LEU A 71 -0.88 -8.57 1.64
C LEU A 71 -1.10 -9.19 3.02
N GLU A 72 -0.11 -9.05 3.90
CA GLU A 72 -0.21 -9.59 5.24
C GLU A 72 0.06 -8.51 6.29
N LEU A 73 -0.98 -7.79 6.66
CA LEU A 73 -0.85 -6.71 7.65
C LEU A 73 -0.03 -7.18 8.85
N LEU A 74 1.13 -6.57 9.04
CA LEU A 74 2.00 -6.93 10.15
C LEU A 74 1.54 -6.27 11.44
N ASN A 75 2.25 -6.54 12.53
CA ASN A 75 1.91 -5.96 13.83
C ASN A 75 2.81 -4.78 14.16
N SER A 76 2.34 -3.90 15.04
CA SER A 76 3.10 -2.72 15.42
C SER A 76 3.82 -2.96 16.74
N GLY A 77 4.39 -4.15 16.90
CA GLY A 77 5.10 -4.47 18.11
C GLY A 77 5.06 -5.96 18.43
N PRO A 78 6.07 -6.44 19.17
CA PRO A 78 6.17 -7.85 19.56
C PRO A 78 5.11 -8.24 20.57
N SER A 79 4.37 -9.31 20.28
CA SER A 79 3.33 -9.80 21.17
C SER A 79 3.91 -10.20 22.52
N SER A 80 3.13 -10.00 23.58
CA SER A 80 3.57 -10.35 24.92
C SER A 80 4.44 -11.60 24.91
N GLY A 81 3.91 -12.68 24.35
CA GLY A 81 4.65 -13.93 24.29
C GLY A 81 4.02 -15.02 25.12
N GLY A 1 -24.51 0.37 -12.34
CA GLY A 1 -23.50 0.80 -13.30
C GLY A 1 -22.22 1.25 -12.64
N SER A 2 -21.72 2.42 -13.04
CA SER A 2 -20.49 2.95 -12.47
C SER A 2 -20.77 4.22 -11.65
N SER A 3 -20.42 4.16 -10.37
CA SER A 3 -20.63 5.30 -9.47
C SER A 3 -19.67 6.44 -9.80
N GLY A 4 -18.38 6.14 -9.81
CA GLY A 4 -17.38 7.14 -10.11
C GLY A 4 -17.32 8.22 -9.04
N SER A 5 -16.14 8.80 -8.87
CA SER A 5 -15.95 9.86 -7.88
C SER A 5 -14.60 10.54 -8.07
N SER A 6 -14.57 11.87 -7.93
CA SER A 6 -13.36 12.64 -8.08
C SER A 6 -12.91 13.22 -6.75
N GLY A 7 -11.60 13.47 -6.61
CA GLY A 7 -11.07 14.03 -5.39
C GLY A 7 -9.68 14.60 -5.57
N LEU A 8 -9.36 15.63 -4.78
CA LEU A 8 -8.05 16.26 -4.86
C LEU A 8 -7.28 16.09 -3.55
N ASN A 9 -6.03 16.55 -3.54
CA ASN A 9 -5.20 16.45 -2.34
C ASN A 9 -5.58 17.52 -1.32
N ASP A 10 -5.67 17.10 -0.06
CA ASP A 10 -6.03 18.02 1.02
C ASP A 10 -4.95 18.02 2.11
N LEU A 11 -5.15 18.86 3.12
CA LEU A 11 -4.20 18.96 4.22
C LEU A 11 -4.89 18.77 5.56
N LYS A 12 -5.09 17.51 5.94
CA LYS A 12 -5.74 17.19 7.21
C LYS A 12 -4.78 17.34 8.38
N GLU A 13 -5.29 17.16 9.59
CA GLU A 13 -4.46 17.29 10.79
C GLU A 13 -3.27 16.35 10.73
N SER A 14 -3.55 15.05 10.63
CA SER A 14 -2.50 14.05 10.57
C SER A 14 -2.73 13.09 9.40
N SER A 15 -1.70 12.89 8.59
CA SER A 15 -1.80 12.01 7.44
C SER A 15 -0.96 10.74 7.65
N ASN A 16 -1.61 9.69 8.11
CA ASN A 16 -0.93 8.42 8.36
C ASN A 16 -1.68 7.26 7.71
N ASN A 17 -0.95 6.18 7.41
CA ASN A 17 -1.54 5.01 6.78
C ASN A 17 -0.98 3.73 7.39
N ARG A 18 -1.49 2.59 6.92
CA ARG A 18 -1.03 1.30 7.42
C ARG A 18 0.12 0.76 6.57
N LYS A 19 0.84 -0.21 7.11
CA LYS A 19 1.96 -0.82 6.42
C LYS A 19 1.79 -2.32 6.30
N ALA A 20 1.92 -2.85 5.09
CA ALA A 20 1.78 -4.28 4.85
C ALA A 20 2.77 -4.76 3.79
N ARG A 21 3.23 -5.99 3.93
CA ARG A 21 4.17 -6.57 2.98
C ARG A 21 3.47 -7.54 2.04
N VAL A 22 3.96 -7.62 0.80
CA VAL A 22 3.38 -8.51 -0.20
C VAL A 22 3.95 -9.92 -0.08
N LEU A 23 3.09 -10.92 -0.29
CA LEU A 23 3.51 -12.31 -0.19
C LEU A 23 3.70 -12.91 -1.58
N TYR A 24 3.07 -12.30 -2.58
CA TYR A 24 3.18 -12.78 -3.95
C TYR A 24 3.08 -11.62 -4.94
N ASP A 25 3.83 -11.72 -6.03
CA ASP A 25 3.82 -10.68 -7.05
C ASP A 25 2.46 -10.58 -7.73
N TYR A 26 1.91 -9.37 -7.77
CA TYR A 26 0.61 -9.15 -8.39
C TYR A 26 0.74 -8.29 -9.64
N ASP A 27 -0.22 -8.42 -10.54
CA ASP A 27 -0.22 -7.66 -11.78
C ASP A 27 -1.49 -6.81 -11.91
N ALA A 28 -1.36 -5.52 -11.65
CA ALA A 28 -2.50 -4.62 -11.74
C ALA A 28 -3.16 -4.69 -13.12
N ALA A 29 -4.47 -4.91 -13.14
CA ALA A 29 -5.21 -4.99 -14.39
C ALA A 29 -5.28 -3.64 -15.07
N ASN A 30 -5.41 -2.58 -14.28
CA ASN A 30 -5.50 -1.22 -14.81
C ASN A 30 -5.09 -0.20 -13.76
N SER A 31 -5.18 1.08 -14.11
CA SER A 31 -4.82 2.16 -13.20
C SER A 31 -5.42 1.92 -11.82
N THR A 32 -6.74 1.69 -11.78
CA THR A 32 -7.43 1.45 -10.52
C THR A 32 -6.63 0.51 -9.62
N GLU A 33 -5.91 -0.41 -10.23
CA GLU A 33 -5.10 -1.38 -9.49
C GLU A 33 -3.61 -1.07 -9.65
N LEU A 34 -2.83 -1.48 -8.66
CA LEU A 34 -1.39 -1.26 -8.70
C LEU A 34 -0.63 -2.58 -8.65
N SER A 35 0.56 -2.59 -9.24
CA SER A 35 1.38 -3.80 -9.27
C SER A 35 2.01 -4.07 -7.91
N LEU A 36 2.19 -5.35 -7.60
CA LEU A 36 2.77 -5.75 -6.32
C LEU A 36 3.99 -6.64 -6.53
N LEU A 37 4.96 -6.54 -5.63
CA LEU A 37 6.17 -7.34 -5.71
C LEU A 37 6.34 -8.21 -4.47
N ALA A 38 6.64 -9.49 -4.68
CA ALA A 38 6.83 -10.41 -3.57
C ALA A 38 7.93 -9.94 -2.64
N ASP A 39 7.63 -9.89 -1.35
CA ASP A 39 8.59 -9.45 -0.34
C ASP A 39 8.79 -7.94 -0.42
N GLU A 40 7.70 -7.21 -0.54
CA GLU A 40 7.76 -5.75 -0.62
C GLU A 40 6.77 -5.11 0.34
N VAL A 41 7.23 -4.12 1.10
CA VAL A 41 6.40 -3.42 2.06
C VAL A 41 6.05 -2.02 1.57
N ILE A 42 4.78 -1.80 1.25
CA ILE A 42 4.32 -0.50 0.78
C ILE A 42 3.27 0.09 1.72
N THR A 43 2.84 1.31 1.41
CA THR A 43 1.84 1.98 2.22
C THR A 43 0.43 1.60 1.79
N VAL A 44 -0.41 1.23 2.75
CA VAL A 44 -1.78 0.85 2.47
C VAL A 44 -2.76 1.58 3.39
N PHE A 45 -3.94 1.89 2.86
CA PHE A 45 -4.96 2.60 3.63
C PHE A 45 -6.34 2.35 3.04
N SER A 46 -7.34 2.28 3.92
CA SER A 46 -8.72 2.04 3.50
C SER A 46 -9.38 3.32 3.03
N VAL A 47 -10.26 3.21 2.05
CA VAL A 47 -10.97 4.37 1.51
C VAL A 47 -12.45 4.08 1.31
N VAL A 48 -13.29 5.06 1.64
CA VAL A 48 -14.72 4.91 1.50
C VAL A 48 -15.10 4.27 0.17
N GLY A 49 -16.09 3.39 0.18
CA GLY A 49 -16.52 2.73 -1.03
C GLY A 49 -15.52 1.69 -1.50
N MET A 50 -14.68 1.22 -0.59
CA MET A 50 -13.68 0.21 -0.91
C MET A 50 -14.01 -1.12 -0.24
N ASP A 51 -13.66 -2.22 -0.91
CA ASP A 51 -13.92 -3.54 -0.38
C ASP A 51 -12.90 -3.91 0.68
N SER A 52 -13.29 -4.77 1.62
CA SER A 52 -12.41 -5.21 2.69
C SER A 52 -11.26 -6.05 2.14
N ASP A 53 -11.43 -6.57 0.92
CA ASP A 53 -10.42 -7.39 0.29
C ASP A 53 -9.53 -6.55 -0.64
N TRP A 54 -9.57 -5.23 -0.44
CA TRP A 54 -8.77 -4.32 -1.25
C TRP A 54 -8.43 -3.06 -0.46
N LEU A 55 -7.15 -2.67 -0.49
CA LEU A 55 -6.69 -1.48 0.22
C LEU A 55 -6.10 -0.47 -0.76
N MET A 56 -5.84 0.73 -0.26
CA MET A 56 -5.26 1.79 -1.09
C MET A 56 -3.74 1.77 -1.01
N GLY A 57 -3.11 1.22 -2.04
CA GLY A 57 -1.65 1.14 -2.08
C GLY A 57 -1.03 2.36 -2.73
N GLU A 58 0.19 2.68 -2.32
CA GLU A 58 0.90 3.84 -2.87
C GLU A 58 2.38 3.52 -3.06
N ARG A 59 2.78 3.40 -4.33
CA ARG A 59 4.18 3.10 -4.66
C ARG A 59 4.84 4.28 -5.35
N GLY A 60 5.75 4.96 -4.65
CA GLY A 60 6.44 6.09 -5.21
C GLY A 60 5.50 7.12 -5.79
N ASN A 61 5.44 7.21 -7.12
CA ASN A 61 4.56 8.16 -7.79
C ASN A 61 3.37 7.44 -8.43
N GLN A 62 2.78 6.51 -7.68
CA GLN A 62 1.64 5.75 -8.17
C GLN A 62 0.60 5.56 -7.08
N LYS A 63 -0.62 5.23 -7.48
CA LYS A 63 -1.70 5.01 -6.53
C LYS A 63 -2.76 4.08 -7.11
N GLY A 64 -3.23 3.15 -6.28
CA GLY A 64 -4.25 2.20 -6.73
C GLY A 64 -4.69 1.25 -5.63
N LYS A 65 -5.46 0.24 -6.00
CA LYS A 65 -5.95 -0.73 -5.03
C LYS A 65 -5.00 -1.92 -4.91
N VAL A 66 -5.07 -2.63 -3.79
CA VAL A 66 -4.22 -3.78 -3.55
C VAL A 66 -4.96 -4.87 -2.78
N PRO A 67 -4.84 -6.12 -3.27
CA PRO A 67 -5.50 -7.27 -2.64
C PRO A 67 -4.87 -7.62 -1.29
N ILE A 68 -5.66 -7.51 -0.23
CA ILE A 68 -5.19 -7.81 1.11
C ILE A 68 -4.67 -9.25 1.19
N THR A 69 -5.30 -10.14 0.45
CA THR A 69 -4.90 -11.55 0.43
C THR A 69 -3.42 -11.69 0.09
N TYR A 70 -2.90 -10.73 -0.68
CA TYR A 70 -1.50 -10.76 -1.08
C TYR A 70 -0.64 -9.90 -0.14
N LEU A 71 -1.32 -9.17 0.75
CA LEU A 71 -0.62 -8.31 1.70
C LEU A 71 -0.71 -8.89 3.11
N GLU A 72 0.34 -8.67 3.90
CA GLU A 72 0.39 -9.16 5.27
C GLU A 72 0.65 -8.02 6.25
N LEU A 73 -0.41 -7.31 6.61
CA LEU A 73 -0.31 -6.19 7.54
C LEU A 73 0.66 -6.52 8.67
N LEU A 74 1.76 -5.78 8.74
CA LEU A 74 2.76 -5.99 9.79
C LEU A 74 2.37 -5.28 11.08
N ASN A 75 1.10 -5.43 11.46
CA ASN A 75 0.59 -4.81 12.67
C ASN A 75 0.06 -5.86 13.64
N SER A 76 0.83 -6.13 14.69
CA SER A 76 0.43 -7.12 15.70
C SER A 76 -0.70 -6.59 16.57
N GLY A 77 -1.92 -7.06 16.32
CA GLY A 77 -3.06 -6.61 17.09
C GLY A 77 -3.77 -7.76 17.77
N PRO A 78 -4.76 -7.43 18.62
CA PRO A 78 -5.54 -8.43 19.35
C PRO A 78 -6.45 -9.24 18.45
N SER A 79 -6.82 -10.43 18.89
CA SER A 79 -7.70 -11.31 18.11
C SER A 79 -8.99 -10.60 17.77
N SER A 80 -9.82 -11.26 16.96
CA SER A 80 -11.10 -10.69 16.55
C SER A 80 -12.09 -11.79 16.18
N GLY A 81 -13.37 -11.54 16.42
CA GLY A 81 -14.40 -12.52 16.11
C GLY A 81 -14.79 -12.51 14.64
N GLY A 1 21.34 22.01 12.54
CA GLY A 1 21.09 22.99 13.59
C GLY A 1 19.92 23.90 13.27
N SER A 2 19.86 24.39 12.03
CA SER A 2 18.79 25.28 11.61
C SER A 2 17.94 24.62 10.52
N SER A 3 17.66 23.33 10.70
CA SER A 3 16.86 22.59 9.73
C SER A 3 15.88 21.65 10.44
N GLY A 4 14.78 21.34 9.77
CA GLY A 4 13.79 20.45 10.35
C GLY A 4 12.47 20.48 9.59
N SER A 5 12.49 19.98 8.36
CA SER A 5 11.29 19.95 7.53
C SER A 5 11.29 18.73 6.61
N SER A 6 10.18 18.52 5.92
CA SER A 6 10.05 17.38 5.01
C SER A 6 11.01 17.51 3.84
N GLY A 7 11.01 16.50 2.97
CA GLY A 7 11.88 16.51 1.81
C GLY A 7 13.31 16.15 2.17
N LEU A 8 13.82 16.72 3.25
CA LEU A 8 15.18 16.46 3.69
C LEU A 8 15.28 15.10 4.38
N ASN A 9 16.50 14.69 4.70
CA ASN A 9 16.72 13.41 5.36
C ASN A 9 15.78 13.25 6.56
N ASP A 10 15.43 14.36 7.19
CA ASP A 10 14.53 14.34 8.34
C ASP A 10 13.14 13.85 7.93
N LEU A 11 12.60 12.92 8.71
CA LEU A 11 11.28 12.37 8.44
C LEU A 11 10.27 12.82 9.49
N LYS A 12 9.10 13.26 9.03
CA LYS A 12 8.05 13.72 9.94
C LYS A 12 7.35 12.53 10.60
N GLU A 13 6.71 12.79 11.73
CA GLU A 13 6.00 11.75 12.46
C GLU A 13 4.55 11.65 12.00
N SER A 14 4.35 11.70 10.68
CA SER A 14 3.01 11.63 10.10
C SER A 14 2.69 10.20 9.67
N SER A 15 2.29 9.38 10.63
CA SER A 15 1.94 7.99 10.35
C SER A 15 0.46 7.84 10.07
N ASN A 16 -0.05 8.65 9.15
CA ASN A 16 -1.46 8.61 8.79
C ASN A 16 -1.72 7.56 7.72
N ASN A 17 -1.04 6.42 7.83
CA ASN A 17 -1.21 5.33 6.87
C ASN A 17 -0.75 4.00 7.47
N ARG A 18 -1.19 2.91 6.87
CA ARG A 18 -0.83 1.58 7.35
C ARG A 18 0.26 0.96 6.47
N LYS A 19 0.94 -0.04 7.01
CA LYS A 19 2.00 -0.72 6.27
C LYS A 19 1.78 -2.23 6.26
N ALA A 20 2.15 -2.86 5.15
CA ALA A 20 1.99 -4.31 5.01
C ALA A 20 3.04 -4.88 4.07
N ARG A 21 3.37 -6.15 4.25
CA ARG A 21 4.36 -6.82 3.42
C ARG A 21 3.67 -7.74 2.40
N VAL A 22 4.05 -7.58 1.13
CA VAL A 22 3.48 -8.39 0.06
C VAL A 22 3.99 -9.83 0.13
N LEU A 23 3.10 -10.78 -0.12
CA LEU A 23 3.46 -12.20 -0.09
C LEU A 23 3.74 -12.71 -1.50
N TYR A 24 3.10 -12.12 -2.48
CA TYR A 24 3.28 -12.51 -3.88
C TYR A 24 3.13 -11.32 -4.81
N ASP A 25 3.97 -11.27 -5.84
CA ASP A 25 3.92 -10.19 -6.81
C ASP A 25 2.57 -10.14 -7.52
N TYR A 26 1.91 -8.99 -7.47
CA TYR A 26 0.61 -8.82 -8.10
C TYR A 26 0.71 -7.93 -9.32
N ASP A 27 0.17 -8.40 -10.45
CA ASP A 27 0.20 -7.64 -11.69
C ASP A 27 -1.12 -6.91 -11.91
N ALA A 28 -1.12 -5.60 -11.66
CA ALA A 28 -2.31 -4.78 -11.83
C ALA A 28 -2.98 -5.07 -13.16
N ALA A 29 -4.27 -5.38 -13.11
CA ALA A 29 -5.04 -5.68 -14.32
C ALA A 29 -5.43 -4.40 -15.05
N ASN A 30 -5.63 -3.33 -14.28
CA ASN A 30 -6.01 -2.04 -14.86
C ASN A 30 -5.34 -0.89 -14.11
N SER A 31 -5.55 0.33 -14.60
CA SER A 31 -4.96 1.51 -13.98
C SER A 31 -5.33 1.59 -12.51
N THR A 32 -6.63 1.62 -12.23
CA THR A 32 -7.11 1.70 -10.85
C THR A 32 -6.30 0.80 -9.93
N GLU A 33 -5.89 -0.35 -10.45
CA GLU A 33 -5.10 -1.31 -9.67
C GLU A 33 -3.61 -1.00 -9.78
N LEU A 34 -2.85 -1.39 -8.76
CA LEU A 34 -1.42 -1.16 -8.74
C LEU A 34 -0.65 -2.48 -8.65
N SER A 35 0.53 -2.52 -9.26
CA SER A 35 1.36 -3.71 -9.25
C SER A 35 2.12 -3.84 -7.94
N LEU A 36 2.16 -5.04 -7.40
CA LEU A 36 2.86 -5.31 -6.14
C LEU A 36 3.97 -6.32 -6.33
N LEU A 37 5.05 -6.15 -5.57
CA LEU A 37 6.20 -7.06 -5.67
C LEU A 37 6.18 -8.06 -4.51
N ALA A 38 6.85 -9.19 -4.71
CA ALA A 38 6.93 -10.22 -3.69
C ALA A 38 8.01 -9.91 -2.66
N ASP A 39 7.64 -9.97 -1.38
CA ASP A 39 8.59 -9.69 -0.30
C ASP A 39 8.85 -8.19 -0.19
N GLU A 40 7.87 -7.39 -0.56
CA GLU A 40 8.00 -5.94 -0.51
C GLU A 40 7.06 -5.35 0.54
N VAL A 41 7.12 -4.03 0.71
CA VAL A 41 6.27 -3.34 1.67
C VAL A 41 5.88 -1.95 1.16
N ILE A 42 4.58 -1.72 1.04
CA ILE A 42 4.07 -0.43 0.57
C ILE A 42 3.06 0.15 1.55
N THR A 43 2.63 1.38 1.28
CA THR A 43 1.66 2.05 2.13
C THR A 43 0.23 1.72 1.71
N VAL A 44 -0.55 1.18 2.64
CA VAL A 44 -1.93 0.82 2.35
C VAL A 44 -2.89 1.56 3.28
N PHE A 45 -4.02 1.99 2.73
CA PHE A 45 -5.03 2.72 3.49
C PHE A 45 -6.43 2.45 2.95
N SER A 46 -7.39 2.36 3.86
CA SER A 46 -8.78 2.11 3.48
C SER A 46 -9.47 3.39 3.05
N VAL A 47 -10.33 3.29 2.04
CA VAL A 47 -11.06 4.44 1.53
C VAL A 47 -12.56 4.15 1.46
N VAL A 48 -13.37 5.16 1.81
CA VAL A 48 -14.82 5.01 1.79
C VAL A 48 -15.27 4.27 0.54
N GLY A 49 -16.11 3.26 0.73
CA GLY A 49 -16.61 2.49 -0.40
C GLY A 49 -15.69 1.34 -0.76
N MET A 50 -14.40 1.57 -0.65
CA MET A 50 -13.41 0.55 -0.98
C MET A 50 -13.85 -0.82 -0.44
N ASP A 51 -13.42 -1.87 -1.12
CA ASP A 51 -13.77 -3.23 -0.71
C ASP A 51 -12.81 -3.74 0.36
N SER A 52 -13.34 -4.51 1.30
CA SER A 52 -12.53 -5.06 2.39
C SER A 52 -11.41 -5.95 1.84
N ASP A 53 -11.58 -6.41 0.60
CA ASP A 53 -10.59 -7.26 -0.04
C ASP A 53 -9.64 -6.43 -0.91
N TRP A 54 -9.67 -5.13 -0.73
CA TRP A 54 -8.82 -4.23 -1.50
C TRP A 54 -8.51 -2.96 -0.71
N LEU A 55 -7.23 -2.58 -0.67
CA LEU A 55 -6.80 -1.40 0.05
C LEU A 55 -6.15 -0.39 -0.89
N MET A 56 -6.00 0.84 -0.42
CA MET A 56 -5.39 1.90 -1.22
C MET A 56 -3.86 1.82 -1.15
N GLY A 57 -3.25 1.26 -2.18
CA GLY A 57 -1.80 1.14 -2.20
C GLY A 57 -1.13 2.30 -2.91
N GLU A 58 0.03 2.70 -2.42
CA GLU A 58 0.78 3.82 -3.00
C GLU A 58 2.25 3.46 -3.17
N ARG A 59 2.68 3.32 -4.42
CA ARG A 59 4.06 2.98 -4.71
C ARG A 59 4.76 4.13 -5.44
N GLY A 60 5.76 4.72 -4.79
CA GLY A 60 6.48 5.82 -5.39
C GLY A 60 5.58 6.98 -5.78
N ASN A 61 5.36 7.14 -7.08
CA ASN A 61 4.52 8.21 -7.58
C ASN A 61 3.28 7.64 -8.29
N GLN A 62 2.65 6.66 -7.65
CA GLN A 62 1.46 6.03 -8.21
C GLN A 62 0.45 5.70 -7.12
N LYS A 63 -0.77 5.36 -7.53
CA LYS A 63 -1.82 5.02 -6.58
C LYS A 63 -2.85 4.09 -7.22
N GLY A 64 -3.41 3.19 -6.43
CA GLY A 64 -4.40 2.25 -6.93
C GLY A 64 -4.88 1.28 -5.87
N LYS A 65 -5.64 0.28 -6.29
CA LYS A 65 -6.17 -0.71 -5.37
C LYS A 65 -5.19 -1.88 -5.21
N VAL A 66 -5.17 -2.46 -4.01
CA VAL A 66 -4.28 -3.58 -3.73
C VAL A 66 -5.02 -4.69 -2.99
N PRO A 67 -4.85 -5.93 -3.47
CA PRO A 67 -5.49 -7.11 -2.88
C PRO A 67 -4.92 -7.45 -1.51
N ILE A 68 -5.77 -7.44 -0.50
CA ILE A 68 -5.35 -7.75 0.86
C ILE A 68 -4.83 -9.18 0.96
N THR A 69 -5.45 -10.08 0.21
CA THR A 69 -5.05 -11.48 0.20
C THR A 69 -3.58 -11.64 -0.16
N TYR A 70 -3.01 -10.60 -0.78
CA TYR A 70 -1.60 -10.62 -1.17
C TYR A 70 -0.75 -9.86 -0.17
N LEU A 71 -1.40 -9.11 0.72
CA LEU A 71 -0.70 -8.33 1.73
C LEU A 71 -0.88 -8.94 3.10
N GLU A 72 0.12 -8.75 3.97
CA GLU A 72 0.06 -9.29 5.33
C GLU A 72 0.32 -8.19 6.35
N LEU A 73 -0.75 -7.50 6.76
CA LEU A 73 -0.63 -6.43 7.74
C LEU A 73 0.22 -6.85 8.92
N LEU A 74 1.44 -6.32 8.98
CA LEU A 74 2.37 -6.65 10.07
C LEU A 74 1.88 -6.06 11.39
N ASN A 75 0.98 -6.76 12.06
CA ASN A 75 0.44 -6.31 13.33
C ASN A 75 1.08 -7.06 14.50
N SER A 76 1.32 -6.35 15.59
CA SER A 76 1.93 -6.95 16.78
C SER A 76 1.83 -6.01 17.97
N GLY A 77 1.04 -6.40 18.97
CA GLY A 77 0.87 -5.58 20.15
C GLY A 77 0.10 -6.30 21.25
N PRO A 78 0.43 -5.99 22.51
CA PRO A 78 -0.21 -6.59 23.67
C PRO A 78 -1.66 -6.13 23.84
N SER A 79 -2.04 -5.10 23.09
CA SER A 79 -3.39 -4.56 23.15
C SER A 79 -4.22 -5.05 21.97
N SER A 80 -3.79 -4.70 20.77
CA SER A 80 -4.50 -5.10 19.55
C SER A 80 -3.57 -5.89 18.62
N GLY A 81 -4.17 -6.49 17.59
CA GLY A 81 -3.39 -7.27 16.65
C GLY A 81 -4.25 -8.21 15.83
N GLY A 1 0.51 32.76 -3.24
CA GLY A 1 1.91 33.15 -3.24
C GLY A 1 2.80 32.14 -2.54
N SER A 2 3.20 31.10 -3.27
CA SER A 2 4.05 30.06 -2.72
C SER A 2 4.49 29.08 -3.80
N SER A 3 5.58 28.36 -3.54
CA SER A 3 6.11 27.39 -4.49
C SER A 3 5.58 26.00 -4.20
N GLY A 4 5.10 25.32 -5.23
CA GLY A 4 4.56 23.98 -5.07
C GLY A 4 5.66 22.93 -4.94
N SER A 5 6.41 23.01 -3.84
CA SER A 5 7.50 22.06 -3.61
C SER A 5 7.79 21.94 -2.12
N SER A 6 8.28 20.77 -1.71
CA SER A 6 8.60 20.52 -0.31
C SER A 6 9.94 21.15 0.07
N GLY A 7 10.97 20.86 -0.72
CA GLY A 7 12.28 21.40 -0.45
C GLY A 7 13.14 20.46 0.37
N LEU A 8 12.88 20.40 1.67
CA LEU A 8 13.63 19.54 2.57
C LEU A 8 13.56 18.08 2.12
N ASN A 9 14.45 17.26 2.66
CA ASN A 9 14.48 15.84 2.31
C ASN A 9 13.08 15.25 2.28
N ASP A 10 12.44 15.19 3.45
CA ASP A 10 11.10 14.65 3.56
C ASP A 10 10.55 14.84 4.97
N LEU A 11 9.64 15.80 5.13
CA LEU A 11 9.04 16.07 6.43
C LEU A 11 7.52 16.15 6.32
N LYS A 12 6.84 15.21 6.96
CA LYS A 12 5.38 15.18 6.94
C LYS A 12 4.82 15.05 8.36
N GLU A 13 3.68 15.69 8.59
CA GLU A 13 3.03 15.66 9.90
C GLU A 13 1.74 14.86 9.85
N SER A 14 0.98 15.03 8.77
CA SER A 14 -0.29 14.33 8.61
C SER A 14 -0.06 12.96 7.98
N SER A 15 0.89 12.21 8.52
CA SER A 15 1.21 10.87 8.02
C SER A 15 0.38 9.82 8.74
N ASN A 16 -0.78 9.49 8.16
CA ASN A 16 -1.67 8.50 8.75
C ASN A 16 -1.99 7.40 7.74
N ASN A 17 -1.22 6.32 7.79
CA ASN A 17 -1.42 5.19 6.88
C ASN A 17 -0.99 3.88 7.53
N ARG A 18 -1.27 2.78 6.85
CA ARG A 18 -0.91 1.45 7.36
C ARG A 18 0.20 0.83 6.51
N LYS A 19 0.83 -0.21 7.05
CA LYS A 19 1.89 -0.90 6.33
C LYS A 19 1.66 -2.40 6.30
N ALA A 20 1.88 -3.02 5.14
CA ALA A 20 1.69 -4.45 4.99
C ALA A 20 2.74 -5.05 4.07
N ARG A 21 3.16 -6.27 4.38
CA ARG A 21 4.18 -6.95 3.58
C ARG A 21 3.53 -7.80 2.49
N VAL A 22 4.07 -7.71 1.28
CA VAL A 22 3.54 -8.47 0.15
C VAL A 22 3.97 -9.93 0.21
N LEU A 23 3.04 -10.83 -0.09
CA LEU A 23 3.32 -12.26 -0.06
C LEU A 23 3.65 -12.77 -1.46
N TYR A 24 3.04 -12.16 -2.47
CA TYR A 24 3.27 -12.55 -3.86
C TYR A 24 3.23 -11.34 -4.78
N ASP A 25 4.03 -11.39 -5.84
CA ASP A 25 4.08 -10.29 -6.82
C ASP A 25 2.78 -10.22 -7.61
N TYR A 26 2.08 -9.10 -7.49
CA TYR A 26 0.83 -8.90 -8.19
C TYR A 26 1.02 -7.96 -9.38
N ASP A 27 0.18 -8.14 -10.40
CA ASP A 27 0.25 -7.30 -11.61
C ASP A 27 -1.09 -6.62 -11.87
N ALA A 28 -1.15 -5.33 -11.55
CA ALA A 28 -2.38 -4.56 -11.75
C ALA A 28 -3.08 -4.97 -13.04
N ALA A 29 -4.40 -5.04 -13.00
CA ALA A 29 -5.19 -5.42 -14.17
C ALA A 29 -5.66 -4.18 -14.94
N ASN A 30 -5.93 -3.11 -14.22
CA ASN A 30 -6.39 -1.87 -14.82
C ASN A 30 -5.82 -0.65 -14.10
N SER A 31 -6.25 0.54 -14.51
CA SER A 31 -5.77 1.77 -13.90
C SER A 31 -6.25 1.88 -12.46
N THR A 32 -7.13 0.96 -12.06
CA THR A 32 -7.66 0.96 -10.70
C THR A 32 -6.94 -0.06 -9.82
N GLU A 33 -5.68 -0.32 -10.16
CA GLU A 33 -4.86 -1.27 -9.40
C GLU A 33 -3.37 -0.97 -9.58
N LEU A 34 -2.58 -1.42 -8.61
CA LEU A 34 -1.14 -1.20 -8.65
C LEU A 34 -0.39 -2.53 -8.60
N SER A 35 0.82 -2.54 -9.16
CA SER A 35 1.64 -3.75 -9.18
C SER A 35 2.32 -3.96 -7.83
N LEU A 36 2.41 -5.22 -7.42
CA LEU A 36 3.03 -5.57 -6.15
C LEU A 36 4.19 -6.53 -6.35
N LEU A 37 5.15 -6.52 -5.43
CA LEU A 37 6.31 -7.39 -5.52
C LEU A 37 6.41 -8.28 -4.27
N ALA A 38 6.98 -9.47 -4.45
CA ALA A 38 7.14 -10.40 -3.35
C ALA A 38 8.22 -9.93 -2.37
N ASP A 39 7.86 -9.89 -1.09
CA ASP A 39 8.79 -9.46 -0.05
C ASP A 39 8.97 -7.94 -0.08
N GLU A 40 7.85 -7.22 -0.23
CA GLU A 40 7.89 -5.77 -0.28
C GLU A 40 6.77 -5.18 0.58
N VAL A 41 7.12 -4.16 1.37
CA VAL A 41 6.14 -3.52 2.25
C VAL A 41 5.86 -2.09 1.77
N ILE A 42 4.61 -1.85 1.37
CA ILE A 42 4.20 -0.54 0.90
C ILE A 42 3.16 0.08 1.82
N THR A 43 2.77 1.32 1.52
CA THR A 43 1.77 2.02 2.32
C THR A 43 0.36 1.70 1.83
N VAL A 44 -0.45 1.13 2.71
CA VAL A 44 -1.83 0.78 2.37
C VAL A 44 -2.82 1.51 3.28
N PHE A 45 -3.98 1.81 2.74
CA PHE A 45 -5.02 2.51 3.50
C PHE A 45 -6.40 2.27 2.89
N SER A 46 -7.41 2.20 3.74
CA SER A 46 -8.78 1.97 3.29
C SER A 46 -9.46 3.29 2.93
N VAL A 47 -10.22 3.27 1.84
CA VAL A 47 -10.92 4.47 1.38
C VAL A 47 -12.43 4.26 1.40
N VAL A 48 -13.16 5.28 1.84
CA VAL A 48 -14.62 5.21 1.92
C VAL A 48 -15.19 4.43 0.74
N GLY A 49 -15.99 3.41 1.05
CA GLY A 49 -16.59 2.60 0.01
C GLY A 49 -15.68 1.46 -0.43
N MET A 50 -14.38 1.73 -0.48
CA MET A 50 -13.41 0.72 -0.89
C MET A 50 -13.85 -0.68 -0.41
N ASP A 51 -13.48 -1.69 -1.18
CA ASP A 51 -13.83 -3.06 -0.84
C ASP A 51 -12.91 -3.60 0.25
N SER A 52 -13.43 -4.52 1.07
CA SER A 52 -12.67 -5.10 2.16
C SER A 52 -11.55 -5.99 1.61
N ASP A 53 -11.69 -6.41 0.35
CA ASP A 53 -10.70 -7.26 -0.28
C ASP A 53 -9.74 -6.44 -1.14
N TRP A 54 -9.74 -5.14 -0.91
CA TRP A 54 -8.87 -4.24 -1.66
C TRP A 54 -8.52 -3.00 -0.85
N LEU A 55 -7.23 -2.66 -0.81
CA LEU A 55 -6.77 -1.50 -0.06
C LEU A 55 -6.15 -0.46 -1.00
N MET A 56 -5.86 0.72 -0.45
CA MET A 56 -5.27 1.80 -1.24
C MET A 56 -3.75 1.76 -1.13
N GLY A 57 -3.10 1.25 -2.16
CA GLY A 57 -1.65 1.17 -2.17
C GLY A 57 -1.00 2.40 -2.76
N GLU A 58 0.22 2.69 -2.33
CA GLU A 58 0.94 3.86 -2.83
C GLU A 58 2.43 3.55 -2.98
N ARG A 59 2.89 3.48 -4.22
CA ARG A 59 4.30 3.19 -4.49
C ARG A 59 4.96 4.36 -5.19
N GLY A 60 5.89 5.02 -4.50
CA GLY A 60 6.59 6.16 -5.07
C GLY A 60 5.65 7.27 -5.47
N ASN A 61 5.37 7.38 -6.76
CA ASN A 61 4.48 8.42 -7.27
C ASN A 61 3.30 7.80 -8.00
N GLN A 62 2.77 6.71 -7.45
CA GLN A 62 1.63 6.02 -8.06
C GLN A 62 0.64 5.59 -6.98
N LYS A 63 -0.56 5.21 -7.42
CA LYS A 63 -1.61 4.77 -6.50
C LYS A 63 -2.58 3.83 -7.20
N GLY A 64 -3.19 2.94 -6.42
CA GLY A 64 -4.14 1.99 -6.98
C GLY A 64 -4.66 1.01 -5.95
N LYS A 65 -5.59 0.16 -6.36
CA LYS A 65 -6.17 -0.83 -5.46
C LYS A 65 -5.27 -2.05 -5.35
N VAL A 66 -5.09 -2.54 -4.12
CA VAL A 66 -4.26 -3.71 -3.87
C VAL A 66 -5.04 -4.80 -3.15
N PRO A 67 -4.90 -6.04 -3.64
CA PRO A 67 -5.59 -7.20 -3.05
C PRO A 67 -5.04 -7.57 -1.68
N ILE A 68 -5.88 -7.52 -0.67
CA ILE A 68 -5.47 -7.85 0.69
C ILE A 68 -4.95 -9.28 0.77
N THR A 69 -5.57 -10.18 0.00
CA THR A 69 -5.17 -11.57 -0.02
C THR A 69 -3.68 -11.72 -0.33
N TYR A 70 -3.11 -10.70 -0.95
CA TYR A 70 -1.70 -10.71 -1.32
C TYR A 70 -0.87 -9.94 -0.29
N LEU A 71 -1.55 -9.18 0.56
CA LEU A 71 -0.88 -8.40 1.59
C LEU A 71 -1.11 -9.01 2.98
N GLU A 72 -0.13 -8.84 3.86
CA GLU A 72 -0.23 -9.37 5.21
C GLU A 72 0.03 -8.27 6.24
N LEU A 73 -1.01 -7.51 6.54
CA LEU A 73 -0.91 -6.42 7.51
C LEU A 73 -0.14 -6.86 8.75
N LEU A 74 1.03 -6.26 8.95
CA LEU A 74 1.87 -6.61 10.10
C LEU A 74 1.33 -5.95 11.37
N ASN A 75 0.70 -6.74 12.22
CA ASN A 75 0.14 -6.25 13.47
C ASN A 75 1.21 -5.56 14.31
N SER A 76 2.39 -6.17 14.38
CA SER A 76 3.50 -5.62 15.15
C SER A 76 4.34 -4.68 14.29
N GLY A 77 4.24 -3.39 14.57
CA GLY A 77 4.99 -2.40 13.81
C GLY A 77 5.12 -1.08 14.55
N PRO A 78 5.66 -0.06 13.86
CA PRO A 78 5.85 1.27 14.44
C PRO A 78 4.53 1.99 14.67
N SER A 79 3.43 1.35 14.29
CA SER A 79 2.11 1.94 14.46
C SER A 79 1.87 2.35 15.91
N SER A 80 1.75 3.65 16.14
CA SER A 80 1.53 4.17 17.48
C SER A 80 0.26 5.02 17.53
N GLY A 81 -0.75 4.53 18.23
CA GLY A 81 -2.00 5.26 18.34
C GLY A 81 -3.22 4.35 18.23
N GLY A 1 -6.77 13.87 -6.63
CA GLY A 1 -5.47 13.33 -6.26
C GLY A 1 -4.33 14.02 -6.99
N SER A 2 -3.61 13.27 -7.82
CA SER A 2 -2.49 13.81 -8.56
C SER A 2 -2.74 13.72 -10.06
N SER A 3 -2.94 12.50 -10.55
CA SER A 3 -3.19 12.28 -11.97
C SER A 3 -1.94 12.57 -12.80
N GLY A 4 -0.78 12.20 -12.25
CA GLY A 4 0.47 12.44 -12.94
C GLY A 4 0.88 13.89 -12.93
N SER A 5 1.58 14.29 -11.88
CA SER A 5 2.03 15.67 -11.73
C SER A 5 3.56 15.74 -11.73
N SER A 6 4.11 16.48 -12.69
CA SER A 6 5.56 16.63 -12.80
C SER A 6 5.98 18.06 -12.50
N GLY A 7 6.90 18.22 -11.55
CA GLY A 7 7.37 19.54 -11.19
C GLY A 7 7.41 19.75 -9.68
N LEU A 8 6.26 20.01 -9.09
CA LEU A 8 6.17 20.24 -7.65
C LEU A 8 6.41 18.94 -6.89
N ASN A 9 5.61 17.92 -7.19
CA ASN A 9 5.74 16.62 -6.53
C ASN A 9 5.96 16.79 -5.03
N ASP A 10 5.23 17.73 -4.43
CA ASP A 10 5.34 17.99 -3.01
C ASP A 10 5.35 16.69 -2.21
N LEU A 11 6.04 16.70 -1.08
CA LEU A 11 6.14 15.52 -0.23
C LEU A 11 5.82 15.87 1.22
N LYS A 12 4.87 15.12 1.80
CA LYS A 12 4.48 15.35 3.19
C LYS A 12 5.24 14.43 4.14
N GLU A 13 5.47 14.90 5.36
CA GLU A 13 6.18 14.11 6.35
C GLU A 13 5.25 13.68 7.48
N SER A 14 4.52 12.60 7.26
CA SER A 14 3.58 12.09 8.25
C SER A 14 3.01 10.74 7.84
N SER A 15 3.07 9.76 8.74
CA SER A 15 2.57 8.43 8.46
C SER A 15 1.16 8.25 9.00
N ASN A 16 0.16 8.54 8.17
CA ASN A 16 -1.23 8.41 8.56
C ASN A 16 -1.91 7.27 7.80
N ASN A 17 -1.17 6.18 7.60
CA ASN A 17 -1.71 5.02 6.90
C ASN A 17 -1.20 3.73 7.51
N ARG A 18 -1.64 2.60 6.96
CA ARG A 18 -1.22 1.29 7.46
C ARG A 18 -0.05 0.75 6.64
N LYS A 19 0.58 -0.30 7.16
CA LYS A 19 1.71 -0.91 6.49
C LYS A 19 1.56 -2.43 6.43
N ALA A 20 1.93 -3.01 5.30
CA ALA A 20 1.83 -4.46 5.12
C ALA A 20 2.88 -4.96 4.13
N ARG A 21 3.29 -6.22 4.29
CA ARG A 21 4.28 -6.82 3.41
C ARG A 21 3.62 -7.71 2.37
N VAL A 22 4.06 -7.58 1.13
CA VAL A 22 3.51 -8.38 0.03
C VAL A 22 3.98 -9.83 0.12
N LEU A 23 3.04 -10.76 0.02
CA LEU A 23 3.37 -12.18 0.08
C LEU A 23 3.65 -12.74 -1.30
N TYR A 24 2.95 -12.21 -2.30
CA TYR A 24 3.13 -12.66 -3.68
C TYR A 24 2.99 -11.50 -4.65
N ASP A 25 3.66 -11.60 -5.79
CA ASP A 25 3.62 -10.56 -6.81
C ASP A 25 2.23 -10.46 -7.43
N TYR A 26 1.86 -9.25 -7.84
CA TYR A 26 0.55 -9.02 -8.45
C TYR A 26 0.68 -8.15 -9.70
N ASP A 27 -0.20 -8.39 -10.67
CA ASP A 27 -0.19 -7.62 -11.91
C ASP A 27 -1.46 -6.79 -12.04
N ALA A 28 -1.34 -5.49 -11.79
CA ALA A 28 -2.49 -4.59 -11.89
C ALA A 28 -3.21 -4.76 -13.22
N ALA A 29 -4.50 -5.05 -13.15
CA ALA A 29 -5.31 -5.24 -14.34
C ALA A 29 -5.52 -3.92 -15.08
N ASN A 30 -5.74 -2.86 -14.32
CA ASN A 30 -5.95 -1.53 -14.90
C ASN A 30 -5.29 -0.46 -14.05
N SER A 31 -5.43 0.81 -14.48
CA SER A 31 -4.84 1.92 -13.76
C SER A 31 -5.25 1.90 -12.29
N THR A 32 -6.55 1.85 -12.05
CA THR A 32 -7.07 1.83 -10.68
C THR A 32 -6.27 0.87 -9.81
N GLU A 33 -5.83 -0.24 -10.40
CA GLU A 33 -5.06 -1.23 -9.66
C GLU A 33 -3.57 -0.93 -9.75
N LEU A 34 -2.81 -1.43 -8.78
CA LEU A 34 -1.37 -1.20 -8.74
C LEU A 34 -0.62 -2.53 -8.68
N SER A 35 0.61 -2.53 -9.22
CA SER A 35 1.43 -3.73 -9.23
C SER A 35 2.12 -3.94 -7.88
N LEU A 36 2.17 -5.19 -7.45
CA LEU A 36 2.80 -5.52 -6.17
C LEU A 36 3.95 -6.52 -6.37
N LEU A 37 5.06 -6.28 -5.67
CA LEU A 37 6.22 -7.15 -5.76
C LEU A 37 6.33 -8.06 -4.55
N ALA A 38 6.73 -9.30 -4.78
CA ALA A 38 6.87 -10.28 -3.70
C ALA A 38 7.96 -9.85 -2.72
N ASP A 39 7.61 -9.82 -1.44
CA ASP A 39 8.55 -9.42 -0.40
C ASP A 39 8.76 -7.91 -0.40
N GLU A 40 7.68 -7.16 -0.53
CA GLU A 40 7.75 -5.71 -0.56
C GLU A 40 6.67 -5.09 0.33
N VAL A 41 7.06 -4.17 1.19
CA VAL A 41 6.13 -3.51 2.10
C VAL A 41 5.80 -2.10 1.60
N ILE A 42 4.51 -1.84 1.38
CA ILE A 42 4.06 -0.53 0.92
C ILE A 42 3.03 0.06 1.86
N THR A 43 2.61 1.28 1.56
CA THR A 43 1.61 1.96 2.38
C THR A 43 0.20 1.60 1.96
N VAL A 44 -0.58 1.04 2.88
CA VAL A 44 -1.95 0.64 2.59
C VAL A 44 -2.93 1.41 3.48
N PHE A 45 -4.09 1.74 2.91
CA PHE A 45 -5.11 2.47 3.65
C PHE A 45 -6.49 2.26 3.02
N SER A 46 -7.52 2.21 3.86
CA SER A 46 -8.89 2.01 3.39
C SER A 46 -9.44 3.30 2.80
N VAL A 47 -10.43 3.15 1.92
CA VAL A 47 -11.06 4.31 1.28
C VAL A 47 -12.56 4.08 1.08
N VAL A 48 -13.32 5.16 1.19
CA VAL A 48 -14.77 5.08 1.02
C VAL A 48 -15.15 4.30 -0.23
N GLY A 49 -16.04 3.33 -0.07
CA GLY A 49 -16.48 2.53 -1.19
C GLY A 49 -15.50 1.41 -1.50
N MET A 50 -14.27 1.55 -1.04
CA MET A 50 -13.24 0.55 -1.27
C MET A 50 -13.67 -0.80 -0.74
N ASP A 51 -13.49 -1.85 -1.54
CA ASP A 51 -13.86 -3.20 -1.14
C ASP A 51 -12.98 -3.69 0.00
N SER A 52 -13.54 -4.54 0.87
CA SER A 52 -12.80 -5.08 2.00
C SER A 52 -11.64 -5.94 1.53
N ASP A 53 -11.77 -6.49 0.33
CA ASP A 53 -10.72 -7.34 -0.23
C ASP A 53 -9.73 -6.52 -1.05
N TRP A 54 -9.74 -5.21 -0.83
CA TRP A 54 -8.84 -4.31 -1.55
C TRP A 54 -8.55 -3.06 -0.71
N LEU A 55 -7.29 -2.65 -0.71
CA LEU A 55 -6.87 -1.48 0.04
C LEU A 55 -6.21 -0.45 -0.87
N MET A 56 -5.91 0.72 -0.31
CA MET A 56 -5.27 1.78 -1.08
C MET A 56 -3.75 1.71 -0.95
N GLY A 57 -3.09 1.16 -1.97
CA GLY A 57 -1.65 1.04 -1.94
C GLY A 57 -0.96 2.19 -2.64
N GLU A 58 0.15 2.64 -2.08
CA GLU A 58 0.90 3.76 -2.65
C GLU A 58 2.36 3.37 -2.87
N ARG A 59 2.75 3.23 -4.13
CA ARG A 59 4.12 2.86 -4.47
C ARG A 59 4.85 4.02 -5.14
N GLY A 60 5.75 4.66 -4.39
CA GLY A 60 6.49 5.78 -4.92
C GLY A 60 5.61 6.97 -5.25
N ASN A 61 5.28 7.14 -6.52
CA ASN A 61 4.44 8.25 -6.96
C ASN A 61 3.20 7.73 -7.69
N GLN A 62 2.64 6.64 -7.18
CA GLN A 62 1.44 6.05 -7.78
C GLN A 62 0.48 5.56 -6.71
N LYS A 63 -0.76 5.29 -7.12
CA LYS A 63 -1.78 4.82 -6.19
C LYS A 63 -2.81 3.95 -6.90
N GLY A 64 -3.35 2.98 -6.18
CA GLY A 64 -4.34 2.09 -6.77
C GLY A 64 -4.92 1.11 -5.77
N LYS A 65 -5.63 0.10 -6.26
CA LYS A 65 -6.23 -0.90 -5.40
C LYS A 65 -5.33 -2.12 -5.27
N VAL A 66 -5.09 -2.54 -4.03
CA VAL A 66 -4.23 -3.69 -3.76
C VAL A 66 -5.00 -4.80 -3.05
N PRO A 67 -4.85 -6.03 -3.55
CA PRO A 67 -5.54 -7.20 -2.98
C PRO A 67 -4.99 -7.58 -1.60
N ILE A 68 -5.86 -7.56 -0.60
CA ILE A 68 -5.46 -7.90 0.76
C ILE A 68 -4.94 -9.32 0.84
N THR A 69 -5.53 -10.21 0.04
CA THR A 69 -5.12 -11.61 0.02
C THR A 69 -3.63 -11.74 -0.27
N TYR A 70 -3.06 -10.71 -0.87
CA TYR A 70 -1.63 -10.71 -1.22
C TYR A 70 -0.83 -9.90 -0.22
N LEU A 71 -1.54 -9.16 0.65
CA LEU A 71 -0.89 -8.34 1.66
C LEU A 71 -1.10 -8.94 3.06
N GLU A 72 -0.09 -8.78 3.91
CA GLU A 72 -0.16 -9.29 5.27
C GLU A 72 0.09 -8.18 6.29
N LEU A 73 -0.98 -7.46 6.64
CA LEU A 73 -0.87 -6.37 7.60
C LEU A 73 -0.05 -6.78 8.82
N LEU A 74 1.18 -6.29 8.88
CA LEU A 74 2.08 -6.60 9.99
C LEU A 74 1.53 -6.05 11.31
N ASN A 75 2.27 -6.28 12.39
CA ASN A 75 1.86 -5.80 13.71
C ASN A 75 2.96 -6.04 14.73
N SER A 76 3.47 -4.95 15.31
CA SER A 76 4.52 -5.04 16.31
C SER A 76 4.41 -3.91 17.32
N GLY A 77 4.29 -4.26 18.60
CA GLY A 77 4.17 -3.26 19.64
C GLY A 77 5.37 -2.32 19.67
N PRO A 78 5.40 -1.44 20.69
CA PRO A 78 6.49 -0.48 20.86
C PRO A 78 7.81 -1.14 21.26
N SER A 79 8.66 -1.38 20.26
CA SER A 79 9.95 -2.01 20.51
C SER A 79 10.66 -1.37 21.69
N SER A 80 11.51 -2.14 22.36
CA SER A 80 12.24 -1.65 23.52
C SER A 80 13.26 -2.68 23.99
N GLY A 81 14.51 -2.24 24.17
CA GLY A 81 15.55 -3.14 24.61
C GLY A 81 16.48 -2.49 25.63
N GLY A 1 27.31 6.50 -11.34
CA GLY A 1 26.11 6.96 -12.00
C GLY A 1 24.84 6.45 -11.34
N SER A 2 23.86 6.09 -12.15
CA SER A 2 22.58 5.59 -11.63
C SER A 2 22.09 6.43 -10.47
N SER A 3 22.10 7.75 -10.66
CA SER A 3 21.66 8.69 -9.63
C SER A 3 20.21 8.41 -9.24
N GLY A 4 19.88 8.70 -7.99
CA GLY A 4 18.52 8.48 -7.51
C GLY A 4 17.91 9.73 -6.89
N SER A 5 17.56 9.63 -5.61
CA SER A 5 16.96 10.75 -4.89
C SER A 5 17.00 10.52 -3.39
N SER A 6 16.68 11.56 -2.63
CA SER A 6 16.68 11.47 -1.17
C SER A 6 15.35 11.92 -0.60
N GLY A 7 14.88 13.09 -1.04
CA GLY A 7 13.62 13.61 -0.56
C GLY A 7 13.39 15.04 -0.98
N LEU A 8 14.31 15.93 -0.62
CA LEU A 8 14.20 17.34 -0.96
C LEU A 8 12.93 17.95 -0.37
N ASN A 9 12.65 17.62 0.88
CA ASN A 9 11.47 18.14 1.56
C ASN A 9 11.75 18.35 3.05
N ASP A 10 11.32 19.49 3.57
CA ASP A 10 11.52 19.82 4.98
C ASP A 10 10.17 19.98 5.69
N LEU A 11 9.24 19.09 5.39
CA LEU A 11 7.91 19.14 5.99
C LEU A 11 7.75 18.04 7.04
N LYS A 12 6.67 18.11 7.80
CA LYS A 12 6.40 17.12 8.83
C LYS A 12 4.98 16.56 8.69
N GLU A 13 4.87 15.40 8.07
CA GLU A 13 3.57 14.76 7.87
C GLU A 13 3.34 13.67 8.92
N SER A 14 2.07 13.48 9.28
CA SER A 14 1.71 12.47 10.27
C SER A 14 1.70 11.07 9.65
N SER A 15 1.84 10.07 10.49
CA SER A 15 1.85 8.68 10.03
C SER A 15 0.48 8.03 10.22
N ASN A 16 -0.53 8.61 9.59
CA ASN A 16 -1.89 8.10 9.70
C ASN A 16 -2.19 7.12 8.56
N ASN A 17 -1.27 6.20 8.32
CA ASN A 17 -1.43 5.20 7.27
C ASN A 17 -0.99 3.82 7.76
N ARG A 18 -1.59 2.78 7.19
CA ARG A 18 -1.27 1.41 7.56
C ARG A 18 -0.17 0.85 6.65
N LYS A 19 0.39 -0.29 7.05
CA LYS A 19 1.45 -0.93 6.27
C LYS A 19 1.18 -2.43 6.12
N ALA A 20 1.87 -3.06 5.19
CA ALA A 20 1.72 -4.49 4.95
C ALA A 20 2.71 -4.99 3.91
N ARG A 21 3.16 -6.23 4.07
CA ARG A 21 4.11 -6.82 3.15
C ARG A 21 3.41 -7.74 2.16
N VAL A 22 3.94 -7.80 0.94
CA VAL A 22 3.36 -8.65 -0.10
C VAL A 22 3.88 -10.08 0.00
N LEU A 23 2.98 -11.04 -0.17
CA LEU A 23 3.35 -12.45 -0.10
C LEU A 23 3.56 -13.04 -1.49
N TYR A 24 2.92 -12.41 -2.48
CA TYR A 24 3.03 -12.87 -3.85
C TYR A 24 2.94 -11.70 -4.83
N ASP A 25 3.71 -11.77 -5.91
CA ASP A 25 3.71 -10.71 -6.92
C ASP A 25 2.34 -10.56 -7.56
N TYR A 26 2.00 -9.34 -7.95
CA TYR A 26 0.70 -9.08 -8.58
C TYR A 26 0.86 -8.10 -9.75
N ASP A 27 0.02 -8.27 -10.76
CA ASP A 27 0.06 -7.41 -11.94
C ASP A 27 -1.24 -6.63 -12.09
N ALA A 28 -1.20 -5.35 -11.75
CA ALA A 28 -2.38 -4.49 -11.85
C ALA A 28 -3.06 -4.64 -13.19
N ALA A 29 -4.36 -4.91 -13.17
CA ALA A 29 -5.13 -5.08 -14.39
C ALA A 29 -5.51 -3.74 -15.00
N ASN A 30 -5.84 -2.78 -14.14
CA ASN A 30 -6.23 -1.45 -14.59
C ASN A 30 -5.54 -0.38 -13.75
N SER A 31 -5.47 0.83 -14.28
CA SER A 31 -4.83 1.95 -13.59
C SER A 31 -5.19 1.94 -12.11
N THR A 32 -6.48 2.03 -11.82
CA THR A 32 -6.96 2.04 -10.43
C THR A 32 -6.18 1.04 -9.58
N GLU A 33 -5.82 -0.09 -10.18
CA GLU A 33 -5.06 -1.12 -9.47
C GLU A 33 -3.56 -0.85 -9.56
N LEU A 34 -2.83 -1.28 -8.53
CA LEU A 34 -1.39 -1.08 -8.49
C LEU A 34 -0.66 -2.42 -8.46
N SER A 35 0.53 -2.45 -9.07
CA SER A 35 1.32 -3.67 -9.12
C SER A 35 1.97 -3.95 -7.77
N LEU A 36 2.21 -5.23 -7.49
CA LEU A 36 2.81 -5.63 -6.23
C LEU A 36 4.05 -6.50 -6.47
N LEU A 37 4.97 -6.49 -5.53
CA LEU A 37 6.20 -7.27 -5.63
C LEU A 37 6.38 -8.18 -4.42
N ALA A 38 6.83 -9.41 -4.67
CA ALA A 38 7.06 -10.37 -3.60
C ALA A 38 8.09 -9.87 -2.61
N ASP A 39 7.76 -9.91 -1.33
CA ASP A 39 8.67 -9.45 -0.28
C ASP A 39 8.81 -7.93 -0.31
N GLU A 40 7.68 -7.24 -0.44
CA GLU A 40 7.68 -5.77 -0.48
C GLU A 40 6.62 -5.21 0.47
N VAL A 41 7.02 -4.22 1.27
CA VAL A 41 6.11 -3.59 2.22
C VAL A 41 5.81 -2.15 1.82
N ILE A 42 4.56 -1.89 1.45
CA ILE A 42 4.14 -0.56 1.04
C ILE A 42 3.11 0.01 2.01
N THR A 43 2.71 1.26 1.77
CA THR A 43 1.72 1.92 2.62
C THR A 43 0.30 1.60 2.15
N VAL A 44 -0.50 1.03 3.05
CA VAL A 44 -1.87 0.69 2.73
C VAL A 44 -2.85 1.45 3.62
N PHE A 45 -4.05 1.70 3.09
CA PHE A 45 -5.07 2.42 3.83
C PHE A 45 -6.44 2.24 3.18
N SER A 46 -7.48 2.17 4.02
CA SER A 46 -8.84 2.00 3.53
C SER A 46 -9.36 3.30 2.90
N VAL A 47 -10.44 3.18 2.13
CA VAL A 47 -11.04 4.34 1.48
C VAL A 47 -12.51 4.08 1.17
N VAL A 48 -13.33 5.13 1.29
CA VAL A 48 -14.75 5.02 1.01
C VAL A 48 -15.00 4.37 -0.35
N GLY A 49 -16.11 3.64 -0.44
CA GLY A 49 -16.45 2.97 -1.68
C GLY A 49 -15.42 1.93 -2.08
N MET A 50 -14.74 1.36 -1.09
CA MET A 50 -13.72 0.35 -1.34
C MET A 50 -14.15 -1.01 -0.80
N ASP A 51 -13.57 -2.07 -1.35
CA ASP A 51 -13.91 -3.42 -0.92
C ASP A 51 -12.96 -3.89 0.18
N SER A 52 -13.41 -4.86 0.98
CA SER A 52 -12.60 -5.39 2.07
C SER A 52 -11.42 -6.19 1.54
N ASP A 53 -11.53 -6.63 0.29
CA ASP A 53 -10.48 -7.42 -0.35
C ASP A 53 -9.55 -6.52 -1.17
N TRP A 54 -9.61 -5.22 -0.90
CA TRP A 54 -8.78 -4.26 -1.61
C TRP A 54 -8.49 -3.04 -0.75
N LEU A 55 -7.21 -2.67 -0.65
CA LEU A 55 -6.81 -1.52 0.15
C LEU A 55 -6.09 -0.49 -0.72
N MET A 56 -6.00 0.74 -0.21
CA MET A 56 -5.34 1.82 -0.94
C MET A 56 -3.83 1.70 -0.82
N GLY A 57 -3.19 1.18 -1.87
CA GLY A 57 -1.75 1.02 -1.86
C GLY A 57 -1.03 2.21 -2.46
N GLU A 58 0.14 2.53 -1.92
CA GLU A 58 0.93 3.66 -2.42
C GLU A 58 2.36 3.24 -2.69
N ARG A 59 2.73 3.21 -3.97
CA ARG A 59 4.08 2.84 -4.37
C ARG A 59 4.52 3.61 -5.62
N GLY A 60 5.83 3.79 -5.74
CA GLY A 60 6.37 4.53 -6.89
C GLY A 60 5.54 5.75 -7.22
N ASN A 61 5.40 6.65 -6.25
CA ASN A 61 4.63 7.88 -6.46
C ASN A 61 3.31 7.58 -7.16
N GLN A 62 2.78 6.39 -6.91
CA GLN A 62 1.51 5.98 -7.52
C GLN A 62 0.56 5.41 -6.48
N LYS A 63 -0.74 5.46 -6.75
CA LYS A 63 -1.74 4.95 -5.85
C LYS A 63 -2.79 4.12 -6.59
N GLY A 64 -3.33 3.12 -5.90
CA GLY A 64 -4.33 2.26 -6.52
C GLY A 64 -4.92 1.26 -5.54
N LYS A 65 -5.58 0.24 -6.07
CA LYS A 65 -6.18 -0.79 -5.24
C LYS A 65 -5.29 -2.03 -5.15
N VAL A 66 -4.98 -2.44 -3.92
CA VAL A 66 -4.14 -3.61 -3.70
C VAL A 66 -4.91 -4.73 -3.02
N PRO A 67 -4.76 -5.96 -3.54
CA PRO A 67 -5.44 -7.14 -2.99
C PRO A 67 -4.88 -7.54 -1.63
N ILE A 68 -5.76 -7.56 -0.62
CA ILE A 68 -5.36 -7.93 0.73
C ILE A 68 -4.85 -9.37 0.78
N THR A 69 -5.45 -10.23 -0.03
CA THR A 69 -5.07 -11.64 -0.08
C THR A 69 -3.58 -11.78 -0.41
N TYR A 70 -2.98 -10.70 -0.89
CA TYR A 70 -1.56 -10.72 -1.24
C TYR A 70 -0.75 -9.89 -0.25
N LEU A 71 -1.44 -9.20 0.65
CA LEU A 71 -0.78 -8.37 1.65
C LEU A 71 -0.97 -8.94 3.05
N GLU A 72 0.06 -8.84 3.88
CA GLU A 72 0.01 -9.34 5.24
C GLU A 72 0.23 -8.22 6.25
N LEU A 73 -0.84 -7.51 6.57
CA LEU A 73 -0.75 -6.40 7.52
C LEU A 73 0.17 -6.75 8.68
N LEU A 74 1.35 -6.15 8.68
CA LEU A 74 2.35 -6.40 9.73
C LEU A 74 1.86 -5.83 11.06
N ASN A 75 2.26 -6.47 12.15
CA ASN A 75 1.89 -6.02 13.49
C ASN A 75 2.89 -5.02 14.04
N SER A 76 2.67 -3.75 13.75
CA SER A 76 3.57 -2.69 14.21
C SER A 76 3.09 -2.11 15.53
N GLY A 77 2.78 -3.00 16.48
CA GLY A 77 2.32 -2.58 17.78
C GLY A 77 3.35 -2.79 18.87
N PRO A 78 2.90 -2.82 20.13
CA PRO A 78 3.78 -3.02 21.29
C PRO A 78 4.34 -4.44 21.35
N SER A 79 3.76 -5.33 20.56
CA SER A 79 4.21 -6.72 20.53
C SER A 79 5.74 -6.80 20.56
N SER A 80 6.28 -7.25 21.67
CA SER A 80 7.73 -7.38 21.82
C SER A 80 8.25 -8.58 21.07
N GLY A 81 9.54 -8.56 20.73
CA GLY A 81 10.14 -9.67 20.01
C GLY A 81 9.87 -9.60 18.52
N GLY A 1 14.94 3.90 -15.15
CA GLY A 1 13.86 4.86 -15.27
C GLY A 1 14.36 6.29 -15.28
N SER A 2 13.75 7.13 -16.12
CA SER A 2 14.14 8.53 -16.22
C SER A 2 13.50 9.36 -15.10
N SER A 3 14.14 9.36 -13.95
CA SER A 3 13.64 10.11 -12.79
C SER A 3 14.79 10.72 -12.00
N GLY A 4 14.49 11.79 -11.27
CA GLY A 4 15.50 12.47 -10.48
C GLY A 4 14.97 13.69 -9.77
N SER A 5 14.08 13.47 -8.80
CA SER A 5 13.49 14.57 -8.04
C SER A 5 13.69 14.37 -6.55
N SER A 6 14.86 14.74 -6.06
CA SER A 6 15.20 14.60 -4.65
C SER A 6 14.04 15.09 -3.77
N GLY A 7 13.49 16.24 -4.14
CA GLY A 7 12.38 16.80 -3.38
C GLY A 7 12.10 18.25 -3.73
N LEU A 8 10.85 18.65 -3.62
CA LEU A 8 10.46 20.03 -3.95
C LEU A 8 10.12 20.81 -2.68
N ASN A 9 9.40 20.16 -1.77
CA ASN A 9 9.01 20.80 -0.51
C ASN A 9 8.79 19.75 0.58
N ASP A 10 8.76 20.21 1.83
CA ASP A 10 8.56 19.32 2.96
C ASP A 10 7.07 19.15 3.27
N LEU A 11 6.66 17.91 3.52
CA LEU A 11 5.27 17.62 3.83
C LEU A 11 5.11 17.22 5.29
N LYS A 12 3.93 17.50 5.85
CA LYS A 12 3.64 17.16 7.24
C LYS A 12 3.89 15.68 7.51
N GLU A 13 4.38 15.38 8.71
CA GLU A 13 4.68 14.01 9.09
C GLU A 13 3.44 13.34 9.67
N SER A 14 2.27 13.71 9.15
CA SER A 14 1.01 13.13 9.62
C SER A 14 1.18 11.67 9.98
N SER A 15 1.62 10.87 9.00
CA SER A 15 1.81 9.45 9.21
C SER A 15 0.48 8.73 9.36
N ASN A 16 -0.49 9.12 8.54
CA ASN A 16 -1.82 8.51 8.57
C ASN A 16 -1.96 7.43 7.50
N ASN A 17 -1.39 6.27 7.76
CA ASN A 17 -1.45 5.15 6.81
C ASN A 17 -0.92 3.86 7.45
N ARG A 18 -1.36 2.73 6.92
CA ARG A 18 -0.93 1.43 7.43
C ARG A 18 0.17 0.84 6.56
N LYS A 19 0.86 -0.17 7.09
CA LYS A 19 1.94 -0.84 6.35
C LYS A 19 1.73 -2.34 6.34
N ALA A 20 2.06 -2.96 5.21
CA ALA A 20 1.92 -4.41 5.06
C ALA A 20 2.98 -4.97 4.11
N ARG A 21 3.31 -6.24 4.29
CA ARG A 21 4.30 -6.89 3.45
C ARG A 21 3.64 -7.76 2.39
N VAL A 22 4.07 -7.61 1.14
CA VAL A 22 3.53 -8.38 0.03
C VAL A 22 3.97 -9.84 0.10
N LEU A 23 3.01 -10.75 -0.02
CA LEU A 23 3.29 -12.17 0.02
C LEU A 23 3.59 -12.71 -1.37
N TYR A 24 3.00 -12.08 -2.39
CA TYR A 24 3.21 -12.49 -3.77
C TYR A 24 3.13 -11.31 -4.71
N ASP A 25 3.94 -11.34 -5.77
CA ASP A 25 3.96 -10.26 -6.75
C ASP A 25 2.64 -10.18 -7.51
N TYR A 26 1.96 -9.06 -7.38
CA TYR A 26 0.67 -8.85 -8.04
C TYR A 26 0.85 -8.01 -9.30
N ASP A 27 -0.03 -8.22 -10.27
CA ASP A 27 0.01 -7.48 -11.52
C ASP A 27 -1.26 -6.66 -11.73
N ALA A 28 -1.15 -5.35 -11.50
CA ALA A 28 -2.29 -4.46 -11.65
C ALA A 28 -2.88 -4.55 -13.05
N ALA A 29 -4.20 -4.75 -13.11
CA ALA A 29 -4.89 -4.87 -14.38
C ALA A 29 -4.92 -3.52 -15.11
N ASN A 30 -5.15 -2.45 -14.36
CA ASN A 30 -5.21 -1.11 -14.93
C ASN A 30 -4.80 -0.06 -13.91
N SER A 31 -4.83 1.20 -14.32
CA SER A 31 -4.46 2.30 -13.43
C SER A 31 -5.08 2.12 -12.06
N THR A 32 -6.39 1.92 -12.03
CA THR A 32 -7.12 1.73 -10.78
C THR A 32 -6.37 0.78 -9.84
N GLU A 33 -5.69 -0.20 -10.44
CA GLU A 33 -4.93 -1.17 -9.66
C GLU A 33 -3.44 -0.91 -9.76
N LEU A 34 -2.69 -1.27 -8.71
CA LEU A 34 -1.26 -1.07 -8.69
C LEU A 34 -0.52 -2.40 -8.62
N SER A 35 0.68 -2.44 -9.18
CA SER A 35 1.49 -3.66 -9.18
C SER A 35 2.22 -3.83 -7.85
N LEU A 36 2.25 -5.05 -7.35
CA LEU A 36 2.92 -5.35 -6.09
C LEU A 36 4.03 -6.37 -6.29
N LEU A 37 5.14 -6.18 -5.58
CA LEU A 37 6.27 -7.09 -5.68
C LEU A 37 6.28 -8.09 -4.52
N ALA A 38 6.93 -9.23 -4.72
CA ALA A 38 7.01 -10.26 -3.70
C ALA A 38 8.06 -9.91 -2.65
N ASP A 39 7.72 -10.12 -1.39
CA ASP A 39 8.63 -9.82 -0.29
C ASP A 39 8.93 -8.33 -0.21
N GLU A 40 7.90 -7.52 -0.45
CA GLU A 40 8.04 -6.07 -0.41
C GLU A 40 7.10 -5.46 0.63
N VAL A 41 7.15 -4.14 0.76
CA VAL A 41 6.30 -3.44 1.72
C VAL A 41 5.89 -2.07 1.19
N ILE A 42 4.58 -1.83 1.17
CA ILE A 42 4.05 -0.55 0.69
C ILE A 42 3.00 0.01 1.65
N THR A 43 2.58 1.24 1.40
CA THR A 43 1.58 1.89 2.23
C THR A 43 0.16 1.54 1.79
N VAL A 44 -0.63 1.01 2.72
CA VAL A 44 -2.00 0.63 2.41
C VAL A 44 -2.99 1.39 3.30
N PHE A 45 -4.17 1.66 2.77
CA PHE A 45 -5.21 2.38 3.52
C PHE A 45 -6.57 2.18 2.87
N SER A 46 -7.60 2.08 3.71
CA SER A 46 -8.97 1.89 3.22
C SER A 46 -9.55 3.21 2.74
N VAL A 47 -10.57 3.12 1.88
CA VAL A 47 -11.23 4.31 1.35
C VAL A 47 -12.74 4.10 1.23
N VAL A 48 -13.50 5.01 1.81
CA VAL A 48 -14.95 4.92 1.77
C VAL A 48 -15.44 4.31 0.46
N GLY A 49 -16.29 3.29 0.56
CA GLY A 49 -16.80 2.64 -0.62
C GLY A 49 -15.83 1.62 -1.19
N MET A 50 -14.73 1.39 -0.48
CA MET A 50 -13.72 0.44 -0.93
C MET A 50 -13.93 -0.93 -0.28
N ASP A 51 -14.11 -1.96 -1.11
CA ASP A 51 -14.32 -3.31 -0.62
C ASP A 51 -13.32 -3.66 0.47
N SER A 52 -13.54 -4.79 1.14
CA SER A 52 -12.65 -5.22 2.21
C SER A 52 -11.52 -6.09 1.66
N ASP A 53 -11.67 -6.51 0.41
CA ASP A 53 -10.66 -7.36 -0.23
C ASP A 53 -9.74 -6.52 -1.12
N TRP A 54 -9.79 -5.20 -0.93
CA TRP A 54 -8.96 -4.29 -1.71
C TRP A 54 -8.68 -3.01 -0.94
N LEU A 55 -7.39 -2.70 -0.77
CA LEU A 55 -6.98 -1.51 -0.03
C LEU A 55 -6.34 -0.49 -0.97
N MET A 56 -6.00 0.67 -0.44
CA MET A 56 -5.38 1.73 -1.22
C MET A 56 -3.85 1.67 -1.09
N GLY A 57 -3.20 1.15 -2.13
CA GLY A 57 -1.75 1.04 -2.11
C GLY A 57 -1.08 2.24 -2.76
N GLU A 58 0.10 2.59 -2.27
CA GLU A 58 0.84 3.73 -2.80
C GLU A 58 2.29 3.34 -3.09
N ARG A 59 2.63 3.25 -4.38
CA ARG A 59 3.98 2.90 -4.79
C ARG A 59 4.39 3.67 -6.05
N GLY A 60 5.70 3.88 -6.20
CA GLY A 60 6.19 4.61 -7.35
C GLY A 60 5.37 5.84 -7.66
N ASN A 61 5.35 6.79 -6.73
CA ASN A 61 4.59 8.02 -6.90
C ASN A 61 3.24 7.73 -7.55
N GLN A 62 2.74 6.52 -7.35
CA GLN A 62 1.45 6.13 -7.91
C GLN A 62 0.54 5.57 -6.83
N LYS A 63 -0.76 5.49 -7.12
CA LYS A 63 -1.74 4.98 -6.18
C LYS A 63 -2.75 4.09 -6.88
N GLY A 64 -3.23 3.07 -6.17
CA GLY A 64 -4.21 2.15 -6.74
C GLY A 64 -4.74 1.16 -5.72
N LYS A 65 -5.53 0.20 -6.19
CA LYS A 65 -6.11 -0.81 -5.31
C LYS A 65 -5.16 -1.99 -5.15
N VAL A 66 -5.19 -2.61 -3.97
CA VAL A 66 -4.33 -3.75 -3.68
C VAL A 66 -5.12 -4.85 -2.98
N PRO A 67 -4.96 -6.09 -3.46
CA PRO A 67 -5.64 -7.26 -2.88
C PRO A 67 -5.10 -7.62 -1.50
N ILE A 68 -5.93 -7.48 -0.49
CA ILE A 68 -5.54 -7.79 0.88
C ILE A 68 -5.04 -9.23 0.98
N THR A 69 -5.58 -10.11 0.15
CA THR A 69 -5.19 -11.51 0.15
C THR A 69 -3.70 -11.67 -0.16
N TYR A 70 -3.12 -10.62 -0.74
CA TYR A 70 -1.70 -10.65 -1.09
C TYR A 70 -0.88 -9.86 -0.08
N LEU A 71 -1.56 -9.09 0.76
CA LEU A 71 -0.89 -8.29 1.78
C LEU A 71 -1.09 -8.89 3.17
N GLU A 72 -0.07 -8.78 4.01
CA GLU A 72 -0.13 -9.32 5.37
C GLU A 72 0.14 -8.22 6.39
N LEU A 73 -0.92 -7.50 6.76
CA LEU A 73 -0.81 -6.42 7.74
C LEU A 73 0.05 -6.85 8.92
N LEU A 74 1.27 -6.35 8.97
CA LEU A 74 2.19 -6.68 10.06
C LEU A 74 1.74 -6.03 11.36
N ASN A 75 1.57 -6.85 12.39
CA ASN A 75 1.15 -6.36 13.70
C ASN A 75 2.31 -6.38 14.69
N SER A 76 2.73 -5.18 15.11
CA SER A 76 3.84 -5.07 16.06
C SER A 76 3.46 -4.16 17.23
N GLY A 77 4.06 -4.41 18.38
CA GLY A 77 3.76 -3.60 19.55
C GLY A 77 4.51 -2.29 19.56
N PRO A 78 3.91 -1.25 20.16
CA PRO A 78 4.51 0.08 20.24
C PRO A 78 5.71 0.12 21.17
N SER A 79 6.87 0.47 20.62
CA SER A 79 8.09 0.53 21.41
C SER A 79 8.77 1.89 21.24
N SER A 80 8.27 2.89 21.97
CA SER A 80 8.82 4.24 21.90
C SER A 80 8.32 5.09 23.07
N GLY A 81 8.89 6.28 23.21
CA GLY A 81 8.49 7.18 24.29
C GLY A 81 8.35 8.61 23.83
N GLY A 1 13.80 -12.65 -12.26
CA GLY A 1 14.10 -12.73 -10.84
C GLY A 1 13.81 -11.43 -10.11
N SER A 2 14.82 -10.59 -9.97
CA SER A 2 14.66 -9.31 -9.28
C SER A 2 15.89 -8.43 -9.48
N SER A 3 15.78 -7.17 -9.09
CA SER A 3 16.88 -6.22 -9.22
C SER A 3 17.32 -5.70 -7.86
N GLY A 4 16.35 -5.20 -7.09
CA GLY A 4 16.65 -4.66 -5.77
C GLY A 4 17.17 -3.24 -5.82
N SER A 5 16.30 -2.32 -6.24
CA SER A 5 16.67 -0.91 -6.34
C SER A 5 15.79 -0.05 -5.44
N SER A 6 16.23 0.14 -4.21
CA SER A 6 15.48 0.95 -3.25
C SER A 6 16.36 2.04 -2.64
N GLY A 7 15.78 3.22 -2.45
CA GLY A 7 16.52 4.33 -1.88
C GLY A 7 15.62 5.51 -1.54
N LEU A 8 15.16 5.55 -0.31
CA LEU A 8 14.29 6.63 0.15
C LEU A 8 14.78 7.22 1.47
N ASN A 9 15.60 8.26 1.38
CA ASN A 9 16.14 8.90 2.58
C ASN A 9 15.38 10.17 2.90
N ASP A 10 14.31 10.03 3.69
CA ASP A 10 13.49 11.17 4.08
C ASP A 10 13.38 11.27 5.60
N LEU A 11 12.96 12.43 6.07
CA LEU A 11 12.82 12.66 7.52
C LEU A 11 11.38 13.02 7.87
N LYS A 12 10.56 12.00 8.12
CA LYS A 12 9.16 12.20 8.47
C LYS A 12 8.59 10.98 9.18
N GLU A 13 7.71 11.22 10.14
CA GLU A 13 7.09 10.15 10.90
C GLU A 13 5.57 10.26 10.89
N SER A 14 5.03 10.66 9.74
CA SER A 14 3.58 10.81 9.60
C SER A 14 2.84 9.64 10.23
N SER A 15 3.31 8.43 9.94
CA SER A 15 2.69 7.22 10.48
C SER A 15 1.17 7.32 10.41
N ASN A 16 0.67 7.87 9.30
CA ASN A 16 -0.77 8.03 9.11
C ASN A 16 -1.36 6.79 8.44
N ASN A 17 -0.91 6.50 7.22
CA ASN A 17 -1.40 5.35 6.48
C ASN A 17 -0.88 4.05 7.09
N ARG A 18 -1.38 2.93 6.59
CA ARG A 18 -0.97 1.62 7.09
C ARG A 18 0.14 1.04 6.22
N LYS A 19 0.79 0.00 6.73
CA LYS A 19 1.88 -0.65 6.00
C LYS A 19 1.77 -2.17 6.09
N ALA A 20 2.12 -2.85 5.01
CA ALA A 20 2.05 -4.31 4.97
C ALA A 20 3.10 -4.88 4.03
N ARG A 21 3.46 -6.14 4.24
CA ARG A 21 4.46 -6.80 3.40
C ARG A 21 3.80 -7.70 2.37
N VAL A 22 4.23 -7.58 1.12
CA VAL A 22 3.68 -8.39 0.03
C VAL A 22 4.17 -9.82 0.11
N LEU A 23 3.25 -10.76 -0.07
CA LEU A 23 3.59 -12.18 -0.03
C LEU A 23 3.90 -12.72 -1.42
N TYR A 24 3.33 -12.08 -2.43
CA TYR A 24 3.54 -12.49 -3.81
C TYR A 24 3.44 -11.31 -4.76
N ASP A 25 4.16 -11.37 -5.86
CA ASP A 25 4.15 -10.30 -6.86
C ASP A 25 2.81 -10.26 -7.59
N TYR A 26 2.13 -9.12 -7.51
CA TYR A 26 0.84 -8.94 -8.16
C TYR A 26 0.95 -8.02 -9.37
N ASP A 27 0.03 -8.18 -10.32
CA ASP A 27 0.04 -7.37 -11.53
C ASP A 27 -1.31 -6.69 -11.72
N ALA A 28 -1.37 -5.39 -11.44
CA ALA A 28 -2.59 -4.62 -11.59
C ALA A 28 -3.38 -5.07 -12.82
N ALA A 29 -4.68 -5.23 -12.64
CA ALA A 29 -5.55 -5.65 -13.74
C ALA A 29 -5.99 -4.46 -14.58
N ASN A 30 -6.17 -3.32 -13.93
CA ASN A 30 -6.59 -2.11 -14.62
C ASN A 30 -6.02 -0.86 -13.93
N SER A 31 -6.35 0.30 -14.48
CA SER A 31 -5.87 1.57 -13.92
C SER A 31 -6.32 1.72 -12.47
N THR A 32 -7.29 0.92 -12.07
CA THR A 32 -7.82 0.98 -10.71
C THR A 32 -7.10 -0.02 -9.81
N GLU A 33 -5.85 -0.32 -10.15
CA GLU A 33 -5.04 -1.26 -9.38
C GLU A 33 -3.55 -1.00 -9.57
N LEU A 34 -2.76 -1.35 -8.57
CA LEU A 34 -1.32 -1.15 -8.62
C LEU A 34 -0.58 -2.49 -8.56
N SER A 35 0.59 -2.54 -9.18
CA SER A 35 1.40 -3.76 -9.19
C SER A 35 2.06 -3.98 -7.84
N LEU A 36 2.38 -5.24 -7.54
CA LEU A 36 3.02 -5.59 -6.28
C LEU A 36 4.13 -6.61 -6.50
N LEU A 37 5.16 -6.54 -5.67
CA LEU A 37 6.29 -7.46 -5.77
C LEU A 37 6.41 -8.32 -4.51
N ALA A 38 7.11 -9.45 -4.64
CA ALA A 38 7.29 -10.35 -3.52
C ALA A 38 8.39 -9.85 -2.58
N ASP A 39 8.09 -9.81 -1.29
CA ASP A 39 9.06 -9.35 -0.29
C ASP A 39 9.20 -7.84 -0.34
N GLU A 40 8.08 -7.14 -0.54
CA GLU A 40 8.08 -5.68 -0.61
C GLU A 40 6.95 -5.10 0.22
N VAL A 41 7.26 -4.09 1.03
CA VAL A 41 6.26 -3.45 1.88
C VAL A 41 5.94 -2.04 1.37
N ILE A 42 4.67 -1.81 1.07
CA ILE A 42 4.23 -0.51 0.58
C ILE A 42 3.22 0.13 1.52
N THR A 43 2.83 1.36 1.23
CA THR A 43 1.87 2.09 2.06
C THR A 43 0.45 1.78 1.63
N VAL A 44 -0.32 1.21 2.56
CA VAL A 44 -1.72 0.86 2.28
C VAL A 44 -2.67 1.62 3.21
N PHE A 45 -3.82 2.00 2.67
CA PHE A 45 -4.83 2.73 3.45
C PHE A 45 -6.22 2.50 2.90
N SER A 46 -7.21 2.44 3.79
CA SER A 46 -8.59 2.22 3.39
C SER A 46 -9.23 3.52 2.89
N VAL A 47 -10.17 3.38 1.97
CA VAL A 47 -10.86 4.55 1.40
C VAL A 47 -12.36 4.30 1.31
N VAL A 48 -13.15 5.36 1.54
CA VAL A 48 -14.60 5.27 1.48
C VAL A 48 -15.05 4.65 0.16
N GLY A 49 -15.99 3.72 0.24
CA GLY A 49 -16.50 3.07 -0.96
C GLY A 49 -15.55 2.03 -1.50
N MET A 50 -14.66 1.53 -0.63
CA MET A 50 -13.70 0.51 -1.05
C MET A 50 -14.04 -0.84 -0.43
N ASP A 51 -13.61 -1.90 -1.10
CA ASP A 51 -13.88 -3.26 -0.63
C ASP A 51 -12.85 -3.67 0.43
N SER A 52 -13.26 -4.59 1.31
CA SER A 52 -12.38 -5.07 2.37
C SER A 52 -11.25 -5.92 1.80
N ASP A 53 -11.44 -6.41 0.58
CA ASP A 53 -10.44 -7.24 -0.08
C ASP A 53 -9.54 -6.39 -0.97
N TRP A 54 -9.58 -5.08 -0.78
CA TRP A 54 -8.77 -4.16 -1.56
C TRP A 54 -8.43 -2.92 -0.76
N LEU A 55 -7.15 -2.54 -0.77
CA LEU A 55 -6.69 -1.36 -0.04
C LEU A 55 -6.07 -0.34 -0.98
N MET A 56 -5.82 0.86 -0.48
CA MET A 56 -5.22 1.93 -1.28
C MET A 56 -3.71 1.87 -1.20
N GLY A 57 -3.09 1.31 -2.23
CA GLY A 57 -1.64 1.20 -2.26
C GLY A 57 -0.99 2.42 -2.89
N GLU A 58 0.16 2.82 -2.35
CA GLU A 58 0.89 3.97 -2.86
C GLU A 58 2.37 3.66 -3.03
N ARG A 59 2.82 3.56 -4.28
CA ARG A 59 4.20 3.26 -4.58
C ARG A 59 4.88 4.45 -5.28
N GLY A 60 5.65 5.22 -4.51
CA GLY A 60 6.33 6.37 -5.07
C GLY A 60 5.38 7.41 -5.60
N ASN A 61 5.12 7.37 -6.90
CA ASN A 61 4.21 8.32 -7.54
C ASN A 61 3.07 7.60 -8.24
N GLN A 62 2.56 6.55 -7.61
CA GLN A 62 1.46 5.78 -8.17
C GLN A 62 0.52 5.28 -7.08
N LYS A 63 -0.77 5.27 -7.38
CA LYS A 63 -1.78 4.81 -6.42
C LYS A 63 -2.79 3.89 -7.10
N GLY A 64 -3.26 2.90 -6.35
CA GLY A 64 -4.24 1.97 -6.89
C GLY A 64 -4.75 0.99 -5.85
N LYS A 65 -5.69 0.15 -6.24
CA LYS A 65 -6.27 -0.83 -5.33
C LYS A 65 -5.40 -2.09 -5.26
N VAL A 66 -5.05 -2.48 -4.05
CA VAL A 66 -4.22 -3.67 -3.85
C VAL A 66 -4.98 -4.74 -3.08
N PRO A 67 -4.85 -6.00 -3.53
CA PRO A 67 -5.52 -7.14 -2.91
C PRO A 67 -4.93 -7.47 -1.54
N ILE A 68 -5.77 -7.42 -0.51
CA ILE A 68 -5.33 -7.72 0.86
C ILE A 68 -4.83 -9.16 0.96
N THR A 69 -5.41 -10.05 0.17
CA THR A 69 -5.02 -11.45 0.18
C THR A 69 -3.55 -11.63 -0.15
N TYR A 70 -2.98 -10.64 -0.83
CA TYR A 70 -1.57 -10.67 -1.20
C TYR A 70 -0.71 -9.90 -0.20
N LEU A 71 -1.38 -9.11 0.64
CA LEU A 71 -0.69 -8.32 1.65
C LEU A 71 -0.87 -8.92 3.03
N GLU A 72 0.09 -8.66 3.91
CA GLU A 72 0.04 -9.17 5.28
C GLU A 72 0.32 -8.07 6.29
N LEU A 73 -0.71 -7.31 6.64
CA LEU A 73 -0.58 -6.23 7.60
C LEU A 73 0.25 -6.66 8.80
N LEU A 74 1.44 -6.07 8.93
CA LEU A 74 2.33 -6.40 10.04
C LEU A 74 1.88 -5.71 11.33
N ASN A 75 1.18 -6.47 12.17
CA ASN A 75 0.68 -5.94 13.44
C ASN A 75 0.65 -7.02 14.51
N SER A 76 0.56 -6.60 15.77
CA SER A 76 0.52 -7.54 16.89
C SER A 76 -0.90 -7.74 17.39
N GLY A 77 -1.53 -8.83 16.96
CA GLY A 77 -2.89 -9.12 17.38
C GLY A 77 -2.98 -10.36 18.25
N PRO A 78 -4.17 -10.60 18.81
CA PRO A 78 -4.41 -11.75 19.69
C PRO A 78 -4.39 -13.07 18.92
N SER A 79 -4.40 -14.18 19.65
CA SER A 79 -4.37 -15.51 19.05
C SER A 79 -5.77 -15.92 18.59
N SER A 80 -6.49 -14.99 17.99
CA SER A 80 -7.84 -15.25 17.52
C SER A 80 -7.86 -15.47 16.01
N GLY A 81 -8.73 -16.35 15.55
CA GLY A 81 -8.83 -16.62 14.12
C GLY A 81 -9.86 -15.75 13.43
N GLY A 1 31.12 10.00 -0.52
CA GLY A 1 30.05 9.17 0.00
C GLY A 1 28.70 9.53 -0.60
N SER A 2 28.34 8.85 -1.68
CA SER A 2 27.06 9.10 -2.35
C SER A 2 25.91 8.46 -1.59
N SER A 3 24.74 9.09 -1.65
CA SER A 3 23.56 8.59 -0.96
C SER A 3 23.15 7.24 -1.53
N GLY A 4 22.92 7.19 -2.84
CA GLY A 4 22.51 5.95 -3.48
C GLY A 4 21.45 5.21 -2.70
N SER A 5 20.39 5.93 -2.33
CA SER A 5 19.29 5.33 -1.57
C SER A 5 17.94 5.80 -2.11
N SER A 6 16.88 5.13 -1.68
CA SER A 6 15.53 5.46 -2.13
C SER A 6 15.01 6.69 -1.39
N GLY A 7 15.12 6.67 -0.07
CA GLY A 7 14.65 7.79 0.73
C GLY A 7 15.18 7.75 2.16
N LEU A 8 14.51 8.45 3.06
CA LEU A 8 14.92 8.49 4.46
C LEU A 8 13.74 8.18 5.38
N ASN A 9 14.03 7.50 6.48
CA ASN A 9 13.00 7.14 7.45
C ASN A 9 12.54 8.36 8.24
N ASP A 10 11.58 9.09 7.70
CA ASP A 10 11.06 10.27 8.36
C ASP A 10 9.84 10.83 7.60
N LEU A 11 8.69 10.83 8.28
CA LEU A 11 7.47 11.32 7.67
C LEU A 11 7.39 12.85 7.75
N LYS A 12 6.79 13.46 6.74
CA LYS A 12 6.66 14.91 6.70
C LYS A 12 5.19 15.31 6.61
N GLU A 13 4.47 14.67 5.71
CA GLU A 13 3.04 14.97 5.53
C GLU A 13 2.24 14.53 6.75
N SER A 14 1.16 15.27 7.04
CA SER A 14 0.32 14.96 8.18
C SER A 14 -0.76 13.95 7.79
N SER A 15 -0.35 12.89 7.10
CA SER A 15 -1.28 11.85 6.67
C SER A 15 -0.86 10.49 7.23
N ASN A 16 -1.76 9.89 8.00
CA ASN A 16 -1.48 8.59 8.60
C ASN A 16 -2.03 7.46 7.72
N ASN A 17 -1.26 6.38 7.60
CA ASN A 17 -1.67 5.23 6.79
C ASN A 17 -1.15 3.93 7.39
N ARG A 18 -1.60 2.81 6.84
CA ARG A 18 -1.17 1.51 7.32
C ARG A 18 0.02 0.98 6.51
N LYS A 19 0.66 -0.05 7.03
CA LYS A 19 1.82 -0.64 6.36
C LYS A 19 1.74 -2.17 6.37
N ALA A 20 2.06 -2.77 5.24
CA ALA A 20 2.04 -4.23 5.12
C ALA A 20 3.00 -4.72 4.04
N ARG A 21 3.41 -5.98 4.15
CA ARG A 21 4.34 -6.56 3.18
C ARG A 21 3.60 -7.52 2.25
N VAL A 22 4.08 -7.60 1.01
CA VAL A 22 3.48 -8.47 0.01
C VAL A 22 4.01 -9.90 0.14
N LEU A 23 3.14 -10.88 -0.07
CA LEU A 23 3.51 -12.28 0.03
C LEU A 23 3.69 -12.89 -1.36
N TYR A 24 2.99 -12.33 -2.34
CA TYR A 24 3.08 -12.82 -3.71
C TYR A 24 2.94 -11.67 -4.71
N ASP A 25 3.72 -11.74 -5.79
CA ASP A 25 3.69 -10.70 -6.81
C ASP A 25 2.30 -10.59 -7.43
N TYR A 26 1.93 -9.37 -7.81
CA TYR A 26 0.62 -9.13 -8.42
C TYR A 26 0.74 -8.22 -9.63
N ASP A 27 -0.17 -8.39 -10.58
CA ASP A 27 -0.16 -7.58 -11.80
C ASP A 27 -1.49 -6.82 -11.95
N ALA A 28 -1.41 -5.50 -11.81
CA ALA A 28 -2.59 -4.66 -11.93
C ALA A 28 -3.33 -4.93 -13.24
N ALA A 29 -4.65 -5.08 -13.15
CA ALA A 29 -5.46 -5.34 -14.33
C ALA A 29 -5.89 -4.04 -15.01
N ASN A 30 -6.11 -3.00 -14.20
CA ASN A 30 -6.53 -1.71 -14.72
C ASN A 30 -5.81 -0.58 -14.00
N SER A 31 -5.99 0.65 -14.47
CA SER A 31 -5.35 1.81 -13.88
C SER A 31 -5.80 1.99 -12.44
N THR A 32 -6.86 1.30 -12.06
CA THR A 32 -7.40 1.38 -10.70
C THR A 32 -6.60 0.49 -9.75
N GLU A 33 -5.92 -0.50 -10.30
CA GLU A 33 -5.13 -1.42 -9.49
C GLU A 33 -3.63 -1.11 -9.62
N LEU A 34 -2.86 -1.51 -8.62
CA LEU A 34 -1.42 -1.27 -8.61
C LEU A 34 -0.65 -2.59 -8.57
N SER A 35 0.53 -2.60 -9.18
CA SER A 35 1.36 -3.80 -9.22
C SER A 35 2.07 -4.00 -7.88
N LEU A 36 2.26 -5.26 -7.50
CA LEU A 36 2.93 -5.58 -6.25
C LEU A 36 4.13 -6.48 -6.49
N LEU A 37 5.07 -6.49 -5.55
CA LEU A 37 6.26 -7.32 -5.66
C LEU A 37 6.43 -8.21 -4.44
N ALA A 38 6.91 -9.43 -4.66
CA ALA A 38 7.12 -10.38 -3.58
C ALA A 38 8.19 -9.88 -2.61
N ASP A 39 7.83 -9.83 -1.33
CA ASP A 39 8.77 -9.37 -0.30
C ASP A 39 8.94 -7.86 -0.36
N GLU A 40 7.84 -7.14 -0.53
CA GLU A 40 7.87 -5.69 -0.61
C GLU A 40 6.84 -5.07 0.33
N VAL A 41 7.26 -4.08 1.09
CA VAL A 41 6.37 -3.40 2.04
C VAL A 41 6.05 -1.99 1.56
N ILE A 42 4.76 -1.73 1.32
CA ILE A 42 4.33 -0.41 0.86
C ILE A 42 3.30 0.18 1.81
N THR A 43 2.88 1.42 1.54
CA THR A 43 1.90 2.10 2.36
C THR A 43 0.48 1.75 1.93
N VAL A 44 -0.30 1.20 2.85
CA VAL A 44 -1.69 0.83 2.56
C VAL A 44 -2.67 1.63 3.41
N PHE A 45 -3.80 2.00 2.82
CA PHE A 45 -4.81 2.77 3.52
C PHE A 45 -6.20 2.48 2.95
N SER A 46 -7.22 2.59 3.80
CA SER A 46 -8.60 2.34 3.38
C SER A 46 -9.23 3.61 2.84
N VAL A 47 -9.97 3.48 1.73
CA VAL A 47 -10.63 4.62 1.11
C VAL A 47 -12.14 4.37 0.98
N VAL A 48 -12.93 5.37 1.35
CA VAL A 48 -14.38 5.26 1.26
C VAL A 48 -14.81 4.60 -0.04
N GLY A 49 -15.75 3.67 0.06
CA GLY A 49 -16.23 2.98 -1.12
C GLY A 49 -15.21 2.01 -1.69
N MET A 50 -14.41 1.43 -0.81
CA MET A 50 -13.38 0.48 -1.23
C MET A 50 -13.66 -0.91 -0.66
N ASP A 51 -13.69 -1.91 -1.53
CA ASP A 51 -13.95 -3.28 -1.10
C ASP A 51 -13.18 -3.61 0.17
N SER A 52 -13.57 -4.70 0.83
CA SER A 52 -12.92 -5.12 2.06
C SER A 52 -11.65 -5.92 1.77
N ASP A 53 -11.63 -6.57 0.60
CA ASP A 53 -10.48 -7.36 0.20
C ASP A 53 -9.55 -6.56 -0.69
N TRP A 54 -9.57 -5.24 -0.54
CA TRP A 54 -8.73 -4.36 -1.33
C TRP A 54 -8.43 -3.07 -0.57
N LEU A 55 -7.15 -2.72 -0.49
CA LEU A 55 -6.73 -1.51 0.20
C LEU A 55 -6.12 -0.50 -0.77
N MET A 56 -5.73 0.65 -0.25
CA MET A 56 -5.12 1.69 -1.07
C MET A 56 -3.60 1.67 -0.95
N GLY A 57 -2.95 1.09 -1.96
CA GLY A 57 -1.50 1.02 -1.95
C GLY A 57 -0.85 2.19 -2.65
N GLU A 58 0.28 2.65 -2.12
CA GLU A 58 0.99 3.78 -2.70
C GLU A 58 2.46 3.42 -2.94
N ARG A 59 2.85 3.32 -4.21
CA ARG A 59 4.22 2.98 -4.56
C ARG A 59 4.90 4.17 -5.24
N GLY A 60 5.67 4.93 -4.45
CA GLY A 60 6.37 6.07 -4.99
C GLY A 60 5.44 7.21 -5.33
N ASN A 61 5.09 7.33 -6.61
CA ASN A 61 4.19 8.39 -7.07
C ASN A 61 2.97 7.80 -7.76
N GLN A 62 2.48 6.68 -7.24
CA GLN A 62 1.32 6.02 -7.81
C GLN A 62 0.35 5.58 -6.70
N LYS A 63 -0.89 5.29 -7.09
CA LYS A 63 -1.90 4.85 -6.13
C LYS A 63 -2.94 3.97 -6.81
N GLY A 64 -3.40 2.94 -6.10
CA GLY A 64 -4.39 2.05 -6.65
C GLY A 64 -4.91 1.06 -5.62
N LYS A 65 -5.67 0.07 -6.09
CA LYS A 65 -6.23 -0.94 -5.21
C LYS A 65 -5.29 -2.14 -5.07
N VAL A 66 -5.07 -2.59 -3.84
CA VAL A 66 -4.19 -3.72 -3.58
C VAL A 66 -4.92 -4.82 -2.84
N PRO A 67 -4.76 -6.07 -3.31
CA PRO A 67 -5.40 -7.24 -2.71
C PRO A 67 -4.82 -7.57 -1.34
N ILE A 68 -5.66 -7.52 -0.31
CA ILE A 68 -5.24 -7.82 1.05
C ILE A 68 -4.71 -9.25 1.15
N THR A 69 -5.30 -10.15 0.39
CA THR A 69 -4.88 -11.55 0.39
C THR A 69 -3.41 -11.69 0.02
N TYR A 70 -2.85 -10.64 -0.55
CA TYR A 70 -1.45 -10.65 -0.96
C TYR A 70 -0.60 -9.81 0.00
N LEU A 71 -1.27 -9.10 0.90
CA LEU A 71 -0.58 -8.25 1.87
C LEU A 71 -0.69 -8.85 3.28
N GLU A 72 0.35 -8.64 4.09
CA GLU A 72 0.36 -9.15 5.45
C GLU A 72 0.61 -8.03 6.46
N LEU A 73 -0.47 -7.33 6.82
CA LEU A 73 -0.37 -6.24 7.77
C LEU A 73 0.60 -6.57 8.91
N LEU A 74 1.78 -5.97 8.86
CA LEU A 74 2.79 -6.21 9.88
C LEU A 74 2.36 -5.62 11.22
N ASN A 75 3.00 -6.06 12.30
CA ASN A 75 2.69 -5.59 13.63
C ASN A 75 1.24 -5.90 14.00
N SER A 76 0.77 -7.06 13.57
CA SER A 76 -0.60 -7.48 13.86
C SER A 76 -0.62 -8.62 14.86
N GLY A 77 -1.75 -8.75 15.56
CA GLY A 77 -1.88 -9.80 16.56
C GLY A 77 -0.82 -9.72 17.63
N PRO A 78 -1.15 -10.21 18.83
CA PRO A 78 -0.23 -10.20 19.98
C PRO A 78 0.93 -11.18 19.79
N SER A 79 2.14 -10.63 19.73
CA SER A 79 3.34 -11.45 19.55
C SER A 79 4.30 -11.27 20.73
N SER A 80 4.77 -10.04 20.92
CA SER A 80 5.70 -9.75 22.00
C SER A 80 4.95 -9.22 23.22
N GLY A 81 5.09 -9.94 24.34
CA GLY A 81 4.42 -9.54 25.56
C GLY A 81 5.26 -9.81 26.79
N GLY A 1 12.32 14.24 -8.78
CA GLY A 1 13.15 13.13 -8.34
C GLY A 1 13.76 13.37 -6.97
N SER A 2 15.08 13.35 -6.90
CA SER A 2 15.78 13.57 -5.64
C SER A 2 16.55 14.89 -5.66
N SER A 3 17.44 15.04 -6.65
CA SER A 3 18.23 16.25 -6.77
C SER A 3 18.93 16.58 -5.46
N GLY A 4 19.45 15.55 -4.79
CA GLY A 4 20.14 15.76 -3.53
C GLY A 4 20.04 14.56 -2.61
N SER A 5 21.18 13.96 -2.30
CA SER A 5 21.21 12.79 -1.43
C SER A 5 20.86 13.17 0.01
N SER A 6 21.52 14.20 0.53
CA SER A 6 21.28 14.66 1.89
C SER A 6 20.39 15.89 1.89
N GLY A 7 20.04 16.37 3.09
CA GLY A 7 19.19 17.54 3.21
C GLY A 7 17.76 17.26 2.79
N LEU A 8 16.89 17.10 3.79
CA LEU A 8 15.49 16.83 3.53
C LEU A 8 14.66 18.12 3.56
N ASN A 9 14.10 18.48 2.41
CA ASN A 9 13.29 19.69 2.30
C ASN A 9 12.00 19.56 3.11
N ASP A 10 11.21 18.54 2.80
CA ASP A 10 9.96 18.30 3.50
C ASP A 10 9.77 16.82 3.80
N LEU A 11 8.97 16.52 4.82
CA LEU A 11 8.72 15.14 5.21
C LEU A 11 7.98 14.39 4.11
N LYS A 12 8.44 13.17 3.82
CA LYS A 12 7.81 12.35 2.78
C LYS A 12 6.57 11.66 3.32
N GLU A 13 6.71 10.96 4.44
CA GLU A 13 5.59 10.26 5.05
C GLU A 13 4.75 11.22 5.90
N SER A 14 4.52 12.42 5.38
CA SER A 14 3.74 13.41 6.10
C SER A 14 2.44 12.82 6.64
N SER A 15 1.62 12.30 5.73
CA SER A 15 0.35 11.69 6.11
C SER A 15 0.57 10.33 6.78
N ASN A 16 -0.41 9.92 7.57
CA ASN A 16 -0.32 8.64 8.28
C ASN A 16 -1.14 7.57 7.56
N ASN A 17 -0.59 6.36 7.50
CA ASN A 17 -1.27 5.24 6.84
C ASN A 17 -0.79 3.90 7.39
N ARG A 18 -1.42 2.82 6.96
CA ARG A 18 -1.05 1.48 7.41
C ARG A 18 0.09 0.93 6.56
N LYS A 19 0.73 -0.12 7.08
CA LYS A 19 1.84 -0.75 6.37
C LYS A 19 1.69 -2.27 6.36
N ALA A 20 2.05 -2.88 5.24
CA ALA A 20 1.96 -4.33 5.10
C ALA A 20 2.90 -4.84 4.02
N ARG A 21 3.40 -6.06 4.20
CA ARG A 21 4.31 -6.66 3.24
C ARG A 21 3.57 -7.57 2.26
N VAL A 22 4.09 -7.69 1.05
CA VAL A 22 3.46 -8.52 0.03
C VAL A 22 3.99 -9.95 0.09
N LEU A 23 3.10 -10.92 -0.12
CA LEU A 23 3.47 -12.32 -0.08
C LEU A 23 3.73 -12.85 -1.49
N TYR A 24 3.16 -12.17 -2.48
CA TYR A 24 3.32 -12.58 -3.88
C TYR A 24 3.20 -11.38 -4.81
N ASP A 25 3.93 -11.42 -5.92
CA ASP A 25 3.90 -10.34 -6.90
C ASP A 25 2.55 -10.30 -7.61
N TYR A 26 1.90 -9.14 -7.54
CA TYR A 26 0.60 -8.96 -8.18
C TYR A 26 0.70 -8.03 -9.39
N ASP A 27 0.07 -8.41 -10.49
CA ASP A 27 0.09 -7.60 -11.70
C ASP A 27 -1.23 -6.87 -11.88
N ALA A 28 -1.20 -5.56 -11.65
CA ALA A 28 -2.41 -4.73 -11.79
C ALA A 28 -3.08 -4.98 -13.13
N ALA A 29 -4.38 -5.27 -13.08
CA ALA A 29 -5.15 -5.53 -14.29
C ALA A 29 -5.54 -4.22 -14.98
N ASN A 30 -5.72 -3.17 -14.18
CA ASN A 30 -6.11 -1.87 -14.71
C ASN A 30 -5.45 -0.74 -13.90
N SER A 31 -5.50 0.46 -14.46
CA SER A 31 -4.90 1.62 -13.80
C SER A 31 -5.32 1.68 -12.33
N THR A 32 -6.62 1.62 -12.09
CA THR A 32 -7.16 1.66 -10.73
C THR A 32 -6.38 0.74 -9.81
N GLU A 33 -5.89 -0.38 -10.35
CA GLU A 33 -5.13 -1.34 -9.58
C GLU A 33 -3.63 -1.06 -9.68
N LEU A 34 -2.89 -1.45 -8.65
CA LEU A 34 -1.45 -1.25 -8.62
C LEU A 34 -0.71 -2.57 -8.56
N SER A 35 0.47 -2.61 -9.17
CA SER A 35 1.29 -3.83 -9.19
C SER A 35 2.05 -3.99 -7.89
N LEU A 36 2.09 -5.21 -7.38
CA LEU A 36 2.80 -5.50 -6.13
C LEU A 36 3.94 -6.49 -6.37
N LEU A 37 5.01 -6.34 -5.62
CA LEU A 37 6.18 -7.22 -5.74
C LEU A 37 6.29 -8.14 -4.53
N ALA A 38 6.91 -9.30 -4.73
CA ALA A 38 7.10 -10.26 -3.65
C ALA A 38 8.17 -9.80 -2.68
N ASP A 39 7.85 -9.79 -1.39
CA ASP A 39 8.79 -9.37 -0.37
C ASP A 39 8.95 -7.86 -0.37
N GLU A 40 7.84 -7.14 -0.48
CA GLU A 40 7.87 -5.69 -0.49
C GLU A 40 6.75 -5.11 0.38
N VAL A 41 7.09 -4.10 1.17
CA VAL A 41 6.13 -3.46 2.05
C VAL A 41 5.82 -2.03 1.60
N ILE A 42 4.57 -1.78 1.24
CA ILE A 42 4.16 -0.46 0.79
C ILE A 42 3.14 0.15 1.75
N THR A 43 2.75 1.39 1.48
CA THR A 43 1.78 2.10 2.32
C THR A 43 0.35 1.78 1.89
N VAL A 44 -0.40 1.13 2.78
CA VAL A 44 -1.78 0.77 2.50
C VAL A 44 -2.75 1.53 3.40
N PHE A 45 -3.94 1.79 2.90
CA PHE A 45 -4.96 2.51 3.66
C PHE A 45 -6.35 2.28 3.07
N SER A 46 -7.35 2.23 3.93
CA SER A 46 -8.72 2.03 3.51
C SER A 46 -9.35 3.33 3.03
N VAL A 47 -10.23 3.22 2.03
CA VAL A 47 -10.91 4.39 1.48
C VAL A 47 -12.41 4.16 1.35
N VAL A 48 -13.19 5.15 1.77
CA VAL A 48 -14.64 5.05 1.70
C VAL A 48 -15.10 4.52 0.34
N GLY A 49 -16.05 3.59 0.35
CA GLY A 49 -16.55 3.02 -0.89
C GLY A 49 -15.60 2.01 -1.49
N MET A 50 -14.77 1.41 -0.65
CA MET A 50 -13.80 0.42 -1.11
C MET A 50 -14.13 -0.96 -0.56
N ASP A 51 -13.63 -2.00 -1.23
CA ASP A 51 -13.87 -3.36 -0.81
C ASP A 51 -12.96 -3.76 0.34
N SER A 52 -13.44 -4.65 1.21
CA SER A 52 -12.66 -5.10 2.36
C SER A 52 -11.47 -5.94 1.91
N ASP A 53 -11.59 -6.55 0.73
CA ASP A 53 -10.53 -7.38 0.19
C ASP A 53 -9.59 -6.56 -0.69
N TRP A 54 -9.63 -5.24 -0.52
CA TRP A 54 -8.79 -4.35 -1.29
C TRP A 54 -8.48 -3.07 -0.51
N LEU A 55 -7.22 -2.66 -0.52
CA LEU A 55 -6.80 -1.46 0.20
C LEU A 55 -6.21 -0.44 -0.77
N MET A 56 -5.82 0.71 -0.23
CA MET A 56 -5.24 1.78 -1.05
C MET A 56 -3.71 1.74 -0.96
N GLY A 57 -3.08 1.18 -1.99
CA GLY A 57 -1.63 1.11 -2.01
C GLY A 57 -0.99 2.28 -2.72
N GLU A 58 0.15 2.73 -2.19
CA GLU A 58 0.86 3.87 -2.78
C GLU A 58 2.33 3.54 -2.96
N ARG A 59 2.75 3.40 -4.23
CA ARG A 59 4.14 3.09 -4.53
C ARG A 59 4.81 4.27 -5.22
N GLY A 60 5.73 4.92 -4.51
CA GLY A 60 6.44 6.06 -5.06
C GLY A 60 5.50 7.16 -5.50
N ASN A 61 5.27 7.25 -6.81
CA ASN A 61 4.38 8.27 -7.37
C ASN A 61 3.18 7.64 -8.05
N GLN A 62 2.61 6.63 -7.41
CA GLN A 62 1.45 5.93 -7.96
C GLN A 62 0.44 5.59 -6.88
N LYS A 63 -0.80 5.33 -7.27
CA LYS A 63 -1.86 5.00 -6.33
C LYS A 63 -2.89 4.08 -6.98
N GLY A 64 -3.38 3.11 -6.21
CA GLY A 64 -4.38 2.19 -6.72
C GLY A 64 -4.86 1.21 -5.67
N LYS A 65 -5.64 0.23 -6.10
CA LYS A 65 -6.17 -0.79 -5.19
C LYS A 65 -5.19 -1.95 -5.02
N VAL A 66 -5.14 -2.51 -3.82
CA VAL A 66 -4.25 -3.64 -3.55
C VAL A 66 -4.99 -4.76 -2.83
N PRO A 67 -4.81 -6.00 -3.32
CA PRO A 67 -5.45 -7.18 -2.75
C PRO A 67 -4.87 -7.54 -1.38
N ILE A 68 -5.73 -7.53 -0.37
CA ILE A 68 -5.31 -7.86 0.99
C ILE A 68 -4.81 -9.30 1.08
N THR A 69 -5.41 -10.18 0.28
CA THR A 69 -5.02 -11.58 0.27
C THR A 69 -3.55 -11.74 -0.10
N TYR A 70 -2.96 -10.69 -0.64
CA TYR A 70 -1.56 -10.71 -1.04
C TYR A 70 -0.70 -9.91 -0.05
N LEU A 71 -1.36 -9.18 0.83
CA LEU A 71 -0.66 -8.37 1.82
C LEU A 71 -0.80 -8.98 3.21
N GLU A 72 0.25 -8.82 4.03
CA GLU A 72 0.25 -9.35 5.38
C GLU A 72 0.47 -8.25 6.41
N LEU A 73 -0.59 -7.53 6.73
CA LEU A 73 -0.51 -6.43 7.69
C LEU A 73 0.45 -6.78 8.84
N LEU A 74 1.64 -6.20 8.79
CA LEU A 74 2.65 -6.44 9.83
C LEU A 74 2.20 -5.88 11.17
N ASN A 75 2.93 -6.23 12.22
CA ASN A 75 2.61 -5.76 13.57
C ASN A 75 1.09 -5.68 13.77
N SER A 76 0.37 -6.63 13.19
CA SER A 76 -1.08 -6.67 13.31
C SER A 76 -1.51 -6.78 14.77
N GLY A 77 -0.89 -7.73 15.48
CA GLY A 77 -1.23 -7.93 16.88
C GLY A 77 -0.30 -8.91 17.56
N PRO A 78 -0.54 -9.17 18.85
CA PRO A 78 0.27 -10.10 19.65
C PRO A 78 0.07 -11.55 19.22
N SER A 79 -1.02 -11.80 18.50
CA SER A 79 -1.33 -13.16 18.04
C SER A 79 -0.16 -13.73 17.23
N SER A 80 -0.15 -15.05 17.09
CA SER A 80 0.89 -15.73 16.35
C SER A 80 0.91 -15.29 14.89
N GLY A 81 -0.28 -15.16 14.30
CA GLY A 81 -0.39 -14.75 12.92
C GLY A 81 -1.28 -15.67 12.10
N GLY A 1 -11.86 25.79 9.08
CA GLY A 1 -10.76 24.85 9.20
C GLY A 1 -10.48 24.13 7.89
N SER A 2 -11.03 22.92 7.76
CA SER A 2 -10.82 22.13 6.56
C SER A 2 -12.15 21.73 5.93
N SER A 3 -12.10 21.08 4.78
CA SER A 3 -13.31 20.65 4.08
C SER A 3 -13.09 19.31 3.38
N GLY A 4 -14.17 18.73 2.88
CA GLY A 4 -14.07 17.45 2.19
C GLY A 4 -13.83 17.61 0.70
N SER A 5 -12.70 18.20 0.34
CA SER A 5 -12.36 18.41 -1.06
C SER A 5 -11.15 17.58 -1.46
N SER A 6 -10.83 17.60 -2.75
CA SER A 6 -9.69 16.84 -3.26
C SER A 6 -8.65 17.77 -3.86
N GLY A 7 -7.38 17.50 -3.56
CA GLY A 7 -6.29 18.32 -4.07
C GLY A 7 -5.47 18.95 -2.97
N LEU A 8 -5.01 18.12 -2.03
CA LEU A 8 -4.20 18.60 -0.92
C LEU A 8 -3.44 17.46 -0.26
N ASN A 9 -2.43 17.80 0.53
CA ASN A 9 -1.62 16.81 1.22
C ASN A 9 -1.54 17.10 2.71
N ASP A 10 -1.08 16.13 3.48
CA ASP A 10 -0.95 16.29 4.92
C ASP A 10 0.34 17.03 5.28
N LEU A 11 0.19 18.18 5.92
CA LEU A 11 1.35 18.99 6.32
C LEU A 11 1.75 18.69 7.76
N LYS A 12 1.69 17.43 8.14
CA LYS A 12 2.05 17.01 9.48
C LYS A 12 3.24 16.04 9.45
N GLU A 13 3.98 15.99 10.56
CA GLU A 13 5.14 15.11 10.66
C GLU A 13 4.70 13.65 10.74
N SER A 14 3.82 13.35 11.69
CA SER A 14 3.33 11.99 11.88
C SER A 14 2.77 11.43 10.57
N SER A 15 2.75 10.11 10.46
CA SER A 15 2.24 9.45 9.26
C SER A 15 1.05 8.57 9.59
N ASN A 16 -0.11 8.94 9.07
CA ASN A 16 -1.34 8.18 9.32
C ASN A 16 -1.61 7.19 8.18
N ASN A 17 -0.93 6.05 8.22
CA ASN A 17 -1.10 5.03 7.20
C ASN A 17 -0.68 3.67 7.72
N ARG A 18 -1.27 2.61 7.16
CA ARG A 18 -0.95 1.25 7.57
C ARG A 18 0.17 0.66 6.70
N LYS A 19 0.75 -0.43 7.17
CA LYS A 19 1.84 -1.08 6.44
C LYS A 19 1.62 -2.59 6.38
N ALA A 20 1.95 -3.19 5.24
CA ALA A 20 1.80 -4.63 5.06
C ALA A 20 2.87 -5.18 4.13
N ARG A 21 3.24 -6.44 4.35
CA ARG A 21 4.26 -7.08 3.52
C ARG A 21 3.63 -7.93 2.43
N VAL A 22 4.07 -7.74 1.19
CA VAL A 22 3.53 -8.48 0.06
C VAL A 22 4.00 -9.93 0.09
N LEU A 23 3.07 -10.86 -0.09
CA LEU A 23 3.39 -12.28 -0.08
C LEU A 23 3.74 -12.76 -1.48
N TYR A 24 3.12 -12.16 -2.49
CA TYR A 24 3.37 -12.52 -3.87
C TYR A 24 3.28 -11.31 -4.79
N ASP A 25 4.03 -11.33 -5.88
CA ASP A 25 4.03 -10.23 -6.84
C ASP A 25 2.74 -10.22 -7.66
N TYR A 26 2.02 -9.10 -7.59
CA TYR A 26 0.76 -8.96 -8.31
C TYR A 26 0.94 -8.07 -9.54
N ASP A 27 0.11 -8.29 -10.55
CA ASP A 27 0.17 -7.49 -11.78
C ASP A 27 -1.14 -6.75 -12.00
N ALA A 28 -1.13 -5.45 -11.73
CA ALA A 28 -2.32 -4.62 -11.91
C ALA A 28 -2.91 -4.79 -13.30
N ALA A 29 -4.23 -4.94 -13.37
CA ALA A 29 -4.91 -5.12 -14.65
C ALA A 29 -5.25 -3.78 -15.28
N ASN A 30 -5.46 -2.77 -14.44
CA ASN A 30 -5.79 -1.43 -14.92
C ASN A 30 -5.20 -0.37 -14.00
N SER A 31 -5.30 0.89 -14.43
CA SER A 31 -4.78 2.00 -13.64
C SER A 31 -5.27 1.93 -12.21
N THR A 32 -6.58 1.84 -12.04
CA THR A 32 -7.19 1.76 -10.72
C THR A 32 -6.41 0.83 -9.81
N GLU A 33 -5.89 -0.26 -10.38
CA GLU A 33 -5.11 -1.23 -9.62
C GLU A 33 -3.61 -0.94 -9.72
N LEU A 34 -2.87 -1.34 -8.70
CA LEU A 34 -1.43 -1.12 -8.67
C LEU A 34 -0.67 -2.45 -8.62
N SER A 35 0.54 -2.46 -9.17
CA SER A 35 1.35 -3.67 -9.19
C SER A 35 2.03 -3.89 -7.84
N LEU A 36 2.22 -5.15 -7.49
CA LEU A 36 2.86 -5.50 -6.22
C LEU A 36 4.04 -6.45 -6.45
N LEU A 37 5.03 -6.38 -5.56
CA LEU A 37 6.20 -7.24 -5.66
C LEU A 37 6.32 -8.14 -4.44
N ALA A 38 6.98 -9.28 -4.63
CA ALA A 38 7.15 -10.24 -3.54
C ALA A 38 8.24 -9.77 -2.58
N ASP A 39 7.93 -9.79 -1.29
CA ASP A 39 8.89 -9.37 -0.26
C ASP A 39 9.01 -7.86 -0.23
N GLU A 40 7.90 -7.17 -0.48
CA GLU A 40 7.90 -5.70 -0.49
C GLU A 40 6.77 -5.16 0.40
N VAL A 41 7.10 -4.15 1.19
CA VAL A 41 6.12 -3.54 2.09
C VAL A 41 5.75 -2.14 1.62
N ILE A 42 4.47 -1.97 1.26
CA ILE A 42 3.99 -0.67 0.79
C ILE A 42 2.97 -0.09 1.77
N THR A 43 2.57 1.16 1.51
CA THR A 43 1.60 1.84 2.37
C THR A 43 0.17 1.54 1.92
N VAL A 44 -0.62 0.97 2.83
CA VAL A 44 -2.01 0.65 2.53
C VAL A 44 -2.97 1.41 3.44
N PHE A 45 -4.10 1.81 2.89
CA PHE A 45 -5.10 2.55 3.64
C PHE A 45 -6.50 2.36 3.04
N SER A 46 -7.50 2.26 3.91
CA SER A 46 -8.88 2.07 3.46
C SER A 46 -9.46 3.38 2.95
N VAL A 47 -10.42 3.27 2.04
CA VAL A 47 -11.07 4.45 1.46
C VAL A 47 -12.54 4.19 1.19
N VAL A 48 -13.39 5.15 1.58
CA VAL A 48 -14.83 5.02 1.38
C VAL A 48 -15.14 4.38 0.02
N GLY A 49 -16.09 3.46 0.02
CA GLY A 49 -16.47 2.79 -1.21
C GLY A 49 -15.44 1.78 -1.66
N MET A 50 -14.58 1.36 -0.74
CA MET A 50 -13.54 0.39 -1.05
C MET A 50 -13.88 -0.98 -0.44
N ASP A 51 -13.68 -2.03 -1.23
CA ASP A 51 -13.95 -3.39 -0.77
C ASP A 51 -12.95 -3.82 0.30
N SER A 52 -13.42 -4.63 1.24
CA SER A 52 -12.57 -5.11 2.33
C SER A 52 -11.44 -5.98 1.78
N ASP A 53 -11.57 -6.38 0.53
CA ASP A 53 -10.56 -7.21 -0.11
C ASP A 53 -9.61 -6.38 -0.96
N TRP A 54 -9.67 -5.07 -0.78
CA TRP A 54 -8.82 -4.15 -1.54
C TRP A 54 -8.51 -2.90 -0.73
N LEU A 55 -7.22 -2.58 -0.60
CA LEU A 55 -6.80 -1.41 0.16
C LEU A 55 -6.09 -0.41 -0.76
N MET A 56 -6.02 0.84 -0.31
CA MET A 56 -5.37 1.90 -1.07
C MET A 56 -3.85 1.79 -0.96
N GLY A 57 -3.22 1.25 -2.00
CA GLY A 57 -1.76 1.11 -1.99
C GLY A 57 -1.07 2.28 -2.66
N GLU A 58 0.05 2.71 -2.08
CA GLU A 58 0.81 3.82 -2.62
C GLU A 58 2.25 3.40 -2.91
N ARG A 59 2.59 3.31 -4.18
CA ARG A 59 3.93 2.93 -4.59
C ARG A 59 4.38 3.70 -5.83
N GLY A 60 5.69 3.90 -5.96
CA GLY A 60 6.21 4.62 -7.11
C GLY A 60 5.36 5.84 -7.47
N ASN A 61 5.23 6.76 -6.51
CA ASN A 61 4.45 7.97 -6.73
C ASN A 61 3.14 7.65 -7.45
N GLN A 62 2.57 6.50 -7.12
CA GLN A 62 1.31 6.07 -7.72
C GLN A 62 0.36 5.49 -6.67
N LYS A 63 -0.92 5.50 -6.97
CA LYS A 63 -1.93 4.99 -6.06
C LYS A 63 -2.94 4.09 -6.79
N GLY A 64 -3.43 3.07 -6.11
CA GLY A 64 -4.39 2.16 -6.71
C GLY A 64 -4.97 1.19 -5.71
N LYS A 65 -5.67 0.17 -6.21
CA LYS A 65 -6.28 -0.83 -5.36
C LYS A 65 -5.39 -2.06 -5.22
N VAL A 66 -5.06 -2.41 -3.98
CA VAL A 66 -4.21 -3.56 -3.72
C VAL A 66 -4.99 -4.67 -3.02
N PRO A 67 -4.85 -5.90 -3.52
CA PRO A 67 -5.54 -7.06 -2.95
C PRO A 67 -4.98 -7.46 -1.59
N ILE A 68 -5.84 -7.47 -0.58
CA ILE A 68 -5.45 -7.83 0.77
C ILE A 68 -4.97 -9.28 0.84
N THR A 69 -5.55 -10.12 0.00
CA THR A 69 -5.19 -11.54 -0.05
C THR A 69 -3.70 -11.71 -0.36
N TYR A 70 -3.11 -10.68 -0.95
CA TYR A 70 -1.70 -10.73 -1.31
C TYR A 70 -0.85 -9.98 -0.29
N LEU A 71 -1.51 -9.22 0.59
CA LEU A 71 -0.83 -8.45 1.61
C LEU A 71 -1.10 -9.03 3.00
N GLU A 72 -0.10 -9.01 3.86
CA GLU A 72 -0.23 -9.53 5.21
C GLU A 72 0.03 -8.43 6.24
N LEU A 73 -1.04 -7.76 6.66
CA LEU A 73 -0.94 -6.68 7.64
C LEU A 73 -0.13 -7.14 8.86
N LEU A 74 1.05 -6.55 9.03
CA LEU A 74 1.92 -6.89 10.15
C LEU A 74 1.44 -6.24 11.43
N ASN A 75 1.77 -6.84 12.57
CA ASN A 75 1.36 -6.32 13.86
C ASN A 75 2.45 -5.44 14.46
N SER A 76 2.22 -4.13 14.43
CA SER A 76 3.19 -3.18 14.97
C SER A 76 3.03 -3.02 16.48
N GLY A 77 2.92 -4.15 17.17
CA GLY A 77 2.75 -4.11 18.62
C GLY A 77 2.83 -5.50 19.24
N PRO A 78 2.79 -5.55 20.57
CA PRO A 78 2.85 -6.80 21.32
C PRO A 78 1.60 -7.65 21.15
N SER A 79 0.68 -7.18 20.31
CA SER A 79 -0.57 -7.88 20.06
C SER A 79 -0.36 -9.39 20.09
N SER A 80 -1.30 -10.10 20.71
CA SER A 80 -1.21 -11.56 20.81
C SER A 80 -0.58 -12.14 19.54
N GLY A 81 0.26 -13.17 19.74
CA GLY A 81 0.91 -13.81 18.61
C GLY A 81 2.03 -12.96 18.03
N GLY A 1 8.60 9.40 -20.34
CA GLY A 1 8.94 10.68 -19.75
C GLY A 1 10.41 10.78 -19.41
N SER A 2 10.76 11.79 -18.62
CA SER A 2 12.14 12.00 -18.22
C SER A 2 12.46 11.24 -16.93
N SER A 3 13.62 10.60 -16.90
CA SER A 3 14.05 9.82 -15.74
C SER A 3 14.37 10.74 -14.57
N GLY A 4 14.54 10.16 -13.39
CA GLY A 4 14.85 10.94 -12.21
C GLY A 4 13.74 11.89 -11.83
N SER A 5 14.09 13.15 -11.60
CA SER A 5 13.11 14.16 -11.22
C SER A 5 12.05 13.58 -10.29
N SER A 6 12.49 12.73 -9.37
CA SER A 6 11.58 12.10 -8.42
C SER A 6 10.74 13.13 -7.69
N GLY A 7 11.42 14.10 -7.07
CA GLY A 7 10.72 15.15 -6.34
C GLY A 7 10.10 14.64 -5.05
N LEU A 8 10.94 14.42 -4.05
CA LEU A 8 10.48 13.93 -2.75
C LEU A 8 11.56 14.07 -1.69
N ASN A 9 11.15 14.13 -0.43
CA ASN A 9 12.10 14.26 0.68
C ASN A 9 11.96 13.09 1.64
N ASP A 10 13.07 12.72 2.28
CA ASP A 10 13.07 11.61 3.23
C ASP A 10 12.98 12.14 4.67
N LEU A 11 12.02 13.02 4.91
CA LEU A 11 11.82 13.60 6.24
C LEU A 11 10.41 13.32 6.74
N LYS A 12 10.26 12.24 7.50
CA LYS A 12 8.96 11.87 8.06
C LYS A 12 8.75 12.52 9.42
N GLU A 13 7.49 12.62 9.83
CA GLU A 13 7.14 13.23 11.11
C GLU A 13 6.18 12.34 11.89
N SER A 14 5.32 11.63 11.17
CA SER A 14 4.33 10.75 11.79
C SER A 14 3.62 9.89 10.74
N SER A 15 3.52 8.60 11.01
CA SER A 15 2.87 7.68 10.09
C SER A 15 1.39 7.53 10.43
N ASN A 16 0.55 7.64 9.41
CA ASN A 16 -0.90 7.52 9.59
C ASN A 16 -1.41 6.23 8.97
N ASN A 17 -1.25 6.10 7.66
CA ASN A 17 -1.70 4.92 6.93
C ASN A 17 -1.10 3.65 7.54
N ARG A 18 -1.55 2.50 7.05
CA ARG A 18 -1.06 1.22 7.54
C ARG A 18 0.06 0.69 6.65
N LYS A 19 0.74 -0.36 7.13
CA LYS A 19 1.83 -0.96 6.38
C LYS A 19 1.72 -2.48 6.38
N ALA A 20 1.98 -3.08 5.22
CA ALA A 20 1.91 -4.54 5.09
C ALA A 20 2.95 -5.04 4.10
N ARG A 21 3.38 -6.28 4.29
CA ARG A 21 4.38 -6.90 3.42
C ARG A 21 3.71 -7.77 2.36
N VAL A 22 4.13 -7.58 1.11
CA VAL A 22 3.58 -8.35 0.00
C VAL A 22 4.04 -9.81 0.05
N LEU A 23 3.08 -10.72 -0.09
CA LEU A 23 3.39 -12.15 -0.05
C LEU A 23 3.70 -12.68 -1.46
N TYR A 24 3.15 -12.01 -2.46
CA TYR A 24 3.36 -12.41 -3.85
C TYR A 24 3.19 -11.22 -4.79
N ASP A 25 3.97 -11.20 -5.86
CA ASP A 25 3.91 -10.12 -6.84
C ASP A 25 2.56 -10.11 -7.55
N TYR A 26 1.91 -8.95 -7.56
CA TYR A 26 0.61 -8.80 -8.20
C TYR A 26 0.71 -7.90 -9.43
N ASP A 27 0.14 -8.35 -10.54
CA ASP A 27 0.16 -7.60 -11.79
C ASP A 27 -1.15 -6.84 -11.97
N ALA A 28 -1.13 -5.54 -11.72
CA ALA A 28 -2.32 -4.70 -11.86
C ALA A 28 -2.97 -4.92 -13.23
N ALA A 29 -4.28 -5.13 -13.22
CA ALA A 29 -5.03 -5.34 -14.46
C ALA A 29 -5.40 -4.02 -15.11
N ASN A 30 -5.65 -3.00 -14.28
CA ASN A 30 -6.01 -1.68 -14.78
C ASN A 30 -5.35 -0.59 -13.96
N SER A 31 -5.38 0.64 -14.48
CA SER A 31 -4.77 1.77 -13.80
C SER A 31 -5.16 1.79 -12.31
N THR A 32 -6.47 1.87 -12.06
CA THR A 32 -6.98 1.90 -10.70
C THR A 32 -6.20 0.95 -9.80
N GLU A 33 -5.77 -0.18 -10.36
CA GLU A 33 -5.02 -1.17 -9.60
C GLU A 33 -3.52 -0.91 -9.73
N LEU A 34 -2.78 -1.27 -8.69
CA LEU A 34 -1.33 -1.08 -8.67
C LEU A 34 -0.61 -2.42 -8.64
N SER A 35 0.57 -2.47 -9.27
CA SER A 35 1.37 -3.69 -9.31
C SER A 35 2.16 -3.87 -8.03
N LEU A 36 2.12 -5.07 -7.47
CA LEU A 36 2.84 -5.37 -6.25
C LEU A 36 3.99 -6.35 -6.51
N LEU A 37 4.97 -6.34 -5.62
CA LEU A 37 6.13 -7.22 -5.76
C LEU A 37 6.27 -8.12 -4.54
N ALA A 38 6.93 -9.26 -4.71
CA ALA A 38 7.15 -10.20 -3.63
C ALA A 38 8.24 -9.72 -2.69
N ASP A 39 7.95 -9.70 -1.40
CA ASP A 39 8.91 -9.26 -0.39
C ASP A 39 9.04 -7.74 -0.40
N GLU A 40 7.91 -7.06 -0.50
CA GLU A 40 7.90 -5.59 -0.53
C GLU A 40 6.77 -5.04 0.33
N VAL A 41 7.10 -4.08 1.19
CA VAL A 41 6.11 -3.47 2.07
C VAL A 41 5.74 -2.08 1.58
N ILE A 42 4.45 -1.89 1.27
CA ILE A 42 3.97 -0.61 0.79
C ILE A 42 2.96 0.00 1.77
N THR A 43 2.56 1.23 1.51
CA THR A 43 1.61 1.93 2.37
C THR A 43 0.17 1.62 1.96
N VAL A 44 -0.55 0.92 2.82
CA VAL A 44 -1.94 0.56 2.55
C VAL A 44 -2.89 1.30 3.49
N PHE A 45 -4.02 1.75 2.93
CA PHE A 45 -5.02 2.47 3.72
C PHE A 45 -6.41 2.29 3.13
N SER A 46 -7.42 2.30 4.00
CA SER A 46 -8.80 2.12 3.57
C SER A 46 -9.32 3.40 2.92
N VAL A 47 -10.38 3.27 2.13
CA VAL A 47 -10.99 4.41 1.45
C VAL A 47 -12.48 4.21 1.25
N VAL A 48 -13.28 5.21 1.63
CA VAL A 48 -14.73 5.13 1.49
C VAL A 48 -15.11 4.55 0.14
N GLY A 49 -16.01 3.56 0.16
CA GLY A 49 -16.45 2.93 -1.08
C GLY A 49 -15.46 1.91 -1.59
N MET A 50 -14.60 1.42 -0.71
CA MET A 50 -13.59 0.43 -1.08
C MET A 50 -14.00 -0.96 -0.60
N ASP A 51 -13.56 -1.98 -1.32
CA ASP A 51 -13.88 -3.36 -0.98
C ASP A 51 -12.96 -3.86 0.13
N SER A 52 -13.52 -4.64 1.05
CA SER A 52 -12.76 -5.18 2.17
C SER A 52 -11.60 -6.05 1.67
N ASP A 53 -11.71 -6.51 0.44
CA ASP A 53 -10.68 -7.35 -0.16
C ASP A 53 -9.71 -6.52 -0.99
N TRP A 54 -9.76 -5.20 -0.79
CA TRP A 54 -8.88 -4.29 -1.52
C TRP A 54 -8.61 -3.03 -0.70
N LEU A 55 -7.35 -2.63 -0.62
CA LEU A 55 -6.95 -1.44 0.12
C LEU A 55 -6.31 -0.41 -0.79
N MET A 56 -5.98 0.75 -0.24
CA MET A 56 -5.35 1.82 -1.01
C MET A 56 -3.83 1.73 -0.91
N GLY A 57 -3.21 1.20 -1.96
CA GLY A 57 -1.76 1.06 -1.98
C GLY A 57 -1.08 2.24 -2.67
N GLU A 58 0.07 2.65 -2.13
CA GLU A 58 0.81 3.77 -2.69
C GLU A 58 2.26 3.37 -2.96
N ARG A 59 2.61 3.28 -4.24
CA ARG A 59 3.97 2.92 -4.64
C ARG A 59 4.39 3.69 -5.90
N GLY A 60 5.69 3.89 -6.03
CA GLY A 60 6.21 4.61 -7.19
C GLY A 60 5.38 5.81 -7.54
N ASN A 61 5.34 6.79 -6.64
CA ASN A 61 4.57 8.01 -6.86
C ASN A 61 3.24 7.69 -7.54
N GLN A 62 2.69 6.52 -7.23
CA GLN A 62 1.42 6.10 -7.82
C GLN A 62 0.48 5.55 -6.74
N LYS A 63 -0.80 5.41 -7.09
CA LYS A 63 -1.79 4.90 -6.16
C LYS A 63 -2.80 4.00 -6.89
N GLY A 64 -3.31 3.00 -6.17
CA GLY A 64 -4.27 2.09 -6.76
C GLY A 64 -4.81 1.08 -5.75
N LYS A 65 -5.65 0.18 -6.22
CA LYS A 65 -6.24 -0.84 -5.35
C LYS A 65 -5.30 -2.03 -5.19
N VAL A 66 -5.14 -2.48 -3.95
CA VAL A 66 -4.26 -3.61 -3.66
C VAL A 66 -5.03 -4.73 -2.95
N PRO A 67 -4.85 -5.96 -3.44
CA PRO A 67 -5.51 -7.14 -2.86
C PRO A 67 -4.97 -7.50 -1.49
N ILE A 68 -5.85 -7.50 -0.49
CA ILE A 68 -5.45 -7.82 0.87
C ILE A 68 -4.94 -9.26 0.97
N THR A 69 -5.54 -10.15 0.17
CA THR A 69 -5.15 -11.55 0.17
C THR A 69 -3.66 -11.70 -0.16
N TYR A 70 -3.09 -10.66 -0.75
CA TYR A 70 -1.67 -10.69 -1.12
C TYR A 70 -0.83 -9.87 -0.13
N LEU A 71 -1.52 -9.09 0.71
CA LEU A 71 -0.84 -8.27 1.71
C LEU A 71 -1.06 -8.82 3.11
N GLU A 72 -0.01 -8.80 3.92
CA GLU A 72 -0.08 -9.29 5.29
C GLU A 72 0.15 -8.16 6.29
N LEU A 73 -0.90 -7.38 6.54
CA LEU A 73 -0.81 -6.26 7.47
C LEU A 73 0.07 -6.62 8.67
N LEU A 74 1.28 -6.07 8.69
CA LEU A 74 2.22 -6.33 9.77
C LEU A 74 1.74 -5.69 11.07
N ASN A 75 1.40 -6.53 12.04
CA ASN A 75 0.93 -6.05 13.34
C ASN A 75 2.09 -5.57 14.20
N SER A 76 1.81 -4.64 15.10
CA SER A 76 2.83 -4.09 15.99
C SER A 76 2.50 -4.39 17.44
N GLY A 77 3.18 -5.38 18.01
CA GLY A 77 2.94 -5.74 19.40
C GLY A 77 1.60 -6.42 19.60
N PRO A 78 1.51 -7.26 20.64
CA PRO A 78 0.27 -7.98 20.96
C PRO A 78 -0.82 -7.06 21.49
N SER A 79 -2.06 -7.33 21.08
CA SER A 79 -3.19 -6.52 21.51
C SER A 79 -3.89 -7.16 22.70
N SER A 80 -3.53 -6.72 23.90
CA SER A 80 -4.12 -7.25 25.12
C SER A 80 -5.62 -7.00 25.16
N GLY A 81 -6.02 -5.76 24.89
CA GLY A 81 -7.43 -5.41 24.90
C GLY A 81 -7.87 -4.76 23.60
N GLY A 1 -5.69 6.30 -21.58
CA GLY A 1 -4.90 6.37 -20.38
C GLY A 1 -4.74 7.78 -19.86
N SER A 2 -3.86 7.96 -18.88
CA SER A 2 -3.62 9.27 -18.29
C SER A 2 -2.53 10.01 -19.05
N SER A 3 -2.74 11.30 -19.28
CA SER A 3 -1.77 12.12 -20.00
C SER A 3 -0.70 12.65 -19.05
N GLY A 4 0.38 13.17 -19.62
CA GLY A 4 1.46 13.70 -18.80
C GLY A 4 0.98 14.73 -17.80
N SER A 5 1.76 14.93 -16.74
CA SER A 5 1.41 15.89 -15.70
C SER A 5 2.64 16.37 -14.96
N SER A 6 2.67 17.65 -14.61
CA SER A 6 3.79 18.24 -13.91
C SER A 6 3.71 17.94 -12.41
N GLY A 7 4.85 17.57 -11.83
CA GLY A 7 4.89 17.25 -10.41
C GLY A 7 6.04 17.93 -9.70
N LEU A 8 5.90 18.11 -8.39
CA LEU A 8 6.94 18.76 -7.60
C LEU A 8 7.26 17.93 -6.35
N ASN A 9 8.54 17.81 -6.04
CA ASN A 9 8.98 17.06 -4.87
C ASN A 9 8.31 17.56 -3.61
N ASP A 10 7.31 16.82 -3.13
CA ASP A 10 6.59 17.18 -1.92
C ASP A 10 6.46 16.00 -0.97
N LEU A 11 6.65 16.26 0.32
CA LEU A 11 6.56 15.21 1.32
C LEU A 11 5.49 15.54 2.36
N LYS A 12 4.31 14.97 2.19
CA LYS A 12 3.21 15.21 3.11
C LYS A 12 3.66 15.04 4.56
N GLU A 13 3.40 16.05 5.37
CA GLU A 13 3.78 16.01 6.78
C GLU A 13 2.76 15.21 7.60
N SER A 14 1.50 15.62 7.52
CA SER A 14 0.43 14.96 8.26
C SER A 14 -0.16 13.82 7.44
N SER A 15 0.47 12.66 7.52
CA SER A 15 0.01 11.48 6.79
C SER A 15 0.29 10.20 7.57
N ASN A 16 -0.77 9.56 8.05
CA ASN A 16 -0.63 8.33 8.81
C ASN A 16 -1.38 7.18 8.14
N ASN A 17 -0.65 6.35 7.40
CA ASN A 17 -1.24 5.21 6.70
C ASN A 17 -0.77 3.90 7.30
N ARG A 18 -1.23 2.79 6.72
CA ARG A 18 -0.85 1.47 7.21
C ARG A 18 0.27 0.89 6.36
N LYS A 19 0.95 -0.12 6.91
CA LYS A 19 2.05 -0.78 6.21
C LYS A 19 1.86 -2.29 6.19
N ALA A 20 2.17 -2.91 5.06
CA ALA A 20 2.05 -4.36 4.92
C ALA A 20 3.11 -4.92 3.98
N ARG A 21 3.42 -6.19 4.13
CA ARG A 21 4.42 -6.85 3.31
C ARG A 21 3.76 -7.75 2.27
N VAL A 22 4.22 -7.63 1.02
CA VAL A 22 3.67 -8.44 -0.07
C VAL A 22 4.17 -9.88 0.02
N LEU A 23 3.22 -10.82 -0.01
CA LEU A 23 3.55 -12.24 0.07
C LEU A 23 3.85 -12.80 -1.32
N TYR A 24 3.25 -12.20 -2.34
CA TYR A 24 3.46 -12.64 -3.72
C TYR A 24 3.32 -11.46 -4.69
N ASP A 25 4.03 -11.57 -5.82
CA ASP A 25 3.99 -10.51 -6.83
C ASP A 25 2.63 -10.49 -7.53
N TYR A 26 1.96 -9.35 -7.45
CA TYR A 26 0.65 -9.19 -8.08
C TYR A 26 0.75 -8.35 -9.36
N ASP A 27 -0.20 -8.56 -10.26
CA ASP A 27 -0.22 -7.82 -11.52
C ASP A 27 -1.51 -7.01 -11.66
N ALA A 28 -1.39 -5.70 -11.58
CA ALA A 28 -2.54 -4.82 -11.70
C ALA A 28 -3.18 -4.94 -13.08
N ALA A 29 -4.51 -5.02 -13.10
CA ALA A 29 -5.23 -5.14 -14.36
C ALA A 29 -5.34 -3.79 -15.07
N ASN A 30 -5.42 -2.72 -14.28
CA ASN A 30 -5.52 -1.37 -14.83
C ASN A 30 -5.07 -0.33 -13.80
N SER A 31 -5.14 0.94 -14.19
CA SER A 31 -4.74 2.02 -13.30
C SER A 31 -5.33 1.84 -11.90
N THR A 32 -6.64 1.67 -11.86
CA THR A 32 -7.34 1.48 -10.59
C THR A 32 -6.59 0.51 -9.69
N GLU A 33 -5.89 -0.44 -10.30
CA GLU A 33 -5.13 -1.43 -9.55
C GLU A 33 -3.63 -1.18 -9.68
N LEU A 34 -2.89 -1.50 -8.62
CA LEU A 34 -1.45 -1.31 -8.60
C LEU A 34 -0.72 -2.65 -8.54
N SER A 35 0.46 -2.71 -9.15
CA SER A 35 1.26 -3.93 -9.16
C SER A 35 2.01 -4.10 -7.85
N LEU A 36 2.22 -5.35 -7.46
CA LEU A 36 2.93 -5.66 -6.22
C LEU A 36 4.04 -6.67 -6.47
N LEU A 37 5.13 -6.54 -5.72
CA LEU A 37 6.26 -7.45 -5.85
C LEU A 37 6.41 -8.33 -4.60
N ALA A 38 6.98 -9.51 -4.79
CA ALA A 38 7.17 -10.44 -3.69
C ALA A 38 8.28 -9.96 -2.75
N ASP A 39 7.96 -9.90 -1.46
CA ASP A 39 8.93 -9.46 -0.46
C ASP A 39 9.11 -7.95 -0.51
N GLU A 40 8.00 -7.22 -0.63
CA GLU A 40 8.03 -5.77 -0.69
C GLU A 40 6.94 -5.15 0.17
N VAL A 41 7.31 -4.17 0.97
CA VAL A 41 6.35 -3.50 1.85
C VAL A 41 6.06 -2.09 1.37
N ILE A 42 4.78 -1.81 1.13
CA ILE A 42 4.35 -0.49 0.65
C ILE A 42 3.32 0.12 1.60
N THR A 43 2.92 1.36 1.30
CA THR A 43 1.94 2.06 2.12
C THR A 43 0.52 1.72 1.68
N VAL A 44 -0.27 1.21 2.61
CA VAL A 44 -1.66 0.84 2.32
C VAL A 44 -2.62 1.57 3.24
N PHE A 45 -3.79 1.93 2.71
CA PHE A 45 -4.80 2.63 3.50
C PHE A 45 -6.19 2.34 2.96
N SER A 46 -7.16 2.23 3.86
CA SER A 46 -8.54 1.96 3.48
C SER A 46 -9.28 3.25 3.13
N VAL A 47 -10.08 3.19 2.08
CA VAL A 47 -10.85 4.35 1.64
C VAL A 47 -12.34 4.08 1.71
N VAL A 48 -13.10 5.10 2.09
CA VAL A 48 -14.55 4.97 2.20
C VAL A 48 -15.13 4.23 1.00
N GLY A 49 -15.91 3.19 1.27
CA GLY A 49 -16.52 2.41 0.21
C GLY A 49 -15.62 1.28 -0.26
N MET A 50 -14.31 1.51 -0.25
CA MET A 50 -13.35 0.50 -0.67
C MET A 50 -13.72 -0.87 -0.11
N ASP A 51 -13.42 -1.91 -0.88
CA ASP A 51 -13.72 -3.28 -0.46
C ASP A 51 -12.74 -3.75 0.60
N SER A 52 -13.20 -4.61 1.50
CA SER A 52 -12.37 -5.14 2.57
C SER A 52 -11.25 -6.01 2.00
N ASP A 53 -11.45 -6.49 0.78
CA ASP A 53 -10.45 -7.33 0.13
C ASP A 53 -9.54 -6.51 -0.77
N TRP A 54 -9.58 -5.19 -0.60
CA TRP A 54 -8.75 -4.29 -1.40
C TRP A 54 -8.44 -3.01 -0.62
N LEU A 55 -7.16 -2.65 -0.59
CA LEU A 55 -6.73 -1.45 0.12
C LEU A 55 -6.15 -0.43 -0.85
N MET A 56 -5.79 0.74 -0.33
CA MET A 56 -5.22 1.81 -1.15
C MET A 56 -3.70 1.79 -1.07
N GLY A 57 -3.07 1.23 -2.11
CA GLY A 57 -1.62 1.17 -2.14
C GLY A 57 -0.99 2.39 -2.78
N GLU A 58 0.23 2.70 -2.39
CA GLU A 58 0.94 3.86 -2.93
C GLU A 58 2.41 3.54 -3.15
N ARG A 59 2.82 3.45 -4.42
CA ARG A 59 4.20 3.15 -4.76
C ARG A 59 4.86 4.33 -5.48
N GLY A 60 5.73 5.04 -4.77
CA GLY A 60 6.41 6.18 -5.36
C GLY A 60 5.45 7.32 -5.67
N ASN A 61 5.10 7.46 -6.95
CA ASN A 61 4.19 8.52 -7.37
C ASN A 61 2.95 7.94 -8.05
N GLN A 62 2.49 6.80 -7.53
CA GLN A 62 1.31 6.15 -8.09
C GLN A 62 0.35 5.71 -6.98
N LYS A 63 -0.87 5.39 -7.36
CA LYS A 63 -1.89 4.96 -6.39
C LYS A 63 -2.90 4.03 -7.05
N GLY A 64 -3.41 3.09 -6.27
CA GLY A 64 -4.39 2.14 -6.79
C GLY A 64 -4.92 1.20 -5.73
N LYS A 65 -5.54 0.11 -6.16
CA LYS A 65 -6.09 -0.87 -5.24
C LYS A 65 -5.14 -2.05 -5.07
N VAL A 66 -5.04 -2.57 -3.85
CA VAL A 66 -4.17 -3.70 -3.57
C VAL A 66 -4.92 -4.80 -2.84
N PRO A 67 -4.79 -6.04 -3.34
CA PRO A 67 -5.45 -7.21 -2.76
C PRO A 67 -4.87 -7.59 -1.40
N ILE A 68 -5.70 -7.53 -0.36
CA ILE A 68 -5.27 -7.86 0.99
C ILE A 68 -4.79 -9.31 1.07
N THR A 69 -5.40 -10.18 0.26
CA THR A 69 -5.04 -11.58 0.24
C THR A 69 -3.57 -11.77 -0.11
N TYR A 70 -2.98 -10.76 -0.75
CA TYR A 70 -1.59 -10.81 -1.15
C TYR A 70 -0.71 -10.05 -0.16
N LEU A 71 -1.35 -9.28 0.71
CA LEU A 71 -0.63 -8.49 1.71
C LEU A 71 -0.86 -9.06 3.11
N GLU A 72 0.13 -8.86 3.98
CA GLU A 72 0.04 -9.36 5.36
C GLU A 72 0.30 -8.23 6.35
N LEU A 73 -0.73 -7.46 6.64
CA LEU A 73 -0.62 -6.34 7.59
C LEU A 73 0.20 -6.75 8.81
N LEU A 74 1.39 -6.16 8.94
CA LEU A 74 2.26 -6.46 10.07
C LEU A 74 1.80 -5.74 11.33
N ASN A 75 1.49 -6.51 12.37
CA ASN A 75 1.04 -5.94 13.63
C ASN A 75 -0.33 -5.30 13.48
N SER A 76 -1.20 -5.94 12.70
CA SER A 76 -2.53 -5.44 12.46
C SER A 76 -3.10 -4.78 13.71
N GLY A 77 -2.98 -5.47 14.85
CA GLY A 77 -3.48 -4.94 16.10
C GLY A 77 -3.22 -5.87 17.27
N PRO A 78 -3.07 -5.29 18.47
CA PRO A 78 -2.81 -6.05 19.69
C PRO A 78 -4.03 -6.86 20.13
N SER A 79 -4.17 -8.06 19.57
CA SER A 79 -5.29 -8.93 19.90
C SER A 79 -5.62 -8.86 21.39
N SER A 80 -6.84 -9.23 21.74
CA SER A 80 -7.27 -9.20 23.13
C SER A 80 -8.49 -10.11 23.33
N GLY A 81 -8.45 -10.93 24.37
CA GLY A 81 -9.54 -11.84 24.66
C GLY A 81 -9.85 -11.92 26.15
N GLY A 1 2.94 11.98 -20.34
CA GLY A 1 3.16 13.39 -20.08
C GLY A 1 4.38 13.64 -19.21
N SER A 2 4.23 14.51 -18.23
CA SER A 2 5.33 14.85 -17.32
C SER A 2 4.81 15.45 -16.02
N SER A 3 5.48 15.13 -14.92
CA SER A 3 5.09 15.63 -13.61
C SER A 3 6.12 16.61 -13.07
N GLY A 4 5.64 17.74 -12.55
CA GLY A 4 6.54 18.74 -12.00
C GLY A 4 6.54 18.75 -10.48
N SER A 5 7.61 19.29 -9.89
CA SER A 5 7.74 19.36 -8.45
C SER A 5 8.19 20.75 -8.00
N SER A 6 7.59 21.24 -6.91
CA SER A 6 7.92 22.55 -6.39
C SER A 6 8.06 22.51 -4.87
N GLY A 7 9.25 22.87 -4.38
CA GLY A 7 9.48 22.87 -2.94
C GLY A 7 10.95 23.02 -2.60
N LEU A 8 11.24 23.15 -1.31
CA LEU A 8 12.62 23.31 -0.85
C LEU A 8 13.37 21.99 -0.92
N ASN A 9 14.67 22.04 -0.62
CA ASN A 9 15.50 20.84 -0.64
C ASN A 9 14.92 19.76 0.25
N ASP A 10 14.57 20.13 1.48
CA ASP A 10 14.00 19.18 2.43
C ASP A 10 12.48 19.25 2.42
N LEU A 11 11.83 18.09 2.45
CA LEU A 11 10.38 18.02 2.43
C LEU A 11 9.86 17.31 3.69
N LYS A 12 8.65 17.67 4.09
CA LYS A 12 8.03 17.07 5.27
C LYS A 12 6.74 16.34 4.91
N GLU A 13 6.66 15.06 5.28
CA GLU A 13 5.48 14.26 4.99
C GLU A 13 5.14 13.35 6.16
N SER A 14 3.95 13.55 6.74
CA SER A 14 3.51 12.75 7.87
C SER A 14 2.00 12.51 7.81
N SER A 15 1.61 11.29 7.47
CA SER A 15 0.20 10.94 7.37
C SER A 15 -0.07 9.58 8.03
N ASN A 16 -1.25 9.43 8.61
CA ASN A 16 -1.63 8.19 9.27
C ASN A 16 -1.96 7.10 8.24
N ASN A 17 -0.95 6.31 7.88
CA ASN A 17 -1.12 5.24 6.91
C ASN A 17 -0.65 3.91 7.49
N ARG A 18 -1.15 2.82 6.92
CA ARG A 18 -0.79 1.48 7.37
C ARG A 18 0.31 0.89 6.49
N LYS A 19 1.02 -0.09 7.02
CA LYS A 19 2.10 -0.75 6.27
C LYS A 19 1.91 -2.27 6.29
N ALA A 20 2.19 -2.89 5.15
CA ALA A 20 2.07 -4.34 5.02
C ALA A 20 3.10 -4.91 4.05
N ARG A 21 3.48 -6.17 4.25
CA ARG A 21 4.46 -6.81 3.39
C ARG A 21 3.77 -7.69 2.35
N VAL A 22 4.18 -7.55 1.10
CA VAL A 22 3.60 -8.34 0.01
C VAL A 22 4.06 -9.79 0.09
N LEU A 23 3.13 -10.71 -0.16
CA LEU A 23 3.43 -12.13 -0.13
C LEU A 23 3.74 -12.66 -1.52
N TYR A 24 3.14 -12.04 -2.53
CA TYR A 24 3.34 -12.44 -3.91
C TYR A 24 3.20 -11.25 -4.85
N ASP A 25 4.05 -11.21 -5.88
CA ASP A 25 4.03 -10.12 -6.84
C ASP A 25 2.73 -10.14 -7.64
N TYR A 26 1.96 -9.04 -7.54
CA TYR A 26 0.69 -8.93 -8.24
C TYR A 26 0.82 -8.02 -9.46
N ASP A 27 0.18 -8.42 -10.56
CA ASP A 27 0.22 -7.64 -11.79
C ASP A 27 -1.09 -6.89 -12.00
N ALA A 28 -1.07 -5.59 -11.73
CA ALA A 28 -2.25 -4.76 -11.88
C ALA A 28 -2.94 -5.01 -13.23
N ALA A 29 -4.23 -5.27 -13.19
CA ALA A 29 -4.99 -5.53 -14.41
C ALA A 29 -5.43 -4.23 -15.08
N ASN A 30 -5.56 -3.17 -14.28
CA ASN A 30 -5.96 -1.87 -14.80
C ASN A 30 -5.34 -0.75 -13.98
N SER A 31 -5.37 0.46 -14.53
CA SER A 31 -4.81 1.63 -13.86
C SER A 31 -5.23 1.66 -12.39
N THR A 32 -6.53 1.71 -12.15
CA THR A 32 -7.06 1.75 -10.80
C THR A 32 -6.28 0.82 -9.87
N GLU A 33 -5.81 -0.29 -10.43
CA GLU A 33 -5.04 -1.26 -9.66
C GLU A 33 -3.55 -0.99 -9.75
N LEU A 34 -2.80 -1.38 -8.73
CA LEU A 34 -1.36 -1.18 -8.70
C LEU A 34 -0.62 -2.51 -8.65
N SER A 35 0.56 -2.54 -9.26
CA SER A 35 1.38 -3.76 -9.28
C SER A 35 2.12 -3.94 -7.97
N LEU A 36 2.17 -5.19 -7.50
CA LEU A 36 2.86 -5.50 -6.25
C LEU A 36 4.01 -6.47 -6.49
N LEU A 37 5.05 -6.36 -5.67
CA LEU A 37 6.22 -7.23 -5.79
C LEU A 37 6.37 -8.11 -4.56
N ALA A 38 7.01 -9.27 -4.74
CA ALA A 38 7.22 -10.20 -3.64
C ALA A 38 8.31 -9.69 -2.70
N ASP A 39 8.01 -9.68 -1.40
CA ASP A 39 8.96 -9.22 -0.41
C ASP A 39 9.08 -7.70 -0.43
N GLU A 40 7.97 -7.02 -0.64
CA GLU A 40 7.95 -5.56 -0.69
C GLU A 40 6.85 -4.99 0.22
N VAL A 41 7.20 -3.98 1.00
CA VAL A 41 6.26 -3.35 1.91
C VAL A 41 5.90 -1.95 1.45
N ILE A 42 4.64 -1.73 1.12
CA ILE A 42 4.17 -0.43 0.66
C ILE A 42 3.15 0.16 1.63
N THR A 43 2.71 1.38 1.35
CA THR A 43 1.74 2.06 2.20
C THR A 43 0.32 1.68 1.80
N VAL A 44 -0.43 1.11 2.74
CA VAL A 44 -1.81 0.72 2.48
C VAL A 44 -2.77 1.45 3.40
N PHE A 45 -3.95 1.76 2.88
CA PHE A 45 -4.97 2.47 3.65
C PHE A 45 -6.36 2.26 3.05
N SER A 46 -7.35 2.08 3.91
CA SER A 46 -8.72 1.87 3.47
C SER A 46 -9.40 3.20 3.13
N VAL A 47 -10.24 3.18 2.11
CA VAL A 47 -10.95 4.38 1.67
C VAL A 47 -12.45 4.15 1.65
N VAL A 48 -13.21 5.16 2.07
CA VAL A 48 -14.67 5.06 2.08
C VAL A 48 -15.19 4.29 0.87
N GLY A 49 -16.07 3.33 1.13
CA GLY A 49 -16.63 2.53 0.05
C GLY A 49 -15.71 1.38 -0.35
N MET A 50 -14.41 1.64 -0.39
CA MET A 50 -13.44 0.63 -0.77
C MET A 50 -13.85 -0.73 -0.23
N ASP A 51 -13.51 -1.78 -0.98
CA ASP A 51 -13.85 -3.15 -0.58
C ASP A 51 -12.89 -3.66 0.49
N SER A 52 -13.38 -4.55 1.33
CA SER A 52 -12.57 -5.11 2.42
C SER A 52 -11.45 -5.98 1.85
N ASP A 53 -11.60 -6.39 0.60
CA ASP A 53 -10.59 -7.23 -0.05
C ASP A 53 -9.68 -6.39 -0.93
N TRP A 54 -9.70 -5.07 -0.72
CA TRP A 54 -8.87 -4.16 -1.49
C TRP A 54 -8.54 -2.91 -0.67
N LEU A 55 -7.26 -2.56 -0.62
CA LEU A 55 -6.81 -1.39 0.12
C LEU A 55 -6.17 -0.37 -0.82
N MET A 56 -5.87 0.81 -0.28
CA MET A 56 -5.26 1.87 -1.07
C MET A 56 -3.74 1.80 -0.98
N GLY A 57 -3.11 1.28 -2.02
CA GLY A 57 -1.66 1.17 -2.04
C GLY A 57 -0.99 2.32 -2.77
N GLU A 58 0.14 2.78 -2.24
CA GLU A 58 0.87 3.88 -2.85
C GLU A 58 2.33 3.50 -3.10
N ARG A 59 2.68 3.35 -4.37
CA ARG A 59 4.04 2.99 -4.74
C ARG A 59 4.46 3.69 -6.03
N GLY A 60 5.77 3.89 -6.19
CA GLY A 60 6.28 4.55 -7.38
C GLY A 60 5.50 5.81 -7.72
N ASN A 61 5.30 6.67 -6.73
CA ASN A 61 4.57 7.92 -6.92
C ASN A 61 3.24 7.66 -7.61
N GLN A 62 2.69 6.47 -7.41
CA GLN A 62 1.41 6.10 -8.01
C GLN A 62 0.40 5.70 -6.93
N LYS A 63 -0.81 5.39 -7.37
CA LYS A 63 -1.88 4.99 -6.44
C LYS A 63 -2.85 4.03 -7.12
N GLY A 64 -3.39 3.10 -6.34
CA GLY A 64 -4.33 2.13 -6.88
C GLY A 64 -4.86 1.18 -5.82
N LYS A 65 -5.62 0.19 -6.24
CA LYS A 65 -6.19 -0.79 -5.32
C LYS A 65 -5.28 -2.01 -5.18
N VAL A 66 -5.08 -2.46 -3.96
CA VAL A 66 -4.23 -3.62 -3.69
C VAL A 66 -5.01 -4.71 -2.96
N PRO A 67 -4.89 -5.95 -3.45
CA PRO A 67 -5.57 -7.11 -2.86
C PRO A 67 -4.99 -7.48 -1.50
N ILE A 68 -5.83 -7.43 -0.47
CA ILE A 68 -5.40 -7.76 0.88
C ILE A 68 -4.89 -9.19 0.96
N THR A 69 -5.48 -10.07 0.15
CA THR A 69 -5.08 -11.47 0.11
C THR A 69 -3.60 -11.62 -0.21
N TYR A 70 -3.03 -10.59 -0.82
CA TYR A 70 -1.62 -10.59 -1.19
C TYR A 70 -0.79 -9.82 -0.18
N LEU A 71 -1.46 -9.06 0.68
CA LEU A 71 -0.78 -8.26 1.70
C LEU A 71 -0.93 -8.91 3.08
N GLU A 72 0.07 -8.70 3.94
CA GLU A 72 0.03 -9.26 5.28
C GLU A 72 0.33 -8.18 6.32
N LEU A 73 -0.69 -7.42 6.69
CA LEU A 73 -0.55 -6.36 7.68
C LEU A 73 0.31 -6.82 8.86
N LEU A 74 1.46 -6.19 9.02
CA LEU A 74 2.37 -6.54 10.11
C LEU A 74 1.92 -5.89 11.43
N ASN A 75 0.64 -6.03 11.74
CA ASN A 75 0.09 -5.46 12.97
C ASN A 75 0.54 -6.24 14.19
N SER A 76 0.41 -5.64 15.36
CA SER A 76 0.81 -6.28 16.61
C SER A 76 -0.23 -7.29 17.06
N GLY A 77 0.22 -8.48 17.43
CA GLY A 77 -0.70 -9.51 17.90
C GLY A 77 -0.17 -10.91 17.62
N PRO A 78 -0.47 -11.85 18.52
CA PRO A 78 -0.04 -13.24 18.39
C PRO A 78 -0.75 -13.97 17.25
N SER A 79 -0.36 -15.22 17.02
CA SER A 79 -0.96 -16.02 15.96
C SER A 79 -1.92 -17.07 16.53
N SER A 80 -1.44 -17.80 17.54
CA SER A 80 -2.25 -18.83 18.18
C SER A 80 -3.66 -18.32 18.46
N GLY A 81 -4.63 -19.23 18.46
CA GLY A 81 -6.01 -18.86 18.71
C GLY A 81 -6.91 -19.12 17.53
N GLY A 1 -27.23 5.22 -8.13
CA GLY A 1 -26.55 6.28 -7.41
C GLY A 1 -25.16 5.87 -6.98
N SER A 2 -24.17 6.67 -7.38
CA SER A 2 -22.78 6.38 -7.03
C SER A 2 -21.89 7.57 -7.34
N SER A 3 -20.94 7.85 -6.45
CA SER A 3 -20.02 8.97 -6.62
C SER A 3 -18.59 8.48 -6.79
N GLY A 4 -17.68 9.41 -7.07
CA GLY A 4 -16.28 9.05 -7.25
C GLY A 4 -15.37 10.26 -7.23
N SER A 5 -14.80 10.54 -6.07
CA SER A 5 -13.91 11.69 -5.91
C SER A 5 -12.79 11.37 -4.92
N SER A 6 -11.55 11.42 -5.41
CA SER A 6 -10.39 11.12 -4.57
C SER A 6 -9.14 11.79 -5.13
N GLY A 7 -8.22 12.16 -4.24
CA GLY A 7 -6.99 12.79 -4.67
C GLY A 7 -6.54 13.89 -3.72
N LEU A 8 -6.59 13.60 -2.43
CA LEU A 8 -6.18 14.56 -1.41
C LEU A 8 -4.67 14.49 -1.16
N ASN A 9 -3.95 15.49 -1.66
CA ASN A 9 -2.50 15.54 -1.48
C ASN A 9 -2.05 16.94 -1.05
N ASP A 10 -2.10 17.20 0.24
CA ASP A 10 -1.70 18.49 0.78
C ASP A 10 -0.35 18.40 1.46
N LEU A 11 0.14 19.53 1.98
CA LEU A 11 1.42 19.57 2.66
C LEU A 11 1.44 18.64 3.87
N LYS A 12 2.39 17.72 3.88
CA LYS A 12 2.52 16.77 4.98
C LYS A 12 3.98 16.34 5.17
N GLU A 13 4.29 15.82 6.36
CA GLU A 13 5.64 15.39 6.66
C GLU A 13 5.66 13.91 7.06
N SER A 14 4.80 13.54 8.00
CA SER A 14 4.71 12.16 8.46
C SER A 14 3.50 11.45 7.86
N SER A 15 3.45 10.14 8.01
CA SER A 15 2.35 9.34 7.48
C SER A 15 1.73 8.48 8.57
N ASN A 16 0.40 8.42 8.59
CA ASN A 16 -0.32 7.63 9.58
C ASN A 16 -1.10 6.50 8.92
N ASN A 17 -0.59 6.02 7.79
CA ASN A 17 -1.24 4.95 7.05
C ASN A 17 -0.78 3.58 7.56
N ARG A 18 -1.46 2.53 7.12
CA ARG A 18 -1.13 1.17 7.53
C ARG A 18 0.00 0.60 6.66
N LYS A 19 0.73 -0.37 7.19
CA LYS A 19 1.82 -1.00 6.46
C LYS A 19 1.66 -2.52 6.44
N ALA A 20 1.86 -3.11 5.27
CA ALA A 20 1.74 -4.55 5.11
C ALA A 20 2.81 -5.09 4.16
N ARG A 21 3.23 -6.33 4.39
CA ARG A 21 4.23 -6.96 3.54
C ARG A 21 3.59 -7.82 2.47
N VAL A 22 4.01 -7.62 1.23
CA VAL A 22 3.47 -8.38 0.09
C VAL A 22 3.95 -9.82 0.14
N LEU A 23 3.02 -10.76 -0.06
CA LEU A 23 3.35 -12.17 -0.06
C LEU A 23 3.71 -12.66 -1.46
N TYR A 24 3.09 -12.05 -2.46
CA TYR A 24 3.35 -12.41 -3.85
C TYR A 24 3.27 -11.20 -4.77
N ASP A 25 4.09 -11.20 -5.82
CA ASP A 25 4.11 -10.10 -6.76
C ASP A 25 2.81 -10.03 -7.54
N TYR A 26 2.05 -8.94 -7.34
CA TYR A 26 0.78 -8.75 -8.02
C TYR A 26 0.94 -7.85 -9.24
N ASP A 27 0.05 -8.01 -10.21
CA ASP A 27 0.09 -7.21 -11.43
C ASP A 27 -1.23 -6.46 -11.63
N ALA A 28 -1.14 -5.14 -11.75
CA ALA A 28 -2.32 -4.31 -11.94
C ALA A 28 -2.98 -4.61 -13.29
N ALA A 29 -4.30 -4.70 -13.29
CA ALA A 29 -5.05 -4.98 -14.51
C ALA A 29 -5.39 -3.69 -15.24
N ASN A 30 -5.74 -2.65 -14.49
CA ASN A 30 -6.09 -1.36 -15.07
C ASN A 30 -5.47 -0.21 -14.27
N SER A 31 -5.81 1.01 -14.66
CA SER A 31 -5.29 2.19 -13.98
C SER A 31 -5.86 2.31 -12.57
N THR A 32 -6.73 1.37 -12.21
CA THR A 32 -7.35 1.37 -10.89
C THR A 32 -6.60 0.46 -9.93
N GLU A 33 -5.76 -0.41 -10.48
CA GLU A 33 -4.98 -1.34 -9.68
C GLU A 33 -3.49 -1.03 -9.77
N LEU A 34 -2.74 -1.44 -8.75
CA LEU A 34 -1.30 -1.20 -8.73
C LEU A 34 -0.53 -2.52 -8.69
N SER A 35 0.69 -2.50 -9.21
CA SER A 35 1.53 -3.69 -9.24
C SER A 35 2.30 -3.85 -7.93
N LEU A 36 2.29 -5.07 -7.41
CA LEU A 36 2.99 -5.36 -6.16
C LEU A 36 4.08 -6.40 -6.37
N LEU A 37 5.12 -6.35 -5.54
CA LEU A 37 6.23 -7.28 -5.64
C LEU A 37 6.29 -8.19 -4.41
N ALA A 38 7.00 -9.30 -4.53
CA ALA A 38 7.14 -10.25 -3.43
C ALA A 38 8.20 -9.78 -2.44
N ASP A 39 7.85 -9.79 -1.16
CA ASP A 39 8.78 -9.37 -0.11
C ASP A 39 8.94 -7.86 -0.11
N GLU A 40 7.83 -7.15 -0.31
CA GLU A 40 7.86 -5.68 -0.32
C GLU A 40 6.72 -5.11 0.50
N VAL A 41 7.04 -4.15 1.38
CA VAL A 41 6.05 -3.52 2.23
C VAL A 41 5.69 -2.13 1.72
N ILE A 42 4.40 -1.92 1.44
CA ILE A 42 3.93 -0.63 0.94
C ILE A 42 2.91 -0.01 1.89
N THR A 43 2.52 1.22 1.61
CA THR A 43 1.54 1.92 2.43
C THR A 43 0.12 1.59 2.00
N VAL A 44 -0.64 0.94 2.88
CA VAL A 44 -2.03 0.58 2.59
C VAL A 44 -2.99 1.37 3.47
N PHE A 45 -4.10 1.81 2.86
CA PHE A 45 -5.10 2.57 3.58
C PHE A 45 -6.48 2.34 2.97
N SER A 46 -7.51 2.31 3.83
CA SER A 46 -8.88 2.09 3.39
C SER A 46 -9.47 3.39 2.84
N VAL A 47 -10.46 3.24 1.97
CA VAL A 47 -11.13 4.40 1.37
C VAL A 47 -12.62 4.15 1.18
N VAL A 48 -13.43 5.15 1.48
CA VAL A 48 -14.88 5.03 1.34
C VAL A 48 -15.25 4.46 -0.02
N GLY A 49 -16.13 3.46 -0.01
CA GLY A 49 -16.56 2.84 -1.25
C GLY A 49 -15.55 1.83 -1.77
N MET A 50 -14.69 1.34 -0.88
CA MET A 50 -13.68 0.37 -1.26
C MET A 50 -14.03 -1.02 -0.72
N ASP A 51 -13.77 -2.04 -1.52
CA ASP A 51 -14.06 -3.41 -1.13
C ASP A 51 -13.10 -3.87 -0.03
N SER A 52 -13.61 -4.71 0.87
CA SER A 52 -12.79 -5.22 1.98
C SER A 52 -11.66 -6.09 1.46
N ASP A 53 -11.74 -6.47 0.19
CA ASP A 53 -10.71 -7.30 -0.43
C ASP A 53 -9.75 -6.45 -1.26
N TRP A 54 -9.79 -5.14 -1.05
CA TRP A 54 -8.93 -4.22 -1.77
C TRP A 54 -8.65 -2.97 -0.96
N LEU A 55 -7.37 -2.67 -0.76
CA LEU A 55 -6.97 -1.49 0.01
C LEU A 55 -6.27 -0.47 -0.88
N MET A 56 -6.02 0.72 -0.33
CA MET A 56 -5.34 1.77 -1.07
C MET A 56 -3.83 1.68 -0.91
N GLY A 57 -3.15 1.16 -1.92
CA GLY A 57 -1.71 1.03 -1.85
C GLY A 57 -0.99 2.14 -2.59
N GLU A 58 0.06 2.66 -1.97
CA GLU A 58 0.83 3.75 -2.57
C GLU A 58 2.26 3.31 -2.89
N ARG A 59 2.55 3.17 -4.18
CA ARG A 59 3.88 2.74 -4.62
C ARG A 59 4.33 3.54 -5.83
N GLY A 60 5.65 3.67 -5.99
CA GLY A 60 6.19 4.41 -7.12
C GLY A 60 5.39 5.67 -7.42
N ASN A 61 5.40 6.60 -6.48
CA ASN A 61 4.66 7.86 -6.66
C ASN A 61 3.34 7.62 -7.36
N GLN A 62 2.68 6.53 -7.01
CA GLN A 62 1.40 6.18 -7.62
C GLN A 62 0.42 5.65 -6.56
N LYS A 63 -0.81 5.39 -6.99
CA LYS A 63 -1.83 4.88 -6.08
C LYS A 63 -2.83 4.00 -6.83
N GLY A 64 -3.34 2.98 -6.15
CA GLY A 64 -4.30 2.08 -6.77
C GLY A 64 -4.89 1.10 -5.78
N LYS A 65 -5.67 0.14 -6.29
CA LYS A 65 -6.30 -0.86 -5.44
C LYS A 65 -5.40 -2.09 -5.29
N VAL A 66 -5.09 -2.45 -4.06
CA VAL A 66 -4.24 -3.61 -3.78
C VAL A 66 -5.03 -4.71 -3.08
N PRO A 67 -4.85 -5.96 -3.55
CA PRO A 67 -5.53 -7.12 -2.98
C PRO A 67 -5.02 -7.47 -1.58
N ILE A 68 -5.91 -7.48 -0.61
CA ILE A 68 -5.55 -7.79 0.77
C ILE A 68 -5.03 -9.22 0.89
N THR A 69 -5.57 -10.11 0.07
CA THR A 69 -5.16 -11.51 0.08
C THR A 69 -3.66 -11.64 -0.18
N TYR A 70 -3.09 -10.64 -0.84
CA TYR A 70 -1.67 -10.64 -1.15
C TYR A 70 -0.88 -9.85 -0.12
N LEU A 71 -1.59 -9.08 0.70
CA LEU A 71 -0.96 -8.28 1.74
C LEU A 71 -1.17 -8.91 3.11
N GLU A 72 -0.16 -8.80 3.97
CA GLU A 72 -0.23 -9.36 5.31
C GLU A 72 0.04 -8.29 6.37
N LEU A 73 -1.00 -7.53 6.71
CA LEU A 73 -0.87 -6.46 7.71
C LEU A 73 -0.02 -6.93 8.89
N LEU A 74 1.13 -6.29 9.07
CA LEU A 74 2.02 -6.63 10.17
C LEU A 74 1.54 -6.02 11.47
N ASN A 75 1.89 -6.67 12.58
CA ASN A 75 1.49 -6.19 13.91
C ASN A 75 2.72 -5.86 14.76
N SER A 76 3.20 -4.64 14.65
CA SER A 76 4.36 -4.20 15.41
C SER A 76 4.08 -2.88 16.13
N GLY A 77 4.82 -2.64 17.21
CA GLY A 77 4.64 -1.42 17.97
C GLY A 77 5.27 -0.22 17.29
N PRO A 78 4.65 0.96 17.46
CA PRO A 78 5.14 2.21 16.86
C PRO A 78 6.43 2.69 17.53
N SER A 79 7.51 2.72 16.75
CA SER A 79 8.81 3.15 17.25
C SER A 79 8.93 4.68 17.18
N SER A 80 9.14 5.30 18.34
CA SER A 80 9.28 6.75 18.40
C SER A 80 10.14 7.17 19.59
N GLY A 81 11.08 8.09 19.35
CA GLY A 81 11.95 8.55 20.42
C GLY A 81 13.18 9.26 19.87
N GLY A 1 17.66 -10.04 -5.76
CA GLY A 1 17.43 -9.30 -4.54
C GLY A 1 17.62 -7.80 -4.71
N SER A 2 16.57 -7.11 -5.12
CA SER A 2 16.64 -5.67 -5.34
C SER A 2 16.07 -4.91 -4.14
N SER A 3 16.29 -3.60 -4.12
CA SER A 3 15.80 -2.76 -3.03
C SER A 3 14.60 -1.94 -3.47
N GLY A 4 14.70 -1.32 -4.64
CA GLY A 4 13.61 -0.52 -5.16
C GLY A 4 13.93 0.96 -5.12
N SER A 5 12.89 1.79 -5.25
CA SER A 5 13.06 3.24 -5.23
C SER A 5 14.13 3.65 -4.22
N SER A 6 14.91 4.67 -4.56
CA SER A 6 15.97 5.15 -3.69
C SER A 6 16.07 6.68 -3.75
N GLY A 7 15.86 7.32 -2.61
CA GLY A 7 15.94 8.77 -2.56
C GLY A 7 16.03 9.29 -1.13
N LEU A 8 14.88 9.43 -0.49
CA LEU A 8 14.82 9.92 0.88
C LEU A 8 13.77 9.16 1.70
N ASN A 9 14.19 8.63 2.84
CA ASN A 9 13.30 7.88 3.71
C ASN A 9 13.24 8.51 5.10
N ASP A 10 12.10 9.10 5.42
CA ASP A 10 11.90 9.75 6.72
C ASP A 10 10.91 8.97 7.57
N LEU A 11 11.12 8.98 8.88
CA LEU A 11 10.22 8.27 9.80
C LEU A 11 9.16 9.20 10.36
N LYS A 12 8.05 8.63 10.79
CA LYS A 12 6.95 9.41 11.35
C LYS A 12 6.23 8.63 12.45
N GLU A 13 6.16 9.22 13.64
CA GLU A 13 5.50 8.58 14.77
C GLU A 13 4.03 8.97 14.83
N SER A 14 3.42 9.14 13.66
CA SER A 14 2.01 9.51 13.57
C SER A 14 1.18 8.38 12.97
N SER A 15 -0.11 8.37 13.30
CA SER A 15 -1.02 7.34 12.79
C SER A 15 -1.88 7.89 11.65
N ASN A 16 -1.49 7.60 10.42
CA ASN A 16 -2.23 8.06 9.25
C ASN A 16 -2.48 6.92 8.28
N ASN A 17 -1.40 6.37 7.74
CA ASN A 17 -1.51 5.27 6.78
C ASN A 17 -1.07 3.94 7.43
N ARG A 18 -1.28 2.85 6.71
CA ARG A 18 -0.91 1.53 7.22
C ARG A 18 0.24 0.94 6.40
N LYS A 19 0.89 -0.07 6.96
CA LYS A 19 2.01 -0.73 6.29
C LYS A 19 1.81 -2.24 6.26
N ALA A 20 2.10 -2.85 5.11
CA ALA A 20 1.95 -4.29 4.95
C ALA A 20 3.00 -4.83 3.99
N ARG A 21 3.36 -6.11 4.17
CA ARG A 21 4.35 -6.75 3.32
C ARG A 21 3.68 -7.65 2.28
N VAL A 22 4.14 -7.57 1.04
CA VAL A 22 3.59 -8.37 -0.05
C VAL A 22 4.07 -9.82 0.05
N LEU A 23 3.12 -10.75 -0.05
CA LEU A 23 3.44 -12.17 0.02
C LEU A 23 3.71 -12.74 -1.37
N TYR A 24 3.08 -12.14 -2.37
CA TYR A 24 3.25 -12.59 -3.75
C TYR A 24 3.07 -11.43 -4.73
N ASP A 25 3.84 -11.45 -5.81
CA ASP A 25 3.75 -10.40 -6.82
C ASP A 25 2.37 -10.36 -7.45
N TYR A 26 1.76 -9.18 -7.46
CA TYR A 26 0.43 -9.01 -8.04
C TYR A 26 0.50 -8.23 -9.35
N ASP A 27 -0.27 -8.69 -10.34
CA ASP A 27 -0.29 -8.04 -11.64
C ASP A 27 -1.56 -7.19 -11.79
N ALA A 28 -1.38 -5.88 -11.75
CA ALA A 28 -2.51 -4.95 -11.88
C ALA A 28 -3.16 -5.07 -13.26
N ALA A 29 -4.48 -5.18 -13.29
CA ALA A 29 -5.21 -5.30 -14.54
C ALA A 29 -5.28 -3.97 -15.27
N ASN A 30 -5.34 -2.88 -14.49
CA ASN A 30 -5.40 -1.54 -15.06
C ASN A 30 -4.98 -0.50 -14.04
N SER A 31 -5.01 0.77 -14.44
CA SER A 31 -4.62 1.87 -13.56
C SER A 31 -5.26 1.71 -12.19
N THR A 32 -6.58 1.55 -12.17
CA THR A 32 -7.32 1.39 -10.93
C THR A 32 -6.59 0.46 -9.97
N GLU A 33 -5.82 -0.46 -10.52
CA GLU A 33 -5.06 -1.41 -9.72
C GLU A 33 -3.56 -1.14 -9.83
N LEU A 34 -2.83 -1.50 -8.78
CA LEU A 34 -1.37 -1.30 -8.76
C LEU A 34 -0.64 -2.64 -8.72
N SER A 35 0.56 -2.67 -9.29
CA SER A 35 1.35 -3.89 -9.31
C SER A 35 2.15 -4.04 -8.01
N LEU A 36 2.21 -5.27 -7.51
CA LEU A 36 2.93 -5.55 -6.28
C LEU A 36 4.04 -6.57 -6.52
N LEU A 37 5.07 -6.52 -5.68
CA LEU A 37 6.20 -7.44 -5.79
C LEU A 37 6.33 -8.30 -4.54
N ALA A 38 6.84 -9.52 -4.72
CA ALA A 38 7.03 -10.44 -3.61
C ALA A 38 8.13 -9.97 -2.68
N ASP A 39 7.82 -9.89 -1.38
CA ASP A 39 8.78 -9.44 -0.39
C ASP A 39 8.98 -7.93 -0.45
N GLU A 40 7.88 -7.21 -0.58
CA GLU A 40 7.93 -5.75 -0.66
C GLU A 40 6.82 -5.12 0.18
N VAL A 41 7.20 -4.15 1.00
CA VAL A 41 6.23 -3.46 1.86
C VAL A 41 5.93 -2.06 1.33
N ILE A 42 4.63 -1.74 1.26
CA ILE A 42 4.21 -0.43 0.77
C ILE A 42 3.18 0.18 1.71
N THR A 43 2.77 1.41 1.41
CA THR A 43 1.79 2.12 2.22
C THR A 43 0.37 1.81 1.77
N VAL A 44 -0.42 1.23 2.67
CA VAL A 44 -1.80 0.87 2.36
C VAL A 44 -2.77 1.64 3.25
N PHE A 45 -3.98 1.86 2.75
CA PHE A 45 -5.00 2.59 3.49
C PHE A 45 -6.38 2.36 2.87
N SER A 46 -7.39 2.26 3.73
CA SER A 46 -8.76 2.04 3.28
C SER A 46 -9.40 3.35 2.84
N VAL A 47 -10.45 3.26 2.02
CA VAL A 47 -11.16 4.43 1.54
C VAL A 47 -12.66 4.18 1.46
N VAL A 48 -13.43 5.11 2.02
CA VAL A 48 -14.88 4.99 2.03
C VAL A 48 -15.38 4.31 0.75
N GLY A 49 -16.19 3.27 0.92
CA GLY A 49 -16.71 2.54 -0.21
C GLY A 49 -15.79 1.43 -0.68
N MET A 50 -14.49 1.71 -0.69
CA MET A 50 -13.49 0.73 -1.11
C MET A 50 -13.80 -0.64 -0.52
N ASP A 51 -13.82 -1.66 -1.37
CA ASP A 51 -14.10 -3.02 -0.93
C ASP A 51 -13.23 -3.39 0.26
N SER A 52 -13.54 -4.52 0.90
CA SER A 52 -12.79 -4.98 2.05
C SER A 52 -11.61 -5.84 1.61
N ASP A 53 -11.71 -6.42 0.43
CA ASP A 53 -10.65 -7.27 -0.11
C ASP A 53 -9.68 -6.46 -0.97
N TRP A 54 -9.71 -5.14 -0.79
CA TRP A 54 -8.85 -4.25 -1.55
C TRP A 54 -8.55 -2.97 -0.76
N LEU A 55 -7.29 -2.59 -0.72
CA LEU A 55 -6.88 -1.39 -0.01
C LEU A 55 -6.23 -0.38 -0.95
N MET A 56 -5.92 0.80 -0.43
CA MET A 56 -5.30 1.85 -1.23
C MET A 56 -3.78 1.79 -1.12
N GLY A 57 -3.14 1.25 -2.14
CA GLY A 57 -1.69 1.14 -2.15
C GLY A 57 -1.03 2.32 -2.81
N GLU A 58 0.14 2.72 -2.29
CA GLU A 58 0.87 3.86 -2.84
C GLU A 58 2.35 3.51 -3.00
N ARG A 59 2.79 3.40 -4.26
CA ARG A 59 4.18 3.07 -4.54
C ARG A 59 4.90 4.27 -5.15
N GLY A 60 5.75 4.91 -4.36
CA GLY A 60 6.48 6.06 -4.83
C GLY A 60 5.58 7.14 -5.42
N ASN A 61 5.44 7.14 -6.73
CA ASN A 61 4.60 8.12 -7.41
C ASN A 61 3.45 7.43 -8.14
N GLN A 62 2.79 6.49 -7.46
CA GLN A 62 1.69 5.76 -8.04
C GLN A 62 0.60 5.49 -6.99
N LYS A 63 -0.60 5.20 -7.46
CA LYS A 63 -1.72 4.92 -6.57
C LYS A 63 -2.74 3.99 -7.23
N GLY A 64 -3.30 3.08 -6.45
CA GLY A 64 -4.27 2.14 -6.98
C GLY A 64 -4.80 1.20 -5.92
N LYS A 65 -5.52 0.17 -6.35
CA LYS A 65 -6.09 -0.81 -5.43
C LYS A 65 -5.15 -2.00 -5.27
N VAL A 66 -5.09 -2.53 -4.04
CA VAL A 66 -4.23 -3.67 -3.74
C VAL A 66 -5.00 -4.76 -3.02
N PRO A 67 -4.85 -6.01 -3.49
CA PRO A 67 -5.53 -7.17 -2.90
C PRO A 67 -4.98 -7.52 -1.52
N ILE A 68 -5.83 -7.44 -0.50
CA ILE A 68 -5.43 -7.75 0.86
C ILE A 68 -4.93 -9.19 0.97
N THR A 69 -5.49 -10.06 0.13
CA THR A 69 -5.10 -11.46 0.13
C THR A 69 -3.62 -11.63 -0.17
N TYR A 70 -3.02 -10.60 -0.74
CA TYR A 70 -1.60 -10.64 -1.09
C TYR A 70 -0.78 -9.83 -0.09
N LEU A 71 -1.47 -9.06 0.75
CA LEU A 71 -0.80 -8.24 1.75
C LEU A 71 -1.00 -8.83 3.15
N GLU A 72 0.03 -8.72 3.99
CA GLU A 72 -0.04 -9.23 5.35
C GLU A 72 0.22 -8.13 6.37
N LEU A 73 -0.83 -7.39 6.72
CA LEU A 73 -0.72 -6.31 7.69
C LEU A 73 0.13 -6.72 8.88
N LEU A 74 1.35 -6.17 8.95
CA LEU A 74 2.25 -6.48 10.04
C LEU A 74 1.80 -5.82 11.34
N ASN A 75 1.11 -6.58 12.17
CA ASN A 75 0.62 -6.07 13.44
C ASN A 75 1.65 -6.25 14.55
N SER A 76 2.55 -5.29 14.67
CA SER A 76 3.61 -5.35 15.68
C SER A 76 3.02 -5.68 17.05
N GLY A 77 1.94 -5.00 17.40
CA GLY A 77 1.30 -5.23 18.68
C GLY A 77 0.50 -4.02 19.17
N PRO A 78 -0.62 -4.29 19.85
CA PRO A 78 -1.49 -3.24 20.37
C PRO A 78 -0.86 -2.47 21.52
N SER A 79 -1.30 -1.24 21.73
CA SER A 79 -0.77 -0.39 22.79
C SER A 79 -1.20 -0.92 24.16
N SER A 80 -0.24 -1.08 25.06
CA SER A 80 -0.51 -1.57 26.40
C SER A 80 -1.00 -3.02 26.36
N GLY A 81 -0.37 -3.82 25.51
CA GLY A 81 -0.75 -5.22 25.39
C GLY A 81 0.26 -6.03 24.60
N GLY A 1 12.63 5.67 -16.74
CA GLY A 1 12.85 4.59 -15.80
C GLY A 1 13.38 5.07 -14.47
N SER A 2 14.57 5.65 -14.48
CA SER A 2 15.19 6.15 -13.26
C SER A 2 16.24 7.21 -13.58
N SER A 3 16.53 8.06 -12.60
CA SER A 3 17.51 9.12 -12.77
C SER A 3 17.86 9.77 -11.43
N GLY A 4 19.13 9.74 -11.08
CA GLY A 4 19.57 10.32 -9.82
C GLY A 4 18.80 11.58 -9.46
N SER A 5 18.69 11.86 -8.17
CA SER A 5 17.97 13.03 -7.70
C SER A 5 18.14 13.21 -6.20
N SER A 6 18.02 14.45 -5.73
CA SER A 6 18.16 14.75 -4.31
C SER A 6 16.95 14.28 -3.53
N GLY A 7 17.17 13.80 -2.31
CA GLY A 7 16.09 13.32 -1.48
C GLY A 7 16.57 12.69 -0.20
N LEU A 8 16.06 13.18 0.93
CA LEU A 8 16.45 12.66 2.24
C LEU A 8 15.22 12.40 3.10
N ASN A 9 15.19 11.23 3.73
CA ASN A 9 14.07 10.85 4.59
C ASN A 9 14.14 11.59 5.92
N ASP A 10 13.52 12.76 5.98
CA ASP A 10 13.51 13.57 7.19
C ASP A 10 12.40 14.61 7.14
N LEU A 11 11.42 14.46 8.03
CA LEU A 11 10.30 15.39 8.10
C LEU A 11 9.95 15.91 6.71
N LYS A 12 9.90 15.01 5.73
CA LYS A 12 9.58 15.37 4.36
C LYS A 12 8.06 15.40 4.15
N GLU A 13 7.41 14.28 4.45
CA GLU A 13 5.97 14.17 4.29
C GLU A 13 5.27 14.12 5.64
N SER A 14 3.99 14.46 5.66
CA SER A 14 3.21 14.46 6.89
C SER A 14 1.95 13.62 6.74
N SER A 15 2.11 12.30 6.70
CA SER A 15 0.99 11.38 6.55
C SER A 15 1.13 10.19 7.49
N ASN A 16 0.01 9.57 7.84
CA ASN A 16 0.00 8.41 8.72
C ASN A 16 -0.89 7.31 8.17
N ASN A 17 -0.29 6.38 7.43
CA ASN A 17 -1.04 5.27 6.85
C ASN A 17 -0.54 3.94 7.40
N ARG A 18 -1.18 2.86 6.98
CA ARG A 18 -0.82 1.52 7.43
C ARG A 18 0.24 0.90 6.51
N LYS A 19 0.93 -0.12 7.01
CA LYS A 19 1.96 -0.79 6.23
C LYS A 19 1.76 -2.30 6.24
N ALA A 20 1.94 -2.92 5.07
CA ALA A 20 1.77 -4.36 4.94
C ALA A 20 2.82 -4.95 4.00
N ARG A 21 3.30 -6.14 4.34
CA ARG A 21 4.31 -6.82 3.52
C ARG A 21 3.64 -7.73 2.49
N VAL A 22 4.04 -7.58 1.23
CA VAL A 22 3.49 -8.40 0.16
C VAL A 22 4.00 -9.82 0.24
N LEU A 23 3.12 -10.78 -0.06
CA LEU A 23 3.49 -12.19 -0.02
C LEU A 23 3.82 -12.70 -1.41
N TYR A 24 3.20 -12.11 -2.43
CA TYR A 24 3.43 -12.50 -3.80
C TYR A 24 3.32 -11.31 -4.74
N ASP A 25 4.11 -11.32 -5.81
CA ASP A 25 4.10 -10.24 -6.79
C ASP A 25 2.77 -10.19 -7.52
N TYR A 26 2.04 -9.09 -7.35
CA TYR A 26 0.75 -8.91 -8.00
C TYR A 26 0.87 -8.05 -9.25
N ASP A 27 -0.02 -8.27 -10.21
CA ASP A 27 -0.01 -7.50 -11.45
C ASP A 27 -1.35 -6.81 -11.68
N ALA A 28 -1.39 -5.51 -11.45
CA ALA A 28 -2.61 -4.73 -11.63
C ALA A 28 -3.20 -4.95 -13.01
N ALA A 29 -4.51 -5.18 -13.06
CA ALA A 29 -5.20 -5.40 -14.33
C ALA A 29 -5.57 -4.09 -14.99
N ASN A 30 -5.91 -3.09 -14.17
CA ASN A 30 -6.29 -1.77 -14.68
C ASN A 30 -5.60 -0.67 -13.90
N SER A 31 -5.63 0.55 -14.44
CA SER A 31 -5.00 1.69 -13.79
C SER A 31 -5.34 1.73 -12.30
N THR A 32 -6.63 1.80 -12.00
CA THR A 32 -7.08 1.84 -10.62
C THR A 32 -6.27 0.90 -9.73
N GLU A 33 -5.90 -0.25 -10.29
CA GLU A 33 -5.11 -1.23 -9.56
C GLU A 33 -3.62 -0.94 -9.70
N LEU A 34 -2.84 -1.38 -8.70
CA LEU A 34 -1.41 -1.17 -8.71
C LEU A 34 -0.65 -2.50 -8.63
N SER A 35 0.52 -2.55 -9.26
CA SER A 35 1.33 -3.76 -9.26
C SER A 35 2.09 -3.90 -7.95
N LEU A 36 2.23 -5.15 -7.48
CA LEU A 36 2.93 -5.42 -6.24
C LEU A 36 4.04 -6.46 -6.46
N LEU A 37 5.03 -6.45 -5.58
CA LEU A 37 6.14 -7.41 -5.68
C LEU A 37 6.20 -8.29 -4.43
N ALA A 38 6.97 -9.38 -4.53
CA ALA A 38 7.13 -10.30 -3.42
C ALA A 38 8.19 -9.82 -2.44
N ASP A 39 7.85 -9.83 -1.15
CA ASP A 39 8.77 -9.39 -0.12
C ASP A 39 8.95 -7.87 -0.15
N GLU A 40 7.85 -7.16 -0.34
CA GLU A 40 7.88 -5.70 -0.40
C GLU A 40 6.75 -5.09 0.43
N VAL A 41 7.08 -4.11 1.26
CA VAL A 41 6.09 -3.46 2.10
C VAL A 41 5.78 -2.06 1.58
N ILE A 42 4.49 -1.80 1.34
CA ILE A 42 4.06 -0.50 0.85
C ILE A 42 3.03 0.12 1.77
N THR A 43 2.61 1.35 1.45
CA THR A 43 1.62 2.06 2.25
C THR A 43 0.20 1.69 1.82
N VAL A 44 -0.56 1.13 2.75
CA VAL A 44 -1.94 0.73 2.47
C VAL A 44 -2.92 1.44 3.40
N PHE A 45 -4.04 1.89 2.83
CA PHE A 45 -5.05 2.59 3.60
C PHE A 45 -6.44 2.35 3.02
N SER A 46 -7.45 2.31 3.88
CA SER A 46 -8.82 2.08 3.44
C SER A 46 -9.43 3.37 2.91
N VAL A 47 -10.52 3.24 2.15
CA VAL A 47 -11.20 4.39 1.58
C VAL A 47 -12.70 4.13 1.45
N VAL A 48 -13.49 5.16 1.71
CA VAL A 48 -14.95 5.05 1.63
C VAL A 48 -15.37 4.41 0.31
N GLY A 49 -16.13 3.32 0.42
CA GLY A 49 -16.59 2.62 -0.77
C GLY A 49 -15.59 1.60 -1.27
N MET A 50 -14.61 1.27 -0.43
CA MET A 50 -13.59 0.31 -0.80
C MET A 50 -13.91 -1.08 -0.24
N ASP A 51 -13.64 -2.11 -1.02
CA ASP A 51 -13.92 -3.48 -0.60
C ASP A 51 -12.94 -3.92 0.47
N SER A 52 -13.39 -4.81 1.35
CA SER A 52 -12.55 -5.30 2.43
C SER A 52 -11.41 -6.16 1.89
N ASP A 53 -11.52 -6.54 0.62
CA ASP A 53 -10.48 -7.34 -0.03
C ASP A 53 -9.60 -6.49 -0.91
N TRP A 54 -9.65 -5.17 -0.71
CA TRP A 54 -8.85 -4.24 -1.50
C TRP A 54 -8.56 -2.98 -0.70
N LEU A 55 -7.28 -2.61 -0.63
CA LEU A 55 -6.87 -1.41 0.10
C LEU A 55 -6.25 -0.39 -0.84
N MET A 56 -5.92 0.78 -0.30
CA MET A 56 -5.32 1.85 -1.11
C MET A 56 -3.80 1.80 -1.00
N GLY A 57 -3.16 1.26 -2.03
CA GLY A 57 -1.71 1.17 -2.04
C GLY A 57 -1.06 2.35 -2.74
N GLU A 58 0.15 2.71 -2.29
CA GLU A 58 0.87 3.83 -2.88
C GLU A 58 2.34 3.48 -3.06
N ARG A 59 2.75 3.32 -4.31
CA ARG A 59 4.13 2.99 -4.64
C ARG A 59 4.81 4.13 -5.39
N GLY A 60 5.87 4.68 -4.79
CA GLY A 60 6.59 5.77 -5.42
C GLY A 60 5.69 6.92 -5.79
N ASN A 61 5.42 7.08 -7.08
CA ASN A 61 4.56 8.15 -7.56
C ASN A 61 3.32 7.59 -8.23
N GLN A 62 2.72 6.58 -7.61
CA GLN A 62 1.52 5.95 -8.16
C GLN A 62 0.55 5.58 -7.04
N LYS A 63 -0.69 5.26 -7.42
CA LYS A 63 -1.71 4.89 -6.44
C LYS A 63 -2.76 3.98 -7.08
N GLY A 64 -3.28 3.05 -6.29
CA GLY A 64 -4.30 2.14 -6.81
C GLY A 64 -4.79 1.17 -5.75
N LYS A 65 -5.62 0.22 -6.16
CA LYS A 65 -6.17 -0.77 -5.25
C LYS A 65 -5.24 -1.97 -5.12
N VAL A 66 -5.10 -2.49 -3.91
CA VAL A 66 -4.24 -3.64 -3.66
C VAL A 66 -5.00 -4.73 -2.92
N PRO A 67 -4.85 -5.99 -3.40
CA PRO A 67 -5.50 -7.15 -2.79
C PRO A 67 -4.92 -7.50 -1.43
N ILE A 68 -5.76 -7.46 -0.40
CA ILE A 68 -5.32 -7.77 0.95
C ILE A 68 -4.81 -9.21 1.05
N THR A 69 -5.40 -10.10 0.26
CA THR A 69 -5.00 -11.50 0.25
C THR A 69 -3.52 -11.65 -0.10
N TYR A 70 -2.97 -10.62 -0.74
CA TYR A 70 -1.56 -10.64 -1.13
C TYR A 70 -0.71 -9.84 -0.14
N LEU A 71 -1.37 -9.07 0.72
CA LEU A 71 -0.69 -8.27 1.72
C LEU A 71 -0.85 -8.86 3.11
N GLU A 72 0.18 -8.70 3.94
CA GLU A 72 0.15 -9.23 5.30
C GLU A 72 0.47 -8.13 6.31
N LEU A 73 -0.55 -7.35 6.67
CA LEU A 73 -0.38 -6.26 7.62
C LEU A 73 0.53 -6.68 8.77
N LEU A 74 1.75 -6.15 8.78
CA LEU A 74 2.71 -6.47 9.83
C LEU A 74 2.29 -5.87 11.17
N ASN A 75 2.79 -6.44 12.25
CA ASN A 75 2.47 -5.96 13.59
C ASN A 75 0.97 -5.74 13.74
N SER A 76 0.18 -6.59 13.10
CA SER A 76 -1.28 -6.49 13.15
C SER A 76 -1.81 -7.02 14.48
N GLY A 77 -1.49 -8.28 14.78
CA GLY A 77 -1.95 -8.88 16.02
C GLY A 77 -1.80 -7.94 17.21
N PRO A 78 -2.75 -8.02 18.15
CA PRO A 78 -2.75 -7.19 19.35
C PRO A 78 -1.62 -7.56 20.31
N SER A 79 -1.30 -6.64 21.22
CA SER A 79 -0.25 -6.87 22.19
C SER A 79 -0.76 -7.64 23.40
N SER A 80 -0.02 -8.65 23.83
CA SER A 80 -0.40 -9.46 24.97
C SER A 80 0.21 -8.92 26.25
N GLY A 81 -0.55 -8.99 27.35
CA GLY A 81 -0.08 -8.51 28.62
C GLY A 81 -1.18 -7.86 29.45
#